data_4ADD
#
_entry.id   4ADD
#
_cell.length_a   183.938
_cell.length_b   118.264
_cell.length_c   109.238
_cell.angle_alpha   90.00
_cell.angle_beta   96.82
_cell.angle_gamma   90.00
#
_symmetry.space_group_name_H-M   'C 1 2 1'
#
loop_
_entity.id
_entity.type
_entity.pdbx_description
1 polymer 'SUCCINYLORNITHINE TRANSAMINASE'
2 non-polymer "PYRIDOXAL-5'-PHOSPHATE"
3 non-polymer N~2~-(3-CARBOXYPROPANOYL)-L-ORNITHINE
4 water water
#
_entity_poly.entity_id   1
_entity_poly.type   'polypeptide(L)'
_entity_poly.pdbx_seq_one_letter_code
;MSQPITRENFDEWMIPVYAPAPFIPVRGEGSRLWDQQGKEYIDFAGGIAVNALGHAHPELREALNEQASKFWHTGNGYTN
EPVLRLAKKLIDATFADRVFFCNSGAEANEAALKLARKFAHDRYGSHKSGIVAFKNAFHGRTLFTVSAGGQPAYSQDFAP
LPADIRHAAYNDINSASALIDDSTCAVIVEPIQGEGGVVPASNAFLQGLRELCNRHNALLIFDEVQTGVGRTGELYAYMH
YGVTPDLLTTAKALGGGFPVGALLATEECARVMTVGTHGTTYGGNPLASAVAGKVLELINTPEMLNGVKQRHDWFVERLN
TINHRYGLFSEVRGLGLLIGCVLNADYAGQAKQISQEAAKAGVMVLIAGGNVVRFAPALNVSEEEVTTGLDRFAAACEHF
VSRGSS
;
_entity_poly.pdbx_strand_id   A,B,C,D
#
# COMPACT_ATOMS: atom_id res chain seq x y z
N GLN A 3 10.57 -1.10 50.97
CA GLN A 3 11.28 0.20 51.22
C GLN A 3 10.31 1.43 51.18
N PRO A 4 10.67 2.52 51.92
CA PRO A 4 9.81 3.72 52.14
C PRO A 4 10.03 4.82 51.08
N ILE A 5 8.94 5.43 50.61
CA ILE A 5 9.03 6.27 49.43
C ILE A 5 8.67 7.71 49.77
N THR A 6 9.48 8.66 49.32
CA THR A 6 9.18 10.03 49.66
C THR A 6 9.30 10.86 48.43
N ARG A 7 8.78 12.08 48.54
CA ARG A 7 8.69 12.96 47.41
C ARG A 7 10.11 13.24 46.82
N GLU A 8 11.12 13.33 47.67
CA GLU A 8 12.48 13.56 47.17
C GLU A 8 12.86 12.41 46.24
N ASN A 9 12.30 11.20 46.40
CA ASN A 9 12.69 10.07 45.51
C ASN A 9 12.32 10.39 44.01
N PHE A 10 11.34 11.23 43.83
CA PHE A 10 10.88 11.58 42.53
C PHE A 10 11.97 12.34 41.76
N ASP A 11 12.68 13.25 42.43
CA ASP A 11 13.77 13.99 41.84
C ASP A 11 15.10 13.20 41.73
N GLU A 12 15.25 12.04 42.36
CA GLU A 12 16.42 11.18 42.04
C GLU A 12 16.10 10.11 41.01
N TRP A 13 14.83 9.80 40.74
CA TRP A 13 14.54 8.56 39.96
C TRP A 13 13.84 8.79 38.66
N MET A 14 13.13 9.92 38.52
CA MET A 14 12.26 10.11 37.40
C MET A 14 12.90 11.09 36.43
N ILE A 15 12.85 10.81 35.12
CA ILE A 15 13.21 11.79 34.12
C ILE A 15 12.34 13.03 34.32
N PRO A 16 12.97 14.22 34.52
CA PRO A 16 12.40 15.47 35.09
C PRO A 16 11.41 16.21 34.25
N VAL A 17 10.56 15.45 33.61
CA VAL A 17 9.60 16.02 32.71
C VAL A 17 8.44 16.79 33.42
N TYR A 18 8.23 16.48 34.71
CA TYR A 18 7.11 17.09 35.49
C TYR A 18 7.62 17.59 36.82
N ALA A 19 7.02 18.66 37.35
CA ALA A 19 7.18 19.00 38.79
C ALA A 19 5.90 18.69 39.59
N PRO A 20 5.79 17.46 40.13
CA PRO A 20 4.50 17.19 40.69
C PRO A 20 4.49 17.79 42.04
N ALA A 21 3.26 17.92 42.52
CA ALA A 21 2.92 18.30 43.86
C ALA A 21 3.95 17.79 44.93
N PRO A 22 4.19 18.59 45.98
CA PRO A 22 5.00 18.17 47.17
C PRO A 22 4.41 16.96 47.93
N PHE A 23 3.11 16.71 47.87
CA PHE A 23 2.56 15.52 48.53
C PHE A 23 2.34 14.31 47.61
N ILE A 24 2.14 13.13 48.15
CA ILE A 24 1.96 11.94 47.35
C ILE A 24 0.62 11.29 47.71
N PRO A 25 -0.32 11.25 46.75
CA PRO A 25 -1.66 10.60 47.01
C PRO A 25 -1.48 9.11 47.23
N VAL A 26 -2.27 8.54 48.15
CA VAL A 26 -2.20 7.12 48.42
C VAL A 26 -3.53 6.42 48.22
N ARG A 27 -4.63 7.14 48.37
CA ARG A 27 -5.90 6.50 48.06
C ARG A 27 -6.96 7.56 47.97
N GLY A 28 -8.11 7.18 47.39
CA GLY A 28 -9.24 8.12 47.29
C GLY A 28 -10.58 7.45 47.13
N GLU A 29 -11.64 8.19 47.40
CA GLU A 29 -12.93 7.67 47.11
C GLU A 29 -13.77 8.81 46.60
N GLY A 30 -14.44 8.59 45.47
CA GLY A 30 -15.23 9.62 44.70
C GLY A 30 -14.29 10.80 44.39
N SER A 31 -14.75 12.00 44.74
CA SER A 31 -13.92 13.21 44.68
C SER A 31 -13.09 13.59 45.93
N ARG A 32 -12.80 12.65 46.82
CA ARG A 32 -11.89 12.95 47.91
C ARG A 32 -10.60 12.10 47.75
N LEU A 33 -9.43 12.69 48.02
CA LEU A 33 -8.15 11.94 47.87
C LEU A 33 -7.27 12.21 49.12
N TRP A 34 -6.37 11.32 49.44
CA TRP A 34 -5.65 11.42 50.69
C TRP A 34 -4.21 11.14 50.43
N ASP A 35 -3.31 11.81 51.19
CA ASP A 35 -1.90 11.73 50.91
C ASP A 35 -1.21 10.87 51.92
N GLN A 36 0.11 10.70 51.87
CA GLN A 36 0.73 9.78 52.82
C GLN A 36 0.70 10.24 54.28
N GLN A 37 0.24 11.48 54.54
CA GLN A 37 0.11 11.92 55.90
C GLN A 37 -1.32 12.12 56.35
N GLY A 38 -2.25 11.72 55.51
CA GLY A 38 -3.63 11.67 55.93
C GLY A 38 -4.30 12.94 55.58
N LYS A 39 -3.60 13.83 54.89
CA LYS A 39 -4.25 15.10 54.51
C LYS A 39 -5.32 14.77 53.48
N GLU A 40 -6.45 15.45 53.57
CA GLU A 40 -7.56 15.20 52.69
C GLU A 40 -7.79 16.34 51.71
N TYR A 41 -7.95 15.99 50.43
CA TYR A 41 -8.20 16.96 49.36
C TYR A 41 -9.55 16.68 48.67
N ILE A 42 -10.25 17.73 48.32
CA ILE A 42 -11.28 17.60 47.33
C ILE A 42 -10.62 17.69 45.93
N ASP A 43 -10.96 16.73 45.07
CA ASP A 43 -10.31 16.60 43.77
C ASP A 43 -11.05 17.25 42.59
N PHE A 44 -10.63 18.43 42.17
CA PHE A 44 -11.28 19.06 41.02
C PHE A 44 -10.44 18.99 39.78
N ALA A 45 -9.26 18.38 39.95
CA ALA A 45 -8.38 18.00 38.83
C ALA A 45 -8.98 16.83 38.02
N GLY A 46 -9.46 15.82 38.74
CA GLY A 46 -10.12 14.70 38.17
C GLY A 46 -9.20 13.89 37.31
N GLY A 47 -7.98 13.62 37.83
CA GLY A 47 -6.86 13.11 37.03
C GLY A 47 -6.77 13.72 35.61
N ILE A 48 -6.77 15.04 35.53
CA ILE A 48 -6.82 15.77 34.26
C ILE A 48 -7.94 15.30 33.35
N ALA A 49 -9.16 15.34 33.89
CA ALA A 49 -10.35 15.16 33.08
C ALA A 49 -10.58 13.70 32.68
N VAL A 50 -10.04 12.77 33.48
CA VAL A 50 -10.08 11.33 33.25
C VAL A 50 -11.04 10.57 34.21
N ASN A 51 -10.84 10.78 35.53
CA ASN A 51 -11.59 10.14 36.62
C ASN A 51 -13.07 10.61 36.62
N ALA A 52 -13.82 10.23 35.60
CA ALA A 52 -15.19 10.76 35.39
C ALA A 52 -16.17 10.17 36.35
N LEU A 53 -15.74 9.15 37.08
CA LEU A 53 -16.59 8.50 38.07
C LEU A 53 -15.93 8.59 39.46
N GLY A 54 -14.91 9.43 39.56
CA GLY A 54 -14.13 9.52 40.77
C GLY A 54 -13.11 8.40 41.00
N HIS A 55 -12.56 8.41 42.20
CA HIS A 55 -11.53 7.44 42.57
C HIS A 55 -12.10 6.12 42.97
N ALA A 56 -11.35 5.05 42.72
CA ALA A 56 -11.76 3.69 43.13
C ALA A 56 -13.29 3.41 43.06
N HIS A 57 -13.92 3.68 41.91
CA HIS A 57 -15.35 3.44 41.78
C HIS A 57 -15.64 1.95 41.95
N PRO A 58 -16.63 1.61 42.79
CA PRO A 58 -16.87 0.18 43.11
C PRO A 58 -17.34 -0.61 41.87
N GLU A 59 -18.17 -0.02 41.02
CA GLU A 59 -18.53 -0.75 39.83
C GLU A 59 -17.41 -0.93 38.83
N LEU A 60 -16.50 0.05 38.73
CA LEU A 60 -15.33 -0.02 37.84
C LEU A 60 -14.43 -1.11 38.33
N ARG A 61 -14.35 -1.27 39.64
CA ARG A 61 -13.46 -2.22 40.23
C ARG A 61 -13.94 -3.61 40.06
N GLU A 62 -15.25 -3.72 40.06
CA GLU A 62 -15.86 -5.00 40.02
C GLU A 62 -15.70 -5.43 38.58
N ALA A 63 -15.93 -4.56 37.59
CA ALA A 63 -15.69 -4.95 36.23
C ALA A 63 -14.21 -5.24 36.01
N LEU A 64 -13.33 -4.39 36.49
CA LEU A 64 -11.91 -4.71 36.44
C LEU A 64 -11.60 -6.15 36.97
N ASN A 65 -11.91 -6.42 38.25
N ASN A 65 -11.90 -6.43 38.27
CA ASN A 65 -11.48 -7.67 38.88
CA ASN A 65 -11.61 -7.75 38.95
C ASN A 65 -12.22 -8.92 38.30
C ASN A 65 -12.17 -8.91 38.15
N GLU A 66 -13.41 -8.74 37.73
CA GLU A 66 -14.12 -9.81 37.05
C GLU A 66 -13.49 -10.21 35.72
N GLN A 67 -13.20 -9.26 34.84
CA GLN A 67 -12.40 -9.58 33.64
C GLN A 67 -11.00 -10.06 34.03
N ALA A 68 -10.41 -9.53 35.11
CA ALA A 68 -9.00 -9.86 35.46
C ALA A 68 -8.83 -11.32 35.87
N SER A 69 -9.95 -11.93 36.18
CA SER A 69 -9.87 -13.28 36.68
C SER A 69 -10.18 -14.29 35.59
N LYS A 70 -10.52 -13.80 34.38
CA LYS A 70 -10.63 -14.55 33.09
C LYS A 70 -9.33 -14.54 32.29
N PHE A 71 -9.09 -13.43 31.54
CA PHE A 71 -7.81 -13.11 30.89
C PHE A 71 -7.73 -11.61 30.69
N TRP A 72 -6.49 -11.12 30.55
CA TRP A 72 -6.19 -9.71 30.46
C TRP A 72 -5.84 -9.24 29.06
N HIS A 73 -5.18 -10.13 28.32
CA HIS A 73 -4.53 -9.70 27.12
C HIS A 73 -4.21 -10.92 26.24
N THR A 74 -4.44 -10.79 24.91
CA THR A 74 -3.90 -11.72 23.91
C THR A 74 -3.15 -10.98 22.79
N GLY A 75 -3.52 -9.73 22.52
CA GLY A 75 -2.95 -8.98 21.42
C GLY A 75 -3.96 -9.19 20.29
N ASN A 76 -3.80 -8.44 19.22
CA ASN A 76 -4.83 -8.37 18.23
C ASN A 76 -4.97 -9.43 17.14
N GLY A 77 -4.08 -10.41 17.15
CA GLY A 77 -4.34 -11.69 16.57
C GLY A 77 -5.66 -12.30 16.96
N TYR A 78 -6.24 -11.86 18.06
CA TYR A 78 -7.48 -12.47 18.54
C TYR A 78 -8.42 -11.39 19.08
N THR A 79 -9.66 -11.39 18.70
CA THR A 79 -10.56 -10.42 19.28
C THR A 79 -11.12 -10.95 20.63
N ASN A 80 -12.04 -10.19 21.25
CA ASN A 80 -12.51 -10.58 22.56
C ASN A 80 -13.91 -10.01 22.76
N GLU A 81 -14.63 -10.48 23.77
CA GLU A 81 -16.03 -10.09 23.90
C GLU A 81 -16.16 -8.64 24.34
N PRO A 82 -15.45 -8.27 25.46
CA PRO A 82 -15.39 -6.87 25.88
C PRO A 82 -15.02 -5.86 24.77
N VAL A 83 -14.01 -6.08 23.97
CA VAL A 83 -13.82 -4.99 22.96
C VAL A 83 -15.00 -4.86 22.05
N LEU A 84 -15.54 -6.00 21.62
CA LEU A 84 -16.66 -6.02 20.73
C LEU A 84 -17.94 -5.31 21.35
N ARG A 85 -18.26 -5.64 22.61
CA ARG A 85 -19.33 -4.93 23.27
C ARG A 85 -19.00 -3.43 23.29
N LEU A 86 -17.77 -3.04 23.52
CA LEU A 86 -17.53 -1.62 23.65
C LEU A 86 -17.64 -0.95 22.30
N ALA A 87 -17.19 -1.64 21.29
CA ALA A 87 -17.32 -1.11 19.96
C ALA A 87 -18.79 -0.86 19.64
N LYS A 88 -19.68 -1.82 19.96
CA LYS A 88 -21.11 -1.64 19.75
C LYS A 88 -21.73 -0.46 20.48
N LYS A 89 -21.55 -0.40 21.83
CA LYS A 89 -21.94 0.80 22.59
C LYS A 89 -21.53 2.07 21.86
N LEU A 90 -20.25 2.21 21.52
CA LEU A 90 -19.76 3.43 20.91
C LEU A 90 -20.41 3.72 19.58
N ILE A 91 -20.56 2.66 18.78
CA ILE A 91 -21.22 2.73 17.49
C ILE A 91 -22.71 3.20 17.56
N ASP A 92 -23.47 2.66 18.52
CA ASP A 92 -24.89 2.89 18.68
C ASP A 92 -25.12 4.30 19.18
N ALA A 93 -24.22 4.74 20.09
CA ALA A 93 -24.31 6.01 20.74
C ALA A 93 -23.78 7.20 19.89
N THR A 94 -23.11 6.96 18.77
CA THR A 94 -22.54 8.08 18.02
C THR A 94 -22.73 8.00 16.45
N PHE A 95 -22.15 8.97 15.73
CA PHE A 95 -22.20 8.97 14.29
C PHE A 95 -21.38 7.77 13.79
N ALA A 96 -20.59 7.09 14.64
CA ALA A 96 -19.59 6.12 14.13
C ALA A 96 -20.16 4.79 13.62
N ASP A 97 -19.56 4.28 12.56
CA ASP A 97 -19.83 2.91 12.12
C ASP A 97 -18.77 1.92 12.59
N ARG A 98 -17.60 2.40 12.97
CA ARG A 98 -16.49 1.47 13.30
C ARG A 98 -15.50 2.09 14.26
N VAL A 99 -14.76 1.25 14.99
CA VAL A 99 -13.78 1.78 15.88
C VAL A 99 -12.47 0.98 15.88
N PHE A 100 -11.40 1.70 16.28
CA PHE A 100 -10.09 1.19 16.50
C PHE A 100 -9.74 1.55 17.96
N PHE A 101 -9.14 0.64 18.72
CA PHE A 101 -8.71 0.90 20.09
C PHE A 101 -7.19 0.95 20.22
N CYS A 102 -6.76 1.89 21.05
CA CYS A 102 -5.37 2.07 21.36
C CYS A 102 -5.35 2.48 22.84
N ASN A 103 -4.31 3.18 23.30
CA ASN A 103 -4.02 3.26 24.73
C ASN A 103 -3.79 4.64 25.24
N SER A 104 -3.82 5.64 24.38
CA SER A 104 -3.55 6.96 24.82
C SER A 104 -4.28 7.88 23.85
N GLY A 105 -4.39 9.16 24.19
CA GLY A 105 -4.99 10.18 23.39
C GLY A 105 -4.13 10.45 22.17
N ALA A 106 -2.84 10.50 22.39
CA ALA A 106 -1.98 10.67 21.28
C ALA A 106 -2.08 9.49 20.30
N GLU A 107 -2.16 8.26 20.81
CA GLU A 107 -2.25 7.14 19.90
C GLU A 107 -3.48 7.28 19.04
N ALA A 108 -4.60 7.71 19.66
CA ALA A 108 -5.85 7.86 19.01
C ALA A 108 -5.74 8.91 17.89
N ASN A 109 -5.14 10.05 18.19
CA ASN A 109 -4.80 11.03 17.16
C ASN A 109 -3.83 10.56 16.07
N GLU A 110 -2.81 9.76 16.43
CA GLU A 110 -1.96 9.20 15.39
C GLU A 110 -2.84 8.41 14.41
N ALA A 111 -3.69 7.53 14.92
CA ALA A 111 -4.53 6.76 14.04
C ALA A 111 -5.36 7.69 13.15
N ALA A 112 -5.92 8.77 13.69
CA ALA A 112 -6.85 9.52 12.89
C ALA A 112 -6.12 10.23 11.72
N LEU A 113 -5.03 10.93 12.05
CA LEU A 113 -4.21 11.57 11.03
C LEU A 113 -3.61 10.55 10.07
N LYS A 114 -3.22 9.38 10.57
CA LYS A 114 -2.83 8.36 9.61
C LYS A 114 -3.95 8.01 8.61
N LEU A 115 -5.16 7.85 9.10
CA LEU A 115 -6.20 7.41 8.23
C LEU A 115 -6.48 8.50 7.17
N ALA A 116 -6.64 9.75 7.60
CA ALA A 116 -6.98 10.83 6.64
C ALA A 116 -5.92 10.91 5.56
N ARG A 117 -4.67 10.71 5.96
CA ARG A 117 -3.60 10.67 4.98
C ARG A 117 -3.69 9.53 3.99
N LYS A 118 -3.87 8.32 4.47
CA LYS A 118 -4.03 7.24 3.54
C LYS A 118 -5.24 7.54 2.68
N PHE A 119 -6.33 8.03 3.28
CA PHE A 119 -7.55 8.21 2.54
C PHE A 119 -7.34 9.15 1.37
N ALA A 120 -6.78 10.31 1.65
CA ALA A 120 -6.50 11.29 0.59
C ALA A 120 -5.58 10.72 -0.54
N HIS A 121 -4.47 10.07 -0.18
CA HIS A 121 -3.59 9.41 -1.14
C HIS A 121 -4.33 8.44 -2.01
N ASP A 122 -5.04 7.51 -1.37
CA ASP A 122 -5.70 6.44 -2.08
C ASP A 122 -6.75 7.00 -3.07
N ARG A 123 -7.52 8.04 -2.70
CA ARG A 123 -8.56 8.56 -3.59
CA ARG A 123 -8.57 8.57 -3.59
C ARG A 123 -8.10 9.70 -4.49
N TYR A 124 -7.18 10.54 -4.01
CA TYR A 124 -6.74 11.66 -4.86
C TYR A 124 -5.31 11.74 -5.34
N GLY A 125 -4.38 11.12 -4.63
CA GLY A 125 -3.00 11.14 -5.07
C GLY A 125 -2.02 11.48 -3.97
N SER A 126 -0.76 11.19 -4.25
CA SER A 126 0.29 11.30 -3.26
C SER A 126 0.48 12.67 -2.58
N HIS A 127 -0.16 13.69 -3.09
CA HIS A 127 0.18 15.09 -2.84
C HIS A 127 -0.90 15.75 -2.03
N LYS A 128 -2.08 15.13 -1.90
CA LYS A 128 -3.06 15.73 -1.05
C LYS A 128 -2.68 15.27 0.38
N SER A 129 -1.76 15.97 1.07
CA SER A 129 -1.19 15.49 2.33
C SER A 129 -1.28 16.49 3.47
N GLY A 130 -1.93 17.66 3.21
CA GLY A 130 -1.96 18.78 4.19
C GLY A 130 -2.74 18.48 5.47
N ILE A 131 -2.18 18.86 6.63
CA ILE A 131 -2.96 18.91 7.86
C ILE A 131 -3.05 20.36 8.35
N VAL A 132 -4.30 20.82 8.59
CA VAL A 132 -4.54 22.09 9.23
C VAL A 132 -5.00 21.84 10.70
N ALA A 133 -4.46 22.60 11.68
CA ALA A 133 -4.74 22.45 13.10
C ALA A 133 -4.75 23.84 13.62
N PHE A 134 -4.81 24.01 14.93
CA PHE A 134 -5.00 25.35 15.45
C PHE A 134 -4.04 25.76 16.50
N LYS A 135 -3.65 27.04 16.43
CA LYS A 135 -2.79 27.65 17.38
C LYS A 135 -3.29 27.35 18.76
N ASN A 136 -2.41 26.91 19.65
CA ASN A 136 -2.79 26.57 21.01
C ASN A 136 -3.41 25.23 21.19
N ALA A 137 -3.81 24.58 20.10
CA ALA A 137 -4.21 23.15 20.17
C ALA A 137 -3.22 22.26 20.92
N PHE A 138 -3.74 21.21 21.54
CA PHE A 138 -2.87 20.23 22.16
C PHE A 138 -3.43 18.88 21.68
N HIS A 139 -2.57 18.03 21.14
CA HIS A 139 -3.03 16.78 20.56
C HIS A 139 -2.20 15.61 20.92
N GLY A 140 -1.18 15.81 21.77
CA GLY A 140 -0.31 14.71 22.15
C GLY A 140 1.18 15.00 22.08
N ARG A 141 1.99 14.02 22.44
CA ARG A 141 3.40 14.20 22.62
C ARG A 141 4.24 13.26 21.74
N THR A 142 3.57 12.47 20.90
CA THR A 142 4.26 11.79 19.79
C THR A 142 4.75 12.87 18.82
N LEU A 143 5.85 12.64 18.13
CA LEU A 143 6.32 13.64 17.19
C LEU A 143 5.22 14.20 16.26
N PHE A 144 4.33 13.34 15.75
CA PHE A 144 3.33 13.76 14.82
C PHE A 144 2.21 14.58 15.52
N THR A 145 1.82 14.14 16.72
CA THR A 145 0.70 14.75 17.39
C THR A 145 1.15 16.09 17.96
N VAL A 146 2.39 16.15 18.41
CA VAL A 146 2.91 17.37 18.99
C VAL A 146 3.27 18.33 17.86
N SER A 147 3.47 17.81 16.67
CA SER A 147 3.63 18.69 15.51
C SER A 147 2.31 19.20 15.06
N ALA A 148 1.26 18.39 15.24
CA ALA A 148 -0.11 18.88 14.93
C ALA A 148 -0.58 19.87 15.97
N GLY A 149 -0.09 19.69 17.20
CA GLY A 149 -0.34 20.62 18.29
C GLY A 149 0.12 21.99 17.89
N GLY A 150 -0.53 23.06 18.34
CA GLY A 150 -0.04 24.40 18.06
C GLY A 150 0.65 25.05 19.24
N GLN A 151 1.62 24.37 19.83
CA GLN A 151 2.48 25.00 20.83
C GLN A 151 3.95 24.66 20.53
N PRO A 152 4.59 25.51 19.66
CA PRO A 152 5.90 25.23 19.08
C PRO A 152 6.99 24.97 20.10
N ALA A 153 6.88 25.59 21.28
CA ALA A 153 7.81 25.22 22.39
C ALA A 153 7.82 23.72 22.69
N TYR A 154 6.80 22.98 22.26
CA TYR A 154 6.75 21.51 22.57
C TYR A 154 7.31 20.64 21.47
N SER A 155 7.41 21.26 20.29
CA SER A 155 7.82 20.61 19.05
C SER A 155 9.23 20.95 18.55
N GLN A 156 9.71 22.19 18.73
CA GLN A 156 11.03 22.70 18.20
C GLN A 156 12.32 21.86 18.41
N ASP A 157 12.45 21.29 19.59
CA ASP A 157 13.65 20.59 20.01
C ASP A 157 13.85 19.25 19.27
N PHE A 158 12.81 18.77 18.60
CA PHE A 158 12.77 17.39 18.04
C PHE A 158 12.62 17.33 16.49
N ALA A 159 12.63 18.50 15.84
CA ALA A 159 12.86 18.72 14.42
C ALA A 159 13.97 17.86 13.78
N PRO A 160 13.80 17.51 12.50
CA PRO A 160 12.71 17.88 11.58
C PRO A 160 11.43 17.18 11.92
N LEU A 161 10.34 17.96 11.79
CA LEU A 161 8.98 17.64 12.17
C LEU A 161 8.30 17.13 10.96
N PRO A 162 7.31 16.27 11.12
CA PRO A 162 6.73 15.89 9.85
C PRO A 162 6.12 17.08 9.05
N ALA A 163 6.31 17.12 7.72
CA ALA A 163 5.86 18.30 6.89
C ALA A 163 4.36 18.40 6.61
N ASP A 164 3.94 19.51 6.01
CA ASP A 164 2.56 19.70 5.52
C ASP A 164 1.53 19.87 6.65
N ILE A 165 1.91 20.58 7.71
CA ILE A 165 1.10 20.78 8.90
C ILE A 165 1.15 22.29 9.04
N ARG A 166 0.02 22.95 9.21
CA ARG A 166 -0.03 24.42 9.28
C ARG A 166 -0.99 24.74 10.40
N HIS A 167 -0.83 25.85 11.10
CA HIS A 167 -1.76 26.26 12.13
C HIS A 167 -2.51 27.54 11.87
N ALA A 168 -3.81 27.42 12.00
CA ALA A 168 -4.67 28.57 11.90
C ALA A 168 -5.09 28.97 13.31
N ALA A 169 -5.66 30.18 13.36
CA ALA A 169 -6.16 30.79 14.59
C ALA A 169 -7.51 30.13 14.94
N TYR A 170 -7.62 29.70 16.20
CA TYR A 170 -8.79 29.06 16.69
C TYR A 170 -10.00 29.99 16.63
N ASN A 171 -11.18 29.44 16.38
CA ASN A 171 -12.38 30.31 16.23
C ASN A 171 -12.22 31.39 15.19
N ASP A 172 -11.24 31.28 14.31
CA ASP A 172 -11.10 32.29 13.29
C ASP A 172 -11.33 31.64 11.96
N ILE A 173 -12.54 31.76 11.48
CA ILE A 173 -12.92 31.07 10.25
C ILE A 173 -12.10 31.45 8.96
N ASN A 174 -11.69 32.72 8.82
CA ASN A 174 -10.96 33.13 7.61
C ASN A 174 -9.51 32.68 7.65
N SER A 175 -8.96 32.64 8.86
CA SER A 175 -7.62 32.13 9.10
C SER A 175 -7.55 30.71 8.52
N ALA A 176 -8.55 29.90 8.91
CA ALA A 176 -8.64 28.49 8.55
C ALA A 176 -8.85 28.37 7.08
N SER A 177 -9.86 29.07 6.56
CA SER A 177 -10.15 29.07 5.13
C SER A 177 -8.94 29.28 4.24
N ALA A 178 -8.05 30.16 4.69
CA ALA A 178 -6.83 30.52 3.95
C ALA A 178 -5.82 29.37 3.84
N LEU A 179 -5.74 28.51 4.87
CA LEU A 179 -4.83 27.34 4.88
C LEU A 179 -5.46 26.03 4.35
N ILE A 180 -6.78 25.96 4.31
CA ILE A 180 -7.50 24.78 3.82
C ILE A 180 -7.78 24.94 2.35
N ASP A 181 -7.26 23.99 1.55
CA ASP A 181 -7.52 23.91 0.11
C ASP A 181 -7.58 22.44 -0.39
N ASP A 182 -7.76 22.23 -1.70
CA ASP A 182 -7.68 20.90 -2.36
C ASP A 182 -6.50 20.00 -1.93
N SER A 183 -5.45 20.60 -1.39
CA SER A 183 -4.30 19.83 -0.90
C SER A 183 -4.40 19.39 0.57
N THR A 184 -5.45 19.84 1.23
CA THR A 184 -5.63 19.50 2.62
C THR A 184 -6.26 18.10 2.69
N CYS A 185 -5.64 17.18 3.43
CA CYS A 185 -6.28 15.90 3.69
C CYS A 185 -7.07 15.91 4.98
N ALA A 186 -6.55 16.59 6.01
CA ALA A 186 -7.20 16.68 7.36
C ALA A 186 -7.22 18.04 8.08
N VAL A 187 -8.35 18.31 8.71
CA VAL A 187 -8.45 19.45 9.59
C VAL A 187 -8.77 18.85 10.93
N ILE A 188 -7.88 19.05 11.89
CA ILE A 188 -8.04 18.54 13.27
C ILE A 188 -8.19 19.64 14.30
N VAL A 189 -9.23 19.52 15.13
CA VAL A 189 -9.63 20.54 16.05
C VAL A 189 -10.23 19.96 17.36
N GLU A 190 -9.93 20.56 18.53
CA GLU A 190 -10.68 20.25 19.76
C GLU A 190 -11.96 21.11 19.83
N PRO A 191 -13.12 20.52 20.21
CA PRO A 191 -14.33 21.40 20.30
C PRO A 191 -14.29 22.49 21.41
N ILE A 192 -13.45 22.29 22.41
CA ILE A 192 -13.06 23.27 23.38
C ILE A 192 -11.56 23.09 23.53
N GLN A 193 -10.76 24.15 23.37
CA GLN A 193 -9.29 23.94 23.59
C GLN A 193 -9.09 23.78 25.09
N GLY A 194 -8.51 22.65 25.47
CA GLY A 194 -8.44 22.31 26.87
C GLY A 194 -7.25 22.99 27.47
N GLU A 195 -6.09 22.38 27.22
CA GLU A 195 -4.81 22.79 27.70
C GLU A 195 -4.54 24.21 27.30
N GLY A 196 -4.98 24.62 26.13
CA GLY A 196 -4.69 26.00 25.77
C GLY A 196 -5.78 26.90 26.35
N GLY A 197 -6.21 26.66 27.61
CA GLY A 197 -7.00 27.67 28.31
C GLY A 197 -8.53 27.63 28.32
N VAL A 198 -9.06 26.41 28.19
CA VAL A 198 -10.48 26.16 28.21
C VAL A 198 -11.22 27.14 27.31
N VAL A 199 -10.96 27.13 26.02
CA VAL A 199 -11.67 28.01 25.15
C VAL A 199 -12.51 27.27 24.15
N PRO A 200 -13.82 27.45 24.23
CA PRO A 200 -14.83 26.71 23.50
C PRO A 200 -14.99 27.18 22.07
N ALA A 201 -15.13 26.28 21.12
CA ALA A 201 -15.29 26.70 19.77
C ALA A 201 -16.63 27.48 19.64
N SER A 202 -16.72 28.34 18.66
CA SER A 202 -18.00 28.93 18.44
C SER A 202 -18.74 27.99 17.51
N ASN A 203 -20.06 28.08 17.52
CA ASN A 203 -20.84 27.15 16.74
C ASN A 203 -20.61 27.47 15.22
N ALA A 204 -20.34 28.73 14.88
CA ALA A 204 -20.24 29.05 13.45
C ALA A 204 -18.86 28.63 13.02
N PHE A 205 -17.94 28.51 13.97
CA PHE A 205 -16.56 28.17 13.59
C PHE A 205 -16.49 26.70 13.17
N LEU A 206 -16.92 25.82 14.08
CA LEU A 206 -17.08 24.39 13.80
C LEU A 206 -17.88 24.09 12.52
N GLN A 207 -19.09 24.64 12.43
CA GLN A 207 -19.94 24.54 11.21
C GLN A 207 -19.13 25.00 10.01
N GLY A 208 -18.39 26.09 10.15
CA GLY A 208 -17.49 26.58 9.10
C GLY A 208 -16.38 25.60 8.71
N LEU A 209 -15.75 24.90 9.65
CA LEU A 209 -14.77 23.92 9.21
C LEU A 209 -15.49 22.78 8.46
N ARG A 210 -16.66 22.37 8.95
CA ARG A 210 -17.42 21.31 8.29
C ARG A 210 -17.65 21.65 6.83
N GLU A 211 -18.04 22.90 6.53
CA GLU A 211 -18.30 23.32 5.13
C GLU A 211 -16.99 23.33 4.33
N LEU A 212 -15.94 23.90 4.89
CA LEU A 212 -14.60 23.88 4.29
C LEU A 212 -14.07 22.45 3.95
N CYS A 213 -14.23 21.52 4.88
CA CYS A 213 -13.83 20.15 4.65
C CYS A 213 -14.60 19.50 3.49
N ASN A 214 -15.86 19.87 3.34
CA ASN A 214 -16.69 19.34 2.28
C ASN A 214 -16.29 19.89 0.95
N ARG A 215 -15.98 21.17 0.93
CA ARG A 215 -15.65 21.84 -0.29
C ARG A 215 -14.34 21.23 -0.71
N HIS A 216 -13.43 20.94 0.22
CA HIS A 216 -12.07 20.54 -0.25
C HIS A 216 -11.77 19.05 -0.16
N ASN A 217 -12.77 18.27 0.19
CA ASN A 217 -12.61 16.84 0.36
C ASN A 217 -11.57 16.50 1.42
N ALA A 218 -11.66 17.15 2.57
CA ALA A 218 -10.70 16.92 3.63
C ALA A 218 -11.45 16.28 4.76
N LEU A 219 -10.80 15.41 5.51
CA LEU A 219 -11.53 14.82 6.63
C LEU A 219 -11.48 15.78 7.81
N LEU A 220 -12.61 15.89 8.47
CA LEU A 220 -12.70 16.70 9.64
C LEU A 220 -12.56 15.82 10.86
N ILE A 221 -11.62 16.18 11.71
CA ILE A 221 -11.34 15.32 12.88
C ILE A 221 -11.53 16.01 14.19
N PHE A 222 -12.41 15.47 15.01
CA PHE A 222 -12.60 16.03 16.31
C PHE A 222 -11.75 15.40 17.34
N ASP A 223 -10.91 16.20 17.94
CA ASP A 223 -10.11 15.62 19.02
C ASP A 223 -10.92 15.80 20.27
N GLU A 224 -11.62 14.75 20.66
CA GLU A 224 -12.41 14.86 21.88
C GLU A 224 -11.78 14.10 23.04
N VAL A 225 -10.46 14.05 23.08
CA VAL A 225 -9.94 13.29 24.23
C VAL A 225 -10.23 13.95 25.57
N GLN A 226 -10.36 15.29 25.57
CA GLN A 226 -10.63 15.99 26.80
C GLN A 226 -12.14 16.27 26.98
N THR A 227 -12.80 16.50 25.86
CA THR A 227 -14.08 17.10 25.80
C THR A 227 -15.20 16.03 25.77
N GLY A 228 -14.81 14.76 25.70
CA GLY A 228 -15.70 13.65 25.43
C GLY A 228 -16.03 12.78 26.63
N VAL A 229 -16.86 11.75 26.38
CA VAL A 229 -17.40 10.87 27.43
C VAL A 229 -18.04 11.72 28.57
N GLY A 230 -19.03 12.52 28.20
CA GLY A 230 -19.89 13.18 29.16
C GLY A 230 -19.46 14.58 29.61
N ARG A 231 -18.21 14.96 29.37
CA ARG A 231 -17.65 16.10 29.99
C ARG A 231 -18.49 17.41 29.81
N THR A 232 -19.13 17.59 28.68
CA THR A 232 -19.85 18.80 28.38
C THR A 232 -21.36 18.76 28.70
N GLY A 233 -21.86 17.59 29.14
CA GLY A 233 -23.28 17.41 29.38
C GLY A 233 -24.04 16.65 28.28
N GLU A 234 -23.42 16.52 27.12
CA GLU A 234 -23.76 15.52 26.10
C GLU A 234 -22.67 14.44 26.07
N LEU A 235 -22.87 13.33 25.35
CA LEU A 235 -21.89 12.26 25.45
C LEU A 235 -20.53 12.77 24.92
N TYR A 236 -20.57 13.30 23.70
CA TYR A 236 -19.51 14.08 23.07
C TYR A 236 -19.96 15.53 22.66
N ALA A 237 -19.00 16.44 22.66
CA ALA A 237 -19.27 17.83 22.44
C ALA A 237 -19.78 18.02 21.03
N TYR A 238 -19.47 17.12 20.10
CA TYR A 238 -20.02 17.31 18.80
C TYR A 238 -21.54 17.33 18.85
N MET A 239 -22.13 16.58 19.80
CA MET A 239 -23.62 16.53 19.87
C MET A 239 -24.12 17.87 20.37
N HIS A 240 -23.37 18.45 21.31
CA HIS A 240 -23.69 19.79 21.79
C HIS A 240 -23.65 20.83 20.71
N TYR A 241 -22.63 20.85 19.89
CA TYR A 241 -22.63 21.74 18.77
C TYR A 241 -23.51 21.37 17.62
N GLY A 242 -23.92 20.13 17.46
CA GLY A 242 -24.63 19.74 16.22
C GLY A 242 -23.89 19.79 14.86
N VAL A 243 -22.60 19.47 14.90
CA VAL A 243 -21.75 19.39 13.74
C VAL A 243 -21.07 18.05 13.87
N THR A 244 -21.06 17.29 12.77
CA THR A 244 -20.66 15.92 12.76
C THR A 244 -19.37 15.77 12.02
N PRO A 245 -18.35 15.20 12.69
CA PRO A 245 -17.03 14.99 12.06
C PRO A 245 -16.96 13.73 11.20
N ASP A 246 -15.86 13.60 10.47
CA ASP A 246 -15.61 12.37 9.75
C ASP A 246 -14.91 11.46 10.75
N LEU A 247 -14.09 12.03 11.60
CA LEU A 247 -13.41 11.22 12.55
C LEU A 247 -13.40 11.85 13.93
N LEU A 248 -13.52 11.01 14.92
CA LEU A 248 -13.59 11.51 16.28
C LEU A 248 -12.63 10.69 17.14
N THR A 249 -11.80 11.36 17.94
CA THR A 249 -10.90 10.59 18.82
C THR A 249 -11.31 10.71 20.26
N THR A 250 -11.05 9.67 21.06
CA THR A 250 -11.57 9.64 22.43
C THR A 250 -10.60 8.96 23.38
N ALA A 251 -10.48 9.49 24.59
CA ALA A 251 -9.54 8.84 25.47
C ALA A 251 -9.88 9.25 26.90
N LYS A 252 -8.88 9.40 27.77
CA LYS A 252 -9.03 9.95 29.12
C LYS A 252 -10.14 9.26 29.89
N ALA A 253 -11.28 9.94 30.03
CA ALA A 253 -12.51 9.46 30.64
C ALA A 253 -13.10 8.15 30.06
N LEU A 254 -12.96 7.91 28.76
CA LEU A 254 -13.28 6.58 28.25
C LEU A 254 -13.03 5.43 29.24
N GLY A 255 -11.89 5.37 29.89
CA GLY A 255 -11.74 4.26 30.79
C GLY A 255 -11.83 4.60 32.27
N GLY A 256 -12.40 5.76 32.59
CA GLY A 256 -12.45 6.27 33.95
C GLY A 256 -11.24 5.99 34.82
N GLY A 257 -10.05 5.92 34.21
CA GLY A 257 -8.78 5.81 34.91
C GLY A 257 -7.91 4.68 34.38
N PHE A 258 -8.49 3.82 33.55
CA PHE A 258 -7.72 2.77 32.95
C PHE A 258 -7.20 3.28 31.60
N PRO A 259 -5.93 2.98 31.23
CA PRO A 259 -5.41 3.50 29.97
C PRO A 259 -6.14 2.93 28.69
N VAL A 260 -6.79 3.80 27.95
CA VAL A 260 -7.49 3.37 26.78
C VAL A 260 -7.78 4.56 25.88
N GLY A 261 -7.89 4.35 24.58
CA GLY A 261 -8.27 5.41 23.69
C GLY A 261 -8.88 4.76 22.51
N ALA A 262 -9.48 5.55 21.65
CA ALA A 262 -10.13 4.93 20.49
C ALA A 262 -10.33 5.96 19.43
N LEU A 263 -10.42 5.52 18.18
CA LEU A 263 -10.74 6.38 17.03
C LEU A 263 -12.12 5.92 16.53
N LEU A 264 -13.09 6.83 16.43
CA LEU A 264 -14.39 6.55 15.87
C LEU A 264 -14.42 7.08 14.42
N ALA A 265 -14.83 6.23 13.47
CA ALA A 265 -14.81 6.60 12.06
C ALA A 265 -16.11 6.19 11.40
N THR A 266 -16.45 6.78 10.26
CA THR A 266 -17.55 6.27 9.45
C THR A 266 -17.08 5.06 8.66
N GLU A 267 -18.03 4.19 8.30
CA GLU A 267 -17.82 3.09 7.33
C GLU A 267 -16.82 3.44 6.22
N GLU A 268 -17.07 4.52 5.46
CA GLU A 268 -16.26 4.85 4.26
C GLU A 268 -14.80 5.06 4.60
N CYS A 269 -14.60 5.83 5.67
CA CYS A 269 -13.28 6.11 6.20
C CYS A 269 -12.59 4.89 6.74
N ALA A 270 -13.34 4.09 7.49
CA ALA A 270 -12.83 2.85 8.04
C ALA A 270 -12.30 1.88 6.94
N ARG A 271 -13.05 1.75 5.84
CA ARG A 271 -12.73 0.94 4.60
CA ARG A 271 -12.67 0.82 4.78
C ARG A 271 -11.32 1.18 4.11
N VAL A 272 -10.85 2.40 4.35
CA VAL A 272 -9.48 2.76 3.98
C VAL A 272 -8.38 1.95 4.70
N MET A 273 -8.62 1.51 5.94
CA MET A 273 -7.53 0.88 6.67
C MET A 273 -7.50 -0.64 6.53
N THR A 274 -6.72 -1.14 5.60
CA THR A 274 -6.73 -2.55 5.35
C THR A 274 -5.74 -3.25 6.28
N VAL A 275 -5.72 -4.56 6.25
CA VAL A 275 -4.97 -5.39 7.17
C VAL A 275 -3.51 -4.97 7.15
N GLY A 276 -2.94 -4.79 8.35
CA GLY A 276 -1.53 -4.55 8.53
C GLY A 276 -1.09 -3.11 8.36
N THR A 277 -2.07 -2.21 8.11
CA THR A 277 -1.80 -0.80 7.87
C THR A 277 -1.70 0.05 9.12
N HIS A 278 -2.07 -0.54 10.27
CA HIS A 278 -1.88 0.10 11.52
C HIS A 278 -2.03 -0.99 12.52
N GLY A 279 -1.64 -0.72 13.77
CA GLY A 279 -1.68 -1.76 14.80
C GLY A 279 -1.31 -1.24 16.17
N THR A 280 -1.35 -2.12 17.17
CA THR A 280 -0.95 -1.80 18.56
C THR A 280 -0.96 -3.10 19.41
N THR A 281 0.01 -3.31 20.30
CA THR A 281 0.00 -4.53 21.08
C THR A 281 -1.19 -4.56 22.01
N TYR A 282 -1.32 -3.52 22.79
CA TYR A 282 -2.24 -3.54 23.89
C TYR A 282 -3.62 -3.03 23.53
N GLY A 283 -3.81 -2.43 22.35
CA GLY A 283 -5.06 -1.70 22.15
C GLY A 283 -6.15 -2.77 22.00
N GLY A 284 -7.39 -2.49 22.42
CA GLY A 284 -8.37 -3.54 22.41
C GLY A 284 -8.33 -4.65 23.46
N ASN A 285 -7.48 -4.54 24.49
CA ASN A 285 -7.45 -5.64 25.43
C ASN A 285 -8.74 -5.78 26.18
N PRO A 286 -9.07 -6.99 26.61
CA PRO A 286 -10.37 -7.01 27.30
C PRO A 286 -10.34 -6.37 28.71
N LEU A 287 -9.18 -6.28 29.39
CA LEU A 287 -9.22 -5.48 30.67
C LEU A 287 -9.75 -4.04 30.43
N ALA A 288 -9.07 -3.32 29.53
CA ALA A 288 -9.44 -1.96 29.18
C ALA A 288 -10.88 -1.88 28.72
N SER A 289 -11.35 -2.98 28.15
CA SER A 289 -12.60 -2.90 27.44
C SER A 289 -13.75 -3.15 28.38
N ALA A 290 -13.54 -4.08 29.31
CA ALA A 290 -14.53 -4.32 30.36
C ALA A 290 -14.69 -3.01 31.14
N VAL A 291 -13.59 -2.39 31.52
CA VAL A 291 -13.71 -1.12 32.29
C VAL A 291 -14.39 0.02 31.46
N ALA A 292 -13.85 0.33 30.25
CA ALA A 292 -14.52 1.34 29.40
C ALA A 292 -15.93 1.08 29.22
N GLY A 293 -16.27 -0.18 28.95
CA GLY A 293 -17.68 -0.55 28.82
C GLY A 293 -18.59 -0.19 30.00
N LYS A 294 -18.17 -0.52 31.21
CA LYS A 294 -18.86 -0.13 32.41
C LYS A 294 -18.86 1.40 32.55
N VAL A 295 -17.72 2.08 32.35
CA VAL A 295 -17.77 3.56 32.26
C VAL A 295 -18.93 4.10 31.36
N LEU A 296 -18.97 3.76 30.06
CA LEU A 296 -20.03 4.22 29.18
C LEU A 296 -21.44 3.88 29.67
N GLU A 297 -21.58 2.66 30.17
CA GLU A 297 -22.85 2.26 30.76
C GLU A 297 -23.28 3.22 31.89
N LEU A 298 -22.35 3.62 32.77
CA LEU A 298 -22.71 4.55 33.83
C LEU A 298 -22.77 6.01 33.39
N ILE A 299 -21.96 6.42 32.43
CA ILE A 299 -21.90 7.83 32.10
C ILE A 299 -23.05 8.14 31.16
N ASN A 300 -23.32 7.27 30.21
CA ASN A 300 -24.18 7.69 29.11
C ASN A 300 -25.63 7.42 29.49
N THR A 301 -26.14 8.20 30.46
CA THR A 301 -27.52 8.07 30.98
C THR A 301 -28.02 9.52 31.05
N PRO A 302 -29.34 9.76 30.76
CA PRO A 302 -29.93 11.08 30.84
C PRO A 302 -29.68 11.65 32.21
N GLU A 303 -29.75 10.80 33.24
CA GLU A 303 -29.55 11.28 34.59
CA GLU A 303 -29.52 11.26 34.63
C GLU A 303 -28.13 11.83 34.82
N MET A 304 -27.10 11.03 34.55
CA MET A 304 -25.69 11.47 34.73
C MET A 304 -25.34 12.73 33.92
N LEU A 305 -25.78 12.77 32.67
CA LEU A 305 -25.53 13.89 31.76
C LEU A 305 -26.24 15.15 32.13
N ASN A 306 -27.46 15.04 32.64
CA ASN A 306 -28.18 16.23 33.04
C ASN A 306 -27.59 16.69 34.33
N GLY A 307 -27.09 15.72 35.10
CA GLY A 307 -26.41 16.01 36.34
C GLY A 307 -25.13 16.78 36.05
N VAL A 308 -24.58 16.63 34.84
CA VAL A 308 -23.42 17.45 34.45
C VAL A 308 -23.82 18.89 34.15
N LYS A 309 -24.88 19.09 33.38
CA LYS A 309 -25.47 20.42 33.21
C LYS A 309 -25.77 21.09 34.57
N GLN A 310 -26.33 20.31 35.51
CA GLN A 310 -26.66 20.76 36.92
C GLN A 310 -25.38 21.24 37.65
N ARG A 311 -24.36 20.42 37.62
CA ARG A 311 -23.13 20.70 38.28
C ARG A 311 -22.38 21.89 37.68
N HIS A 312 -22.47 22.08 36.37
CA HIS A 312 -21.91 23.22 35.72
C HIS A 312 -22.40 24.46 36.38
N ASP A 313 -23.73 24.55 36.56
CA ASP A 313 -24.36 25.69 37.27
C ASP A 313 -23.90 25.82 38.72
N TRP A 314 -23.79 24.72 39.48
CA TRP A 314 -23.27 24.86 40.85
C TRP A 314 -21.90 25.48 40.81
N PHE A 315 -21.03 25.03 39.90
CA PHE A 315 -19.61 25.48 39.89
C PHE A 315 -19.51 26.97 39.50
N VAL A 316 -20.09 27.32 38.36
CA VAL A 316 -19.98 28.68 37.81
C VAL A 316 -20.53 29.68 38.83
N GLU A 317 -21.74 29.42 39.30
CA GLU A 317 -22.44 30.23 40.33
C GLU A 317 -21.53 30.50 41.55
N ARG A 318 -20.97 29.48 42.16
CA ARG A 318 -20.08 29.70 43.30
C ARG A 318 -18.74 30.41 42.88
N LEU A 319 -18.30 30.20 41.65
CA LEU A 319 -17.03 30.80 41.25
C LEU A 319 -17.24 32.28 40.99
N ASN A 320 -18.38 32.60 40.35
CA ASN A 320 -18.77 33.98 40.18
C ASN A 320 -18.87 34.70 41.53
N THR A 321 -19.42 34.05 42.54
CA THR A 321 -19.52 34.63 43.91
C THR A 321 -18.13 34.80 44.55
N ILE A 322 -17.30 33.74 44.57
CA ILE A 322 -15.87 33.87 44.93
C ILE A 322 -15.16 35.03 44.24
N ASN A 323 -15.33 35.13 42.91
CA ASN A 323 -14.67 36.17 42.15
C ASN A 323 -15.15 37.60 42.53
N HIS A 324 -16.46 37.76 42.77
N HIS A 324 -16.45 37.70 42.82
CA HIS A 324 -17.01 39.04 43.23
CA HIS A 324 -17.11 38.93 43.24
C HIS A 324 -16.27 39.42 44.49
C HIS A 324 -16.58 39.42 44.58
N ARG A 325 -16.15 38.50 45.44
CA ARG A 325 -15.50 38.82 46.70
C ARG A 325 -14.05 39.17 46.46
N TYR A 326 -13.31 38.37 45.66
CA TYR A 326 -11.86 38.53 45.62
C TYR A 326 -11.19 39.25 44.41
N GLY A 327 -11.91 39.46 43.31
CA GLY A 327 -11.42 40.20 42.12
C GLY A 327 -10.16 39.60 41.52
N LEU A 328 -10.30 38.32 41.11
CA LEU A 328 -9.25 37.40 40.62
C LEU A 328 -9.27 37.22 39.09
N PHE A 329 -10.46 37.15 38.49
CA PHE A 329 -10.63 36.60 37.17
C PHE A 329 -11.47 37.57 36.42
N SER A 330 -11.38 37.56 35.08
CA SER A 330 -12.27 38.33 34.21
C SER A 330 -13.44 37.55 33.67
N GLU A 331 -13.42 36.22 33.86
CA GLU A 331 -14.34 35.31 33.18
C GLU A 331 -14.27 33.92 33.79
N VAL A 332 -15.44 33.28 33.92
CA VAL A 332 -15.53 31.85 34.09
C VAL A 332 -16.22 31.31 32.84
N ARG A 333 -15.54 30.44 32.09
CA ARG A 333 -16.01 30.02 30.74
C ARG A 333 -15.87 28.50 30.72
N GLY A 334 -16.34 27.92 29.61
CA GLY A 334 -16.35 26.48 29.40
C GLY A 334 -17.76 25.94 29.19
N LEU A 335 -17.85 24.62 29.17
CA LEU A 335 -19.10 23.88 28.96
C LEU A 335 -19.02 22.70 29.91
N GLY A 336 -20.16 22.31 30.44
CA GLY A 336 -20.22 21.23 31.44
C GLY A 336 -19.20 21.24 32.58
N LEU A 337 -18.46 20.14 32.72
CA LEU A 337 -17.51 20.07 33.79
C LEU A 337 -16.05 20.21 33.30
N LEU A 338 -15.90 21.00 32.26
CA LEU A 338 -14.60 21.53 31.87
C LEU A 338 -14.71 23.05 32.00
N ILE A 339 -14.16 23.58 33.10
CA ILE A 339 -14.33 24.99 33.33
C ILE A 339 -13.01 25.76 33.48
N GLY A 340 -12.94 26.91 32.80
CA GLY A 340 -11.81 27.84 32.97
C GLY A 340 -12.10 29.13 33.73
N CYS A 341 -11.22 29.47 34.68
CA CYS A 341 -11.32 30.77 35.31
C CYS A 341 -10.25 31.65 34.73
N VAL A 342 -10.56 32.64 33.90
CA VAL A 342 -9.45 33.44 33.34
C VAL A 342 -8.90 34.53 34.27
N LEU A 343 -7.60 34.54 34.53
CA LEU A 343 -7.03 35.56 35.42
C LEU A 343 -7.17 37.00 34.82
N ASN A 344 -7.30 38.04 35.66
CA ASN A 344 -7.37 39.45 35.17
C ASN A 344 -5.92 39.93 34.90
N ALA A 345 -5.84 41.19 34.46
CA ALA A 345 -4.56 41.83 34.19
C ALA A 345 -3.64 41.80 35.43
N ASP A 346 -4.18 42.10 36.61
CA ASP A 346 -3.35 42.11 37.82
C ASP A 346 -2.63 40.76 38.03
N TYR A 347 -3.31 39.69 37.70
CA TYR A 347 -2.88 38.41 38.16
C TYR A 347 -2.34 37.44 37.08
N ALA A 348 -2.47 37.87 35.83
CA ALA A 348 -2.10 37.13 34.68
C ALA A 348 -0.72 36.47 34.78
N GLY A 349 -0.68 35.21 34.35
CA GLY A 349 0.50 34.33 34.46
C GLY A 349 0.63 33.66 35.83
N GLN A 350 -0.33 33.89 36.75
CA GLN A 350 -0.23 33.30 38.11
C GLN A 350 -1.08 32.05 38.39
N ALA A 351 -1.62 31.49 37.32
CA ALA A 351 -2.49 30.33 37.46
C ALA A 351 -1.88 29.27 38.38
N LYS A 352 -0.62 28.95 38.18
CA LYS A 352 0.06 27.93 38.95
C LYS A 352 0.18 28.28 40.44
N GLN A 353 0.33 29.56 40.77
CA GLN A 353 0.52 29.94 42.17
C GLN A 353 -0.80 29.79 42.84
N ILE A 354 -1.89 30.05 42.12
CA ILE A 354 -3.21 29.87 42.70
C ILE A 354 -3.44 28.40 42.94
N SER A 355 -3.18 27.62 41.91
CA SER A 355 -3.20 26.21 42.04
C SER A 355 -2.37 25.65 43.20
N GLN A 356 -1.20 26.20 43.48
CA GLN A 356 -0.38 25.66 44.62
C GLN A 356 -1.04 26.02 45.98
N GLU A 357 -1.65 27.21 46.01
CA GLU A 357 -2.43 27.70 47.13
C GLU A 357 -3.60 26.80 47.37
N ALA A 358 -4.38 26.60 46.32
CA ALA A 358 -5.47 25.63 46.34
C ALA A 358 -5.02 24.35 47.06
N ALA A 359 -3.91 23.76 46.62
CA ALA A 359 -3.49 22.50 47.20
C ALA A 359 -3.22 22.63 48.71
N LYS A 360 -2.65 23.77 49.11
CA LYS A 360 -2.38 24.03 50.50
C LYS A 360 -3.71 24.02 51.25
N ALA A 361 -4.73 24.55 50.60
CA ALA A 361 -6.01 24.65 51.26
C ALA A 361 -6.82 23.33 51.13
N GLY A 362 -6.20 22.23 50.66
CA GLY A 362 -6.89 20.95 50.52
C GLY A 362 -7.81 20.90 49.31
N VAL A 363 -7.57 21.68 48.27
CA VAL A 363 -8.29 21.44 47.03
C VAL A 363 -7.37 21.34 45.82
N MET A 364 -7.60 20.29 44.99
CA MET A 364 -6.82 20.07 43.78
C MET A 364 -7.48 20.68 42.59
N VAL A 365 -6.79 21.63 41.95
CA VAL A 365 -7.23 22.19 40.64
C VAL A 365 -6.06 22.18 39.65
N LEU A 366 -6.38 22.37 38.36
CA LEU A 366 -5.41 22.37 37.28
C LEU A 366 -5.17 23.76 36.70
N ILE A 367 -4.11 23.90 35.92
CA ILE A 367 -4.03 25.13 35.13
C ILE A 367 -4.43 24.88 33.69
N ALA A 368 -4.26 25.85 32.82
CA ALA A 368 -4.47 25.57 31.43
C ALA A 368 -3.74 26.70 30.83
N GLY A 369 -2.39 26.69 30.88
CA GLY A 369 -1.64 27.89 30.52
C GLY A 369 -1.62 28.64 31.85
N GLY A 370 -0.74 29.64 31.92
CA GLY A 370 -0.41 30.34 33.17
C GLY A 370 -1.54 31.32 33.48
N ASN A 371 -2.51 31.40 32.61
CA ASN A 371 -3.55 32.36 32.77
C ASN A 371 -4.96 31.86 33.03
N VAL A 372 -5.10 30.56 33.26
CA VAL A 372 -6.43 30.04 33.43
C VAL A 372 -6.39 29.04 34.55
N VAL A 373 -7.27 29.16 35.52
CA VAL A 373 -7.36 28.01 36.37
C VAL A 373 -8.47 27.13 35.93
N ARG A 374 -8.17 25.85 35.86
CA ARG A 374 -9.09 24.87 35.28
C ARG A 374 -9.54 23.80 36.26
N PHE A 375 -10.81 23.44 36.07
CA PHE A 375 -11.62 22.48 36.85
C PHE A 375 -12.14 21.38 35.91
N ALA A 376 -11.81 20.14 36.27
CA ALA A 376 -12.25 18.99 35.55
C ALA A 376 -12.60 17.89 36.56
N PRO A 377 -13.67 18.14 37.33
CA PRO A 377 -14.01 17.24 38.46
C PRO A 377 -14.63 15.98 37.93
N ALA A 378 -14.81 14.93 38.78
CA ALA A 378 -15.59 13.73 38.35
C ALA A 378 -16.95 14.15 37.79
N LEU A 379 -17.55 13.40 36.89
CA LEU A 379 -18.93 13.78 36.51
C LEU A 379 -19.99 13.53 37.62
N ASN A 380 -19.63 12.73 38.63
CA ASN A 380 -20.55 12.38 39.73
C ASN A 380 -20.13 12.99 41.09
N VAL A 381 -19.37 14.08 41.07
CA VAL A 381 -19.19 14.88 42.28
C VAL A 381 -20.56 15.19 42.87
N SER A 382 -20.59 15.00 44.20
CA SER A 382 -21.77 15.30 45.02
C SER A 382 -21.77 16.77 45.33
N GLU A 383 -22.96 17.35 45.51
CA GLU A 383 -23.08 18.70 45.96
C GLU A 383 -22.19 18.95 47.19
N GLU A 384 -22.20 18.04 48.15
CA GLU A 384 -21.35 18.26 49.27
C GLU A 384 -19.87 18.42 48.78
N GLU A 385 -19.39 17.54 47.90
CA GLU A 385 -17.99 17.62 47.53
C GLU A 385 -17.69 18.96 46.85
N VAL A 386 -18.64 19.44 46.03
CA VAL A 386 -18.40 20.64 45.28
C VAL A 386 -18.27 21.79 46.24
N THR A 387 -19.13 21.79 47.25
CA THR A 387 -19.31 22.96 48.07
C THR A 387 -18.14 23.05 48.96
N THR A 388 -17.68 21.90 49.45
CA THR A 388 -16.59 22.04 50.39
C THR A 388 -15.26 22.26 49.67
N GLY A 389 -15.20 21.88 48.40
CA GLY A 389 -13.97 22.06 47.60
C GLY A 389 -13.85 23.52 47.21
N LEU A 390 -15.03 24.13 46.96
CA LEU A 390 -15.14 25.51 46.60
C LEU A 390 -14.94 26.41 47.78
N ASP A 391 -15.43 25.99 48.95
CA ASP A 391 -15.02 26.58 50.24
C ASP A 391 -13.54 26.65 50.30
N ARG A 392 -12.83 25.53 50.12
CA ARG A 392 -11.38 25.64 50.30
C ARG A 392 -10.76 26.44 49.16
N PHE A 393 -11.29 26.30 47.95
CA PHE A 393 -10.80 27.18 46.87
C PHE A 393 -10.92 28.62 47.31
N ALA A 394 -12.09 28.98 47.83
CA ALA A 394 -12.37 30.35 48.34
C ALA A 394 -11.34 30.77 49.38
N ALA A 395 -11.04 29.88 50.35
CA ALA A 395 -9.96 30.25 51.29
C ALA A 395 -8.61 30.48 50.58
N ALA A 396 -8.25 29.61 49.64
CA ALA A 396 -7.01 29.79 48.91
C ALA A 396 -6.99 31.13 48.17
N CYS A 397 -8.14 31.54 47.64
CA CYS A 397 -8.18 32.77 46.90
C CYS A 397 -7.91 33.95 47.82
N GLU A 398 -8.35 33.83 49.09
CA GLU A 398 -8.16 34.85 50.13
C GLU A 398 -6.69 34.89 50.42
N HIS A 399 -6.12 33.80 50.98
CA HIS A 399 -4.64 33.61 51.10
C HIS A 399 -3.78 34.16 49.92
N PHE A 400 -4.26 34.04 48.69
CA PHE A 400 -3.47 34.35 47.55
C PHE A 400 -3.54 35.85 47.28
N VAL A 401 -4.76 36.39 47.32
CA VAL A 401 -5.02 37.81 47.00
C VAL A 401 -4.47 38.85 48.01
N SER A 402 -3.79 38.41 49.08
CA SER A 402 -3.12 39.34 50.00
C SER A 402 -1.60 39.21 50.13
N GLN B 3 -25.95 -8.57 25.70
CA GLN B 3 -25.55 -8.35 24.29
C GLN B 3 -24.81 -9.63 23.81
N PRO B 4 -25.40 -10.42 22.86
CA PRO B 4 -24.68 -11.49 22.11
C PRO B 4 -23.48 -10.98 21.25
N ILE B 5 -22.39 -11.75 21.19
CA ILE B 5 -21.18 -11.32 20.50
C ILE B 5 -20.65 -12.48 19.71
N THR B 6 -20.47 -12.27 18.41
CA THR B 6 -19.83 -13.33 17.63
C THR B 6 -18.74 -12.75 16.72
N ARG B 7 -17.82 -13.64 16.31
CA ARG B 7 -16.77 -13.31 15.41
C ARG B 7 -17.19 -12.50 14.14
N GLU B 8 -18.40 -12.67 13.60
CA GLU B 8 -18.81 -11.88 12.38
C GLU B 8 -18.97 -10.41 12.77
N ASN B 9 -19.05 -10.14 14.08
CA ASN B 9 -19.28 -8.80 14.56
C ASN B 9 -18.04 -7.93 14.40
N PHE B 10 -16.87 -8.57 14.55
CA PHE B 10 -15.61 -7.97 14.34
C PHE B 10 -15.58 -7.30 12.97
N ASP B 11 -16.06 -8.04 11.95
CA ASP B 11 -15.99 -7.61 10.53
C ASP B 11 -16.92 -6.51 10.27
N GLU B 12 -17.91 -6.30 11.12
CA GLU B 12 -18.72 -5.04 11.06
C GLU B 12 -18.35 -3.91 12.08
N TRP B 13 -17.76 -4.22 13.23
CA TRP B 13 -17.59 -3.17 14.20
C TRP B 13 -16.20 -2.53 14.19
N MET B 14 -15.16 -3.31 13.88
CA MET B 14 -13.78 -2.90 13.93
C MET B 14 -13.21 -2.35 12.60
N ILE B 15 -12.44 -1.25 12.70
CA ILE B 15 -11.60 -0.76 11.60
C ILE B 15 -10.64 -1.90 11.23
N PRO B 16 -10.72 -2.36 9.96
CA PRO B 16 -10.30 -3.74 9.56
C PRO B 16 -8.78 -3.93 9.42
N VAL B 17 -8.10 -3.49 10.45
CA VAL B 17 -6.68 -3.45 10.48
C VAL B 17 -6.08 -4.83 10.90
N TYR B 18 -6.90 -5.73 11.40
CA TYR B 18 -6.40 -7.07 11.67
C TYR B 18 -7.31 -8.07 11.09
N ALA B 19 -6.77 -9.26 10.87
CA ALA B 19 -7.62 -10.43 10.51
C ALA B 19 -7.48 -11.41 11.65
N PRO B 20 -8.40 -11.37 12.64
CA PRO B 20 -7.89 -12.27 13.63
C PRO B 20 -8.61 -13.58 13.54
N ALA B 21 -8.27 -14.40 14.51
CA ALA B 21 -8.60 -15.75 14.49
C ALA B 21 -10.08 -15.86 14.47
N PRO B 22 -10.54 -17.01 14.01
CA PRO B 22 -11.97 -17.10 13.76
C PRO B 22 -12.71 -17.44 15.05
N PHE B 23 -11.96 -17.78 16.07
CA PHE B 23 -12.52 -18.01 17.40
C PHE B 23 -12.13 -16.92 18.39
N ILE B 24 -12.94 -16.80 19.43
CA ILE B 24 -12.78 -15.76 20.39
C ILE B 24 -12.37 -16.24 21.77
N PRO B 25 -11.14 -15.94 22.19
CA PRO B 25 -10.85 -16.35 23.58
C PRO B 25 -11.76 -15.70 24.62
N VAL B 26 -12.09 -16.47 25.66
CA VAL B 26 -12.86 -15.90 26.74
C VAL B 26 -12.23 -16.09 28.10
N ARG B 27 -11.36 -17.09 28.31
CA ARG B 27 -10.65 -17.18 29.57
CA ARG B 27 -10.62 -17.16 29.58
C ARG B 27 -9.35 -17.98 29.50
N GLY B 28 -8.41 -17.71 30.41
CA GLY B 28 -7.14 -18.41 30.37
C GLY B 28 -6.58 -18.69 31.74
N GLU B 29 -5.60 -19.59 31.84
CA GLU B 29 -4.91 -19.82 33.09
C GLU B 29 -3.56 -20.41 32.75
N GLY B 30 -2.48 -19.83 33.30
CA GLY B 30 -1.14 -20.19 32.89
C GLY B 30 -1.10 -20.13 31.35
N SER B 31 -0.73 -21.26 30.75
CA SER B 31 -0.48 -21.26 29.35
C SER B 31 -1.59 -21.95 28.54
N ARG B 32 -2.79 -22.00 29.13
CA ARG B 32 -3.98 -22.49 28.41
C ARG B 32 -4.99 -21.35 28.31
N LEU B 33 -5.74 -21.36 27.20
CA LEU B 33 -6.71 -20.38 26.91
C LEU B 33 -7.91 -21.14 26.32
N TRP B 34 -9.13 -20.60 26.44
CA TRP B 34 -10.34 -21.26 26.02
C TRP B 34 -11.22 -20.30 25.32
N ASP B 35 -11.88 -20.76 24.26
CA ASP B 35 -12.66 -19.83 23.47
C ASP B 35 -14.14 -19.92 23.84
N GLN B 36 -15.02 -19.14 23.19
CA GLN B 36 -16.44 -19.21 23.46
C GLN B 36 -17.06 -20.58 23.43
N GLN B 37 -16.51 -21.55 22.72
CA GLN B 37 -17.23 -22.83 22.80
C GLN B 37 -16.49 -23.83 23.52
N GLY B 38 -15.61 -23.37 24.35
CA GLY B 38 -14.98 -24.27 25.26
C GLY B 38 -13.84 -25.01 24.58
N LYS B 39 -13.48 -24.64 23.37
CA LYS B 39 -12.30 -25.30 22.83
C LYS B 39 -11.09 -24.81 23.61
N GLU B 40 -10.14 -25.69 23.82
CA GLU B 40 -8.97 -25.38 24.59
C GLU B 40 -7.68 -25.27 23.80
N TYR B 41 -6.88 -24.25 24.13
CA TYR B 41 -5.55 -24.03 23.48
C TYR B 41 -4.41 -23.99 24.45
N ILE B 42 -3.28 -24.47 23.98
CA ILE B 42 -2.02 -24.14 24.57
C ILE B 42 -1.55 -22.84 23.90
N ASP B 43 -1.21 -21.89 24.74
CA ASP B 43 -0.87 -20.57 24.23
C ASP B 43 0.65 -20.36 24.16
N PHE B 44 1.24 -20.53 22.98
CA PHE B 44 2.65 -20.19 22.83
C PHE B 44 2.84 -18.86 22.08
N ALA B 45 1.76 -18.10 21.88
CA ALA B 45 1.86 -16.74 21.38
C ALA B 45 2.26 -15.79 22.50
N GLY B 46 1.90 -16.13 23.75
CA GLY B 46 2.22 -15.27 24.88
C GLY B 46 1.66 -13.85 24.85
N GLY B 47 0.56 -13.63 24.11
CA GLY B 47 0.06 -12.28 23.96
C GLY B 47 1.07 -11.48 23.12
N ILE B 48 1.71 -12.15 22.18
CA ILE B 48 2.86 -11.57 21.46
C ILE B 48 3.92 -11.11 22.47
N ALA B 49 4.44 -12.06 23.23
CA ALA B 49 5.56 -11.77 24.12
C ALA B 49 5.20 -10.82 25.32
N VAL B 50 3.91 -10.62 25.62
CA VAL B 50 3.49 -9.85 26.79
C VAL B 50 3.30 -10.69 28.09
N ASN B 51 2.62 -11.84 27.98
CA ASN B 51 2.05 -12.52 29.16
C ASN B 51 3.15 -13.37 29.73
N ALA B 52 4.11 -12.69 30.36
CA ALA B 52 5.34 -13.32 30.79
C ALA B 52 5.06 -14.30 31.91
N LEU B 53 3.94 -14.07 32.60
CA LEU B 53 3.51 -15.00 33.69
C LEU B 53 2.22 -15.74 33.36
N GLY B 54 1.84 -15.66 32.09
CA GLY B 54 0.72 -16.42 31.60
C GLY B 54 -0.56 -15.63 31.90
N HIS B 55 -1.70 -16.29 31.77
CA HIS B 55 -3.03 -15.71 31.83
C HIS B 55 -3.55 -15.68 33.23
N ALA B 56 -4.26 -14.59 33.56
CA ALA B 56 -4.91 -14.46 34.87
C ALA B 56 -4.06 -14.90 36.09
N HIS B 57 -2.86 -14.38 36.17
CA HIS B 57 -1.95 -14.81 37.23
C HIS B 57 -2.47 -14.34 38.58
N PRO B 58 -2.67 -15.27 39.53
CA PRO B 58 -3.14 -14.96 40.91
C PRO B 58 -2.45 -13.76 41.59
N GLU B 59 -1.14 -13.76 41.63
CA GLU B 59 -0.38 -12.63 42.22
C GLU B 59 -0.54 -11.29 41.54
N LEU B 60 -0.63 -11.29 40.20
CA LEU B 60 -0.87 -10.05 39.42
C LEU B 60 -2.29 -9.51 39.58
N ARG B 61 -3.26 -10.39 39.79
CA ARG B 61 -4.61 -9.97 40.11
C ARG B 61 -4.67 -9.44 41.51
N GLU B 62 -3.99 -10.12 42.46
CA GLU B 62 -3.97 -9.61 43.84
C GLU B 62 -3.36 -8.19 43.83
N ALA B 63 -2.20 -7.99 43.20
CA ALA B 63 -1.61 -6.64 43.00
C ALA B 63 -2.57 -5.70 42.26
N LEU B 64 -3.31 -6.17 41.28
CA LEU B 64 -4.30 -5.29 40.56
C LEU B 64 -5.42 -4.79 41.47
N ASN B 65 -6.18 -5.74 42.01
CA ASN B 65 -7.22 -5.53 42.99
C ASN B 65 -6.76 -4.69 44.17
N GLU B 66 -5.61 -5.02 44.74
CA GLU B 66 -5.13 -4.22 45.87
C GLU B 66 -5.02 -2.72 45.52
N GLN B 67 -4.24 -2.36 44.47
CA GLN B 67 -4.11 -0.96 44.10
C GLN B 67 -5.42 -0.43 43.59
N ALA B 68 -6.19 -1.28 42.92
CA ALA B 68 -7.44 -0.79 42.31
C ALA B 68 -8.38 -0.22 43.38
N SER B 69 -8.29 -0.83 44.57
CA SER B 69 -9.15 -0.40 45.68
C SER B 69 -8.70 0.88 46.42
N LYS B 70 -7.45 1.32 46.25
CA LYS B 70 -6.96 2.61 46.78
C LYS B 70 -7.21 3.78 45.85
N PHE B 71 -6.45 3.82 44.74
CA PHE B 71 -6.74 4.77 43.61
C PHE B 71 -6.10 4.31 42.34
N TRP B 72 -6.68 4.70 41.19
CA TRP B 72 -6.19 4.25 39.88
C TRP B 72 -5.27 5.17 39.23
N HIS B 73 -5.53 6.48 39.35
CA HIS B 73 -4.96 7.44 38.49
C HIS B 73 -5.11 8.86 38.95
N THR B 74 -4.09 9.68 38.86
CA THR B 74 -4.27 11.14 39.11
C THR B 74 -3.77 11.95 37.91
N GLY B 75 -2.97 11.35 37.05
CA GLY B 75 -2.21 12.17 36.10
C GLY B 75 -0.89 12.55 36.81
N ASN B 76 0.07 13.10 36.05
CA ASN B 76 1.41 13.23 36.54
C ASN B 76 1.68 14.57 37.27
N GLY B 77 0.62 15.39 37.47
CA GLY B 77 0.71 16.46 38.44
C GLY B 77 1.10 15.97 39.87
N TYR B 78 0.93 14.66 40.15
CA TYR B 78 1.15 14.04 41.43
C TYR B 78 1.86 12.71 41.16
N THR B 79 2.92 12.39 41.83
CA THR B 79 3.49 11.05 41.65
C THR B 79 2.76 10.08 42.62
N ASN B 80 3.26 8.85 42.78
CA ASN B 80 2.63 7.82 43.62
C ASN B 80 3.70 6.83 44.04
N GLU B 81 3.32 5.98 44.98
CA GLU B 81 4.30 5.13 45.55
C GLU B 81 4.69 3.96 44.67
N PRO B 82 3.70 3.25 44.11
CA PRO B 82 4.08 2.19 43.15
C PRO B 82 4.95 2.71 41.96
N VAL B 83 4.60 3.84 41.28
CA VAL B 83 5.58 4.23 40.20
C VAL B 83 7.01 4.36 40.69
N LEU B 84 7.14 5.04 41.83
CA LEU B 84 8.43 5.31 42.41
C LEU B 84 9.10 4.01 42.78
N ARG B 85 8.38 3.11 43.43
CA ARG B 85 8.90 1.74 43.67
C ARG B 85 9.36 1.05 42.39
N LEU B 86 8.50 1.12 41.37
CA LEU B 86 8.81 0.47 40.10
C LEU B 86 10.10 1.07 39.58
N ALA B 87 10.19 2.42 39.58
CA ALA B 87 11.36 3.09 38.98
C ALA B 87 12.59 2.60 39.68
N LYS B 88 12.51 2.47 41.02
CA LYS B 88 13.65 2.11 41.78
C LYS B 88 14.12 0.69 41.46
N LYS B 89 13.18 -0.24 41.43
CA LYS B 89 13.50 -1.52 40.82
C LYS B 89 14.13 -1.45 39.44
N LEU B 90 13.59 -0.64 38.52
CA LEU B 90 14.25 -0.65 37.21
C LEU B 90 15.68 -0.16 37.35
N ILE B 91 15.82 0.98 38.04
CA ILE B 91 17.11 1.60 38.30
C ILE B 91 18.05 0.61 38.98
N ASP B 92 17.62 -0.06 40.03
CA ASP B 92 18.50 -0.99 40.72
C ASP B 92 18.95 -2.17 39.84
N ALA B 93 18.07 -2.63 38.95
CA ALA B 93 18.35 -3.83 38.17
C ALA B 93 19.06 -3.57 36.84
N THR B 94 19.29 -2.32 36.43
CA THR B 94 19.92 -2.06 35.10
C THR B 94 20.95 -0.94 35.15
N PHE B 95 21.45 -0.56 33.99
CA PHE B 95 22.45 0.51 33.89
C PHE B 95 21.83 1.88 34.28
N ALA B 96 20.49 2.00 34.16
CA ALA B 96 19.70 3.25 34.24
C ALA B 96 19.72 3.95 35.59
N ASP B 97 19.60 5.28 35.53
CA ASP B 97 19.58 6.12 36.72
C ASP B 97 18.22 6.72 36.86
N ARG B 98 17.46 6.75 35.78
CA ARG B 98 16.17 7.41 35.79
C ARG B 98 15.28 6.76 34.77
N VAL B 99 13.98 6.78 35.03
CA VAL B 99 13.06 6.25 34.07
C VAL B 99 11.91 7.22 33.76
N PHE B 100 11.30 7.04 32.57
CA PHE B 100 10.04 7.72 32.20
C PHE B 100 9.03 6.62 31.86
N PHE B 101 7.76 6.82 32.17
CA PHE B 101 6.74 5.76 31.99
C PHE B 101 5.67 6.24 31.03
N CYS B 102 5.19 5.33 30.18
CA CYS B 102 4.11 5.62 29.19
C CYS B 102 3.23 4.36 28.97
N ASN B 103 2.68 4.15 27.80
CA ASN B 103 1.63 3.13 27.72
C ASN B 103 1.83 2.07 26.68
N SER B 104 2.94 2.14 25.98
CA SER B 104 3.10 1.25 24.86
C SER B 104 4.57 1.30 24.44
N GLY B 105 5.01 0.30 23.71
CA GLY B 105 6.34 0.35 23.15
C GLY B 105 6.51 1.49 22.17
N ALA B 106 5.46 1.86 21.46
CA ALA B 106 5.70 2.95 20.53
C ALA B 106 5.94 4.23 21.37
N GLU B 107 5.24 4.39 22.47
CA GLU B 107 5.44 5.66 23.21
C GLU B 107 6.78 5.68 23.86
N ALA B 108 7.22 4.49 24.29
CA ALA B 108 8.59 4.32 24.74
C ALA B 108 9.56 4.79 23.66
N ASN B 109 9.35 4.36 22.41
CA ASN B 109 10.30 4.73 21.36
C ASN B 109 10.19 6.21 21.01
N GLU B 110 9.00 6.79 21.05
CA GLU B 110 8.89 8.27 20.95
C GLU B 110 9.77 8.95 22.01
N ALA B 111 9.55 8.65 23.26
CA ALA B 111 10.31 9.26 24.27
C ALA B 111 11.82 9.10 24.00
N ALA B 112 12.29 7.94 23.51
CA ALA B 112 13.73 7.76 23.38
C ALA B 112 14.23 8.54 22.16
N LEU B 113 13.56 8.44 21.02
CA LEU B 113 13.99 9.21 19.85
C LEU B 113 13.97 10.73 20.14
N LYS B 114 12.83 11.27 20.61
CA LYS B 114 12.79 12.66 21.10
C LYS B 114 13.98 13.00 22.03
N LEU B 115 14.32 12.12 22.97
CA LEU B 115 15.35 12.50 23.92
C LEU B 115 16.69 12.63 23.15
N ALA B 116 16.93 11.72 22.22
CA ALA B 116 18.19 11.78 21.47
C ALA B 116 18.26 13.08 20.68
N ARG B 117 17.12 13.52 20.18
CA ARG B 117 17.21 14.67 19.30
C ARG B 117 17.52 15.91 20.11
N LYS B 118 16.85 16.03 21.24
CA LYS B 118 16.99 17.26 22.04
C LYS B 118 18.42 17.31 22.59
N PHE B 119 18.92 16.16 23.04
CA PHE B 119 20.28 16.10 23.51
C PHE B 119 21.26 16.56 22.44
N ALA B 120 21.14 16.02 21.21
CA ALA B 120 22.02 16.47 20.11
C ALA B 120 21.99 17.98 19.91
N HIS B 121 20.76 18.49 19.74
CA HIS B 121 20.47 19.88 19.49
C HIS B 121 21.13 20.74 20.54
N ASP B 122 20.89 20.48 21.83
CA ASP B 122 21.43 21.22 22.93
C ASP B 122 22.92 21.18 23.07
N ARG B 123 23.54 20.02 22.89
CA ARG B 123 24.97 19.92 23.08
C ARG B 123 25.76 20.26 21.75
N TYR B 124 25.15 20.19 20.55
CA TYR B 124 25.93 20.37 19.33
C TYR B 124 25.33 21.25 18.23
N GLY B 125 24.02 21.46 18.22
CA GLY B 125 23.44 22.37 17.27
C GLY B 125 22.30 21.60 16.69
N SER B 126 21.35 22.27 16.11
CA SER B 126 20.12 21.63 15.69
C SER B 126 20.30 20.90 14.36
N HIS B 127 21.53 20.81 13.89
CA HIS B 127 21.78 20.18 12.59
C HIS B 127 22.01 18.67 12.82
N LYS B 128 22.26 18.28 14.08
CA LYS B 128 22.59 16.91 14.37
C LYS B 128 21.29 16.11 14.68
N SER B 129 20.60 15.61 13.63
CA SER B 129 19.24 15.05 13.78
C SER B 129 19.06 13.60 13.30
N GLY B 130 20.14 13.11 12.72
CA GLY B 130 20.15 11.81 12.09
C GLY B 130 19.77 10.69 13.04
N ILE B 131 18.76 9.94 12.62
CA ILE B 131 18.52 8.65 13.22
C ILE B 131 18.91 7.49 12.28
N VAL B 132 19.65 6.55 12.85
CA VAL B 132 19.95 5.34 12.07
C VAL B 132 19.20 4.17 12.64
N ALA B 133 18.41 3.51 11.80
CA ALA B 133 17.64 2.32 12.23
C ALA B 133 18.05 1.13 11.35
N PHE B 134 17.33 0.00 11.40
CA PHE B 134 17.73 -1.14 10.52
C PHE B 134 16.61 -1.73 9.68
N LYS B 135 16.88 -2.26 8.48
CA LYS B 135 15.79 -2.80 7.66
C LYS B 135 15.11 -3.94 8.39
N ASN B 136 13.78 -4.04 8.27
CA ASN B 136 13.02 -5.11 8.93
C ASN B 136 12.81 -4.92 10.46
N ALA B 137 13.48 -3.90 11.02
CA ALA B 137 13.18 -3.40 12.33
C ALA B 137 11.68 -3.06 12.43
N PHE B 138 11.20 -3.24 13.69
CA PHE B 138 9.89 -2.79 14.07
C PHE B 138 10.01 -2.11 15.41
N HIS B 139 9.49 -0.88 15.42
CA HIS B 139 9.56 0.01 16.53
C HIS B 139 8.24 0.67 16.82
N GLY B 140 7.16 0.42 16.07
CA GLY B 140 5.85 0.92 16.49
C GLY B 140 5.02 1.53 15.39
N ARG B 141 3.82 1.97 15.73
CA ARG B 141 2.93 2.41 14.66
C ARG B 141 2.63 3.92 14.68
N THR B 142 3.34 4.67 15.54
CA THR B 142 3.24 6.12 15.44
C THR B 142 4.01 6.54 14.19
N LEU B 143 3.64 7.71 13.64
CA LEU B 143 4.29 8.19 12.43
C LEU B 143 5.81 8.13 12.54
N PHE B 144 6.36 8.61 13.66
CA PHE B 144 7.80 8.68 13.88
C PHE B 144 8.35 7.27 14.04
N THR B 145 7.66 6.44 14.83
CA THR B 145 8.23 5.11 15.16
C THR B 145 8.12 4.16 13.97
N VAL B 146 7.01 4.21 13.22
CA VAL B 146 6.90 3.43 11.98
C VAL B 146 7.86 4.00 10.92
N SER B 147 8.45 5.18 11.11
CA SER B 147 9.45 5.70 10.11
C SER B 147 10.81 5.21 10.52
N ALA B 148 10.98 4.99 11.82
CA ALA B 148 12.23 4.48 12.33
C ALA B 148 12.28 2.99 11.93
N GLY B 149 11.13 2.40 11.76
CA GLY B 149 11.08 0.98 11.55
C GLY B 149 11.41 0.74 10.11
N GLY B 150 11.84 -0.48 9.82
CA GLY B 150 12.35 -0.79 8.54
C GLY B 150 11.42 -1.55 7.65
N GLN B 151 10.12 -1.29 7.75
CA GLN B 151 9.21 -1.94 6.83
C GLN B 151 8.51 -0.83 6.06
N PRO B 152 9.07 -0.44 4.85
CA PRO B 152 8.53 0.76 4.19
C PRO B 152 7.07 0.57 3.87
N ALA B 153 6.66 -0.68 3.76
CA ALA B 153 5.26 -0.92 3.52
C ALA B 153 4.33 -0.34 4.58
N TYR B 154 4.77 -0.28 5.83
CA TYR B 154 4.01 0.24 6.93
C TYR B 154 3.97 1.80 7.06
N SER B 155 4.78 2.51 6.27
CA SER B 155 4.91 3.93 6.41
C SER B 155 4.57 4.70 5.18
N GLN B 156 4.66 4.06 4.02
CA GLN B 156 4.66 4.80 2.78
C GLN B 156 3.37 5.57 2.54
N ASP B 157 2.26 5.02 3.01
CA ASP B 157 0.95 5.58 2.80
C ASP B 157 0.68 6.90 3.53
N PHE B 158 1.59 7.27 4.42
CA PHE B 158 1.35 8.28 5.45
C PHE B 158 2.29 9.47 5.30
N ALA B 159 3.13 9.37 4.28
CA ALA B 159 4.06 10.43 3.90
C ALA B 159 3.37 11.81 3.68
N PRO B 160 4.12 12.92 3.86
CA PRO B 160 5.53 12.97 4.22
C PRO B 160 5.82 12.49 5.66
N LEU B 161 6.97 11.83 5.81
CA LEU B 161 7.43 11.21 7.01
C LEU B 161 8.46 12.07 7.72
N PRO B 162 8.49 12.00 9.04
CA PRO B 162 9.53 12.87 9.60
C PRO B 162 10.92 12.60 8.95
N ALA B 163 11.74 13.64 8.73
CA ALA B 163 12.91 13.43 7.86
C ALA B 163 14.16 12.94 8.60
N ASP B 164 15.23 12.69 7.85
CA ASP B 164 16.54 12.34 8.45
C ASP B 164 16.53 10.97 9.11
N ILE B 165 15.83 10.01 8.51
CA ILE B 165 15.94 8.64 9.03
C ILE B 165 16.63 7.75 7.98
N ARG B 166 17.70 7.09 8.35
CA ARG B 166 18.28 6.12 7.41
C ARG B 166 18.19 4.71 8.02
N HIS B 167 17.97 3.76 7.13
CA HIS B 167 18.09 2.31 7.46
C HIS B 167 19.28 1.60 6.90
N ALA B 168 20.05 0.99 7.77
CA ALA B 168 21.21 0.18 7.40
C ALA B 168 20.75 -1.27 7.47
N ALA B 169 21.71 -2.18 7.30
CA ALA B 169 21.46 -3.61 7.28
C ALA B 169 21.70 -4.23 8.62
N TYR B 170 20.77 -5.05 9.07
CA TYR B 170 20.92 -5.62 10.37
C TYR B 170 22.16 -6.50 10.39
N ASN B 171 22.93 -6.43 11.46
CA ASN B 171 24.04 -7.35 11.58
C ASN B 171 25.22 -7.06 10.65
N ASP B 172 25.14 -5.95 9.93
CA ASP B 172 26.12 -5.59 8.96
C ASP B 172 26.70 -4.22 9.33
N ILE B 173 27.81 -4.29 10.10
CA ILE B 173 28.45 -3.16 10.74
C ILE B 173 28.99 -2.15 9.71
N ASN B 174 29.20 -2.63 8.51
CA ASN B 174 29.59 -1.75 7.42
C ASN B 174 28.42 -0.95 6.90
N SER B 175 27.23 -1.54 6.91
CA SER B 175 26.07 -0.77 6.48
C SER B 175 25.83 0.39 7.45
N ALA B 176 25.96 0.12 8.75
CA ALA B 176 25.84 1.11 9.83
C ALA B 176 26.92 2.18 9.71
N SER B 177 28.18 1.76 9.86
CA SER B 177 29.29 2.64 9.65
C SER B 177 29.08 3.63 8.50
N ALA B 178 28.61 3.19 7.34
CA ALA B 178 28.37 4.14 6.21
C ALA B 178 27.25 5.16 6.42
N LEU B 179 26.43 5.01 7.47
CA LEU B 179 25.31 5.97 7.64
C LEU B 179 25.44 6.77 8.91
N ILE B 180 26.34 6.39 9.77
CA ILE B 180 26.44 7.04 11.04
C ILE B 180 27.63 7.92 10.88
N ASP B 181 27.43 9.19 11.19
CA ASP B 181 28.53 10.16 11.24
C ASP B 181 28.29 11.19 12.36
N ASP B 182 28.77 12.42 12.21
CA ASP B 182 28.71 13.40 13.28
C ASP B 182 27.35 14.12 13.28
N SER B 183 26.62 14.00 12.17
CA SER B 183 25.20 14.45 12.06
C SER B 183 24.22 13.43 12.67
N THR B 184 24.73 12.29 13.12
CA THR B 184 23.85 11.33 13.70
C THR B 184 23.59 11.59 15.24
N CYS B 185 22.29 11.65 15.62
CA CYS B 185 21.85 11.84 17.03
C CYS B 185 21.53 10.52 17.68
N ALA B 186 21.02 9.58 16.89
CA ALA B 186 20.60 8.25 17.44
C ALA B 186 20.75 7.08 16.52
N VAL B 187 21.16 5.99 17.15
CA VAL B 187 21.08 4.70 16.47
C VAL B 187 20.17 3.89 17.34
N ILE B 188 19.17 3.30 16.73
CA ILE B 188 18.17 2.52 17.47
C ILE B 188 18.17 1.11 16.92
N VAL B 189 18.20 0.12 17.78
CA VAL B 189 18.28 -1.24 17.27
C VAL B 189 17.53 -2.26 18.18
N GLU B 190 16.91 -3.31 17.62
CA GLU B 190 16.42 -4.41 18.46
C GLU B 190 17.57 -5.40 18.75
N PRO B 191 17.81 -5.82 20.00
CA PRO B 191 18.84 -6.83 20.18
C PRO B 191 18.51 -8.18 19.57
N ILE B 192 17.21 -8.46 19.36
CA ILE B 192 16.80 -9.50 18.40
C ILE B 192 15.71 -8.89 17.55
N GLN B 193 15.84 -8.85 16.24
CA GLN B 193 14.72 -8.37 15.45
C GLN B 193 13.53 -9.35 15.60
N GLY B 194 12.39 -8.80 16.03
CA GLY B 194 11.34 -9.63 16.53
C GLY B 194 10.34 -9.87 15.46
N GLU B 195 9.42 -8.93 15.29
CA GLU B 195 8.55 -8.88 14.14
C GLU B 195 9.26 -9.28 12.86
N GLY B 196 10.50 -8.82 12.65
CA GLY B 196 11.16 -9.16 11.38
C GLY B 196 11.99 -10.44 11.31
N GLY B 197 11.57 -11.50 12.01
CA GLY B 197 12.05 -12.83 11.69
C GLY B 197 12.73 -13.54 12.81
N VAL B 198 12.67 -12.98 14.02
CA VAL B 198 13.38 -13.48 15.21
C VAL B 198 14.88 -13.58 14.83
N VAL B 199 15.49 -12.45 14.45
CA VAL B 199 16.89 -12.50 14.02
C VAL B 199 17.86 -11.94 15.05
N PRO B 200 18.61 -12.81 15.71
CA PRO B 200 19.46 -12.29 16.79
C PRO B 200 20.67 -11.46 16.28
N ALA B 201 21.08 -10.45 17.02
CA ALA B 201 22.19 -9.62 16.59
C ALA B 201 23.43 -10.38 17.01
N SER B 202 24.53 -10.21 16.30
CA SER B 202 25.77 -10.80 16.83
C SER B 202 26.43 -9.83 17.84
N ASN B 203 27.27 -10.38 18.69
CA ASN B 203 27.92 -9.59 19.67
C ASN B 203 28.79 -8.52 19.02
N ALA B 204 29.50 -8.87 17.96
CA ALA B 204 30.37 -7.93 17.27
C ALA B 204 29.55 -6.75 16.66
N PHE B 205 28.39 -7.05 16.09
CA PHE B 205 27.54 -6.03 15.47
C PHE B 205 27.11 -5.02 16.53
N LEU B 206 26.77 -5.53 17.73
CA LEU B 206 26.35 -4.66 18.81
C LEU B 206 27.50 -3.85 19.42
N GLN B 207 28.62 -4.48 19.81
CA GLN B 207 29.84 -3.71 20.19
C GLN B 207 30.24 -2.66 19.15
N GLY B 208 30.08 -2.99 17.87
CA GLY B 208 30.34 -2.09 16.76
C GLY B 208 29.53 -0.79 16.80
N LEU B 209 28.20 -0.92 16.90
CA LEU B 209 27.34 0.25 17.11
C LEU B 209 27.74 0.99 18.41
N ARG B 210 28.03 0.31 19.51
CA ARG B 210 28.44 1.07 20.68
C ARG B 210 29.72 1.90 20.35
N GLU B 211 30.72 1.28 19.69
CA GLU B 211 31.98 1.97 19.31
C GLU B 211 31.68 3.17 18.43
N LEU B 212 30.83 2.94 17.45
CA LEU B 212 30.54 3.88 16.40
C LEU B 212 29.70 5.08 16.99
N CYS B 213 28.92 4.82 18.04
CA CYS B 213 28.10 5.83 18.70
C CYS B 213 29.01 6.68 19.59
N ASN B 214 29.99 6.04 20.21
CA ASN B 214 31.00 6.79 20.95
C ASN B 214 31.84 7.66 20.01
N ARG B 215 32.22 7.14 18.85
CA ARG B 215 33.03 7.96 17.98
C ARG B 215 32.22 9.14 17.51
N HIS B 216 30.95 8.96 17.25
CA HIS B 216 30.25 10.08 16.62
C HIS B 216 29.31 10.90 17.48
N ASN B 217 29.39 10.70 18.81
CA ASN B 217 28.40 11.27 19.75
C ASN B 217 26.87 11.15 19.36
N ALA B 218 26.46 9.92 19.10
CA ALA B 218 25.06 9.59 18.89
C ALA B 218 24.66 8.73 20.09
N LEU B 219 23.40 8.86 20.51
CA LEU B 219 22.87 7.88 21.49
C LEU B 219 22.50 6.55 20.83
N LEU B 220 23.00 5.53 21.50
CA LEU B 220 22.69 4.18 21.14
C LEU B 220 21.45 3.78 21.90
N ILE B 221 20.36 3.46 21.18
CA ILE B 221 19.06 3.09 21.75
C ILE B 221 18.75 1.59 21.51
N PHE B 222 18.58 0.81 22.58
CA PHE B 222 18.18 -0.57 22.46
C PHE B 222 16.66 -0.62 22.66
N ASP B 223 15.92 -0.93 21.58
CA ASP B 223 14.53 -1.22 21.65
C ASP B 223 14.35 -2.63 22.18
N GLU B 224 14.19 -2.75 23.49
CA GLU B 224 13.96 -4.03 24.15
C GLU B 224 12.47 -4.30 24.45
N VAL B 225 11.58 -3.72 23.65
CA VAL B 225 10.15 -4.03 23.95
C VAL B 225 9.72 -5.51 23.76
N GLN B 226 10.31 -6.22 22.81
CA GLN B 226 10.09 -7.66 22.73
C GLN B 226 11.10 -8.47 23.50
N THR B 227 12.38 -8.15 23.39
CA THR B 227 13.43 -8.97 24.02
C THR B 227 13.60 -8.71 25.56
N GLY B 228 12.85 -7.75 26.11
CA GLY B 228 13.00 -7.33 27.51
C GLY B 228 12.37 -8.21 28.57
N VAL B 229 12.69 -7.95 29.85
CA VAL B 229 11.94 -8.50 31.00
C VAL B 229 11.96 -10.03 31.02
N GLY B 230 13.16 -10.61 31.04
CA GLY B 230 13.35 -12.04 31.22
C GLY B 230 13.34 -12.89 29.99
N ARG B 231 12.88 -12.31 28.88
CA ARG B 231 12.61 -13.03 27.66
C ARG B 231 13.78 -13.88 27.22
N THR B 232 14.98 -13.28 27.17
CA THR B 232 16.18 -14.01 26.64
C THR B 232 16.84 -14.90 27.65
N GLY B 233 16.40 -14.90 28.89
CA GLY B 233 17.12 -15.65 29.91
C GLY B 233 17.84 -14.71 30.85
N GLU B 234 18.21 -13.51 30.41
CA GLU B 234 18.57 -12.47 31.39
C GLU B 234 17.43 -11.47 31.49
N LEU B 235 17.45 -10.61 32.50
CA LEU B 235 16.42 -9.59 32.63
C LEU B 235 16.24 -8.76 31.34
N TYR B 236 17.33 -8.29 30.75
CA TYR B 236 17.30 -7.61 29.44
C TYR B 236 18.46 -8.17 28.58
N ALA B 237 18.17 -8.32 27.29
CA ALA B 237 19.09 -8.81 26.35
C ALA B 237 20.48 -8.15 26.46
N TYR B 238 20.52 -6.84 26.68
CA TYR B 238 21.77 -6.13 26.65
C TYR B 238 22.68 -6.79 27.67
N MET B 239 22.09 -7.46 28.66
CA MET B 239 22.94 -8.13 29.67
C MET B 239 23.57 -9.43 29.14
N HIS B 240 22.84 -10.13 28.25
CA HIS B 240 23.36 -11.29 27.53
C HIS B 240 24.53 -10.95 26.63
N TYR B 241 24.43 -9.83 25.93
CA TYR B 241 25.42 -9.39 24.99
C TYR B 241 26.54 -8.55 25.61
N GLY B 242 26.47 -8.25 26.91
CA GLY B 242 27.40 -7.31 27.56
C GLY B 242 27.69 -5.97 26.84
N VAL B 243 26.71 -5.37 26.18
CA VAL B 243 26.90 -4.06 25.55
C VAL B 243 25.84 -3.13 26.09
N THR B 244 26.26 -2.05 26.73
CA THR B 244 25.36 -1.13 27.38
C THR B 244 24.88 0.03 26.49
N PRO B 245 23.54 0.18 26.34
CA PRO B 245 22.98 1.27 25.56
C PRO B 245 22.98 2.61 26.29
N ASP B 246 22.65 3.69 25.62
CA ASP B 246 22.45 4.95 26.37
C ASP B 246 21.00 5.02 26.81
N LEU B 247 20.10 4.51 25.98
CA LEU B 247 18.70 4.45 26.28
C LEU B 247 18.26 3.00 26.07
N LEU B 248 17.25 2.57 26.81
CA LEU B 248 16.63 1.28 26.65
C LEU B 248 15.11 1.48 26.83
N THR B 249 14.36 0.95 25.90
CA THR B 249 12.92 1.10 25.98
C THR B 249 12.40 -0.32 26.33
N THR B 250 11.19 -0.41 26.86
CA THR B 250 10.72 -1.67 27.42
C THR B 250 9.21 -1.55 27.54
N ALA B 251 8.47 -2.63 27.30
CA ALA B 251 7.04 -2.54 27.36
C ALA B 251 6.59 -3.97 27.43
N LYS B 252 5.64 -4.40 26.61
CA LYS B 252 5.14 -5.79 26.61
C LYS B 252 5.12 -6.44 27.95
N ALA B 253 6.02 -7.37 28.17
CA ALA B 253 6.04 -8.15 29.41
C ALA B 253 6.23 -7.37 30.69
N LEU B 254 6.83 -6.18 30.60
CA LEU B 254 6.94 -5.33 31.76
C LEU B 254 5.61 -5.32 32.56
N GLY B 255 4.49 -5.23 31.84
CA GLY B 255 3.16 -5.08 32.52
C GLY B 255 2.35 -6.38 32.69
N GLY B 256 2.95 -7.52 32.34
CA GLY B 256 2.31 -8.82 32.41
C GLY B 256 0.96 -8.87 31.75
N GLY B 257 0.69 -7.99 30.78
CA GLY B 257 -0.71 -7.93 30.27
C GLY B 257 -1.38 -6.58 30.54
N PHE B 258 -0.88 -5.85 31.51
CA PHE B 258 -1.37 -4.49 31.77
C PHE B 258 -0.69 -3.48 30.78
N PRO B 259 -1.42 -2.53 30.23
CA PRO B 259 -0.68 -1.61 29.33
C PRO B 259 0.32 -0.69 30.09
N VAL B 260 1.60 -0.90 29.90
CA VAL B 260 2.59 -0.05 30.48
C VAL B 260 3.75 -0.04 29.49
N GLY B 261 4.54 1.05 29.45
CA GLY B 261 5.91 1.00 28.93
C GLY B 261 6.87 1.97 29.60
N ALA B 262 8.16 1.88 29.26
CA ALA B 262 9.15 2.72 29.96
C ALA B 262 10.34 3.05 29.10
N LEU B 263 10.92 4.23 29.36
CA LEU B 263 12.23 4.61 28.86
C LEU B 263 13.22 4.58 30.04
N LEU B 264 14.31 3.87 29.84
CA LEU B 264 15.41 3.76 30.83
C LEU B 264 16.59 4.58 30.36
N ALA B 265 17.06 5.49 31.20
CA ALA B 265 18.16 6.35 30.82
C ALA B 265 19.17 6.53 31.94
N THR B 266 20.37 6.89 31.52
CA THR B 266 21.43 7.33 32.41
C THR B 266 21.10 8.74 32.84
N GLU B 267 21.68 9.11 33.98
CA GLU B 267 21.68 10.46 34.55
C GLU B 267 21.92 11.57 33.52
N GLU B 268 22.99 11.43 32.73
CA GLU B 268 23.42 12.31 31.58
CA GLU B 268 23.38 12.41 31.73
C GLU B 268 22.25 12.69 30.70
N CYS B 269 21.64 11.65 30.12
CA CYS B 269 20.58 11.87 29.12
C CYS B 269 19.27 12.33 29.75
N ALA B 270 19.02 11.84 30.97
CA ALA B 270 17.79 12.15 31.66
C ALA B 270 17.77 13.64 31.99
N ARG B 271 18.90 14.18 32.47
CA ARG B 271 19.07 15.63 32.70
CA ARG B 271 18.94 15.61 32.76
C ARG B 271 18.54 16.44 31.51
N VAL B 272 18.65 15.88 30.30
CA VAL B 272 18.23 16.74 29.17
C VAL B 272 16.74 17.07 29.06
N MET B 273 15.87 16.21 29.58
CA MET B 273 14.39 16.38 29.46
C MET B 273 13.88 17.27 30.59
N THR B 274 13.76 18.56 30.39
CA THR B 274 13.40 19.46 31.47
C THR B 274 11.84 19.61 31.57
N VAL B 275 11.33 20.55 32.33
CA VAL B 275 9.91 20.50 32.69
C VAL B 275 9.02 20.89 31.56
N GLY B 276 8.04 20.07 31.29
CA GLY B 276 7.09 20.30 30.18
C GLY B 276 7.56 19.91 28.78
N THR B 277 8.74 19.31 28.66
CA THR B 277 9.27 18.97 27.34
C THR B 277 8.68 17.68 26.78
N HIS B 278 8.15 16.83 27.65
CA HIS B 278 7.44 15.62 27.22
C HIS B 278 6.40 15.28 28.29
N GLY B 279 5.56 14.28 28.06
CA GLY B 279 4.69 13.78 29.11
C GLY B 279 3.58 12.97 28.51
N THR B 280 2.71 12.43 29.35
CA THR B 280 1.63 11.50 28.93
C THR B 280 0.50 11.59 29.94
N THR B 281 -0.80 11.59 29.56
CA THR B 281 -1.82 11.48 30.58
C THR B 281 -1.71 10.23 31.50
N TYR B 282 -1.67 9.05 30.95
CA TYR B 282 -1.83 7.88 31.74
C TYR B 282 -0.53 7.39 32.29
N GLY B 283 0.59 7.93 31.75
CA GLY B 283 1.87 7.34 31.95
C GLY B 283 2.22 7.21 33.44
N GLY B 284 2.57 6.04 33.85
CA GLY B 284 3.04 6.02 35.23
C GLY B 284 1.98 6.08 36.33
N ASN B 285 0.72 5.81 35.96
CA ASN B 285 -0.38 5.61 36.92
C ASN B 285 -0.10 4.52 37.92
N PRO B 286 -0.77 4.57 39.06
CA PRO B 286 -0.36 3.57 40.05
C PRO B 286 -0.89 2.11 39.77
N LEU B 287 -1.99 1.95 39.03
CA LEU B 287 -2.43 0.58 38.70
C LEU B 287 -1.37 -0.15 37.88
N ALA B 288 -0.98 0.42 36.72
CA ALA B 288 0.13 -0.11 35.91
C ALA B 288 1.35 -0.39 36.74
N SER B 289 1.72 0.61 37.49
CA SER B 289 2.85 0.55 38.35
C SER B 289 2.80 -0.56 39.39
N ALA B 290 1.64 -0.79 39.97
CA ALA B 290 1.59 -1.87 40.95
C ALA B 290 1.73 -3.22 40.30
N VAL B 291 1.20 -3.36 39.07
CA VAL B 291 1.25 -4.63 38.34
C VAL B 291 2.70 -4.93 37.86
N ALA B 292 3.32 -3.95 37.18
CA ALA B 292 4.67 -4.11 36.64
C ALA B 292 5.61 -4.40 37.78
N GLY B 293 5.45 -3.64 38.88
CA GLY B 293 6.11 -3.89 40.14
C GLY B 293 6.12 -5.36 40.53
N LYS B 294 4.94 -5.98 40.65
CA LYS B 294 4.85 -7.44 40.85
C LYS B 294 5.53 -8.28 39.78
N VAL B 295 5.28 -7.94 38.48
CA VAL B 295 5.93 -8.66 37.40
C VAL B 295 7.43 -8.69 37.62
N LEU B 296 8.05 -7.53 37.85
CA LEU B 296 9.53 -7.50 38.07
C LEU B 296 9.97 -8.39 39.24
N GLU B 297 9.32 -8.23 40.38
CA GLU B 297 9.55 -9.09 41.53
C GLU B 297 9.50 -10.61 41.18
N LEU B 298 8.52 -11.06 40.38
CA LEU B 298 8.32 -12.48 40.09
C LEU B 298 9.20 -12.96 38.99
N ILE B 299 9.69 -12.04 38.16
CA ILE B 299 10.54 -12.46 37.06
C ILE B 299 12.03 -12.27 37.27
N ASN B 300 12.42 -11.16 37.91
CA ASN B 300 13.84 -10.92 38.17
C ASN B 300 14.31 -11.73 39.33
N THR B 301 14.36 -13.05 39.13
CA THR B 301 14.92 -13.99 40.14
C THR B 301 15.80 -14.97 39.39
N PRO B 302 16.76 -15.55 40.09
CA PRO B 302 17.57 -16.57 39.41
C PRO B 302 16.81 -17.83 38.98
N GLU B 303 15.76 -18.21 39.69
CA GLU B 303 15.06 -19.43 39.32
CA GLU B 303 14.98 -19.43 39.35
C GLU B 303 14.18 -19.25 38.04
N MET B 304 13.55 -18.10 37.83
CA MET B 304 12.76 -17.87 36.61
C MET B 304 13.66 -17.79 35.43
N LEU B 305 14.65 -16.90 35.56
CA LEU B 305 15.60 -16.65 34.49
C LEU B 305 16.36 -17.90 34.15
N ASN B 306 16.88 -18.66 35.12
CA ASN B 306 17.43 -19.98 34.74
C ASN B 306 16.38 -20.85 34.11
N GLY B 307 15.18 -20.84 34.70
CA GLY B 307 13.99 -21.57 34.17
C GLY B 307 13.78 -21.28 32.70
N VAL B 308 14.03 -20.05 32.29
CA VAL B 308 13.83 -19.63 30.92
C VAL B 308 14.90 -20.28 30.02
N LYS B 309 16.16 -20.37 30.50
CA LYS B 309 17.22 -21.15 29.78
C LYS B 309 16.80 -22.65 29.61
N GLN B 310 16.50 -23.32 30.74
CA GLN B 310 15.93 -24.66 30.77
C GLN B 310 14.77 -24.80 29.76
N ARG B 311 13.77 -23.88 29.80
CA ARG B 311 12.64 -23.93 28.83
C ARG B 311 13.06 -23.82 27.37
N HIS B 312 14.04 -22.97 27.11
CA HIS B 312 14.56 -22.82 25.77
C HIS B 312 14.94 -24.17 25.29
N ASP B 313 15.51 -24.98 26.20
CA ASP B 313 16.00 -26.32 25.79
C ASP B 313 14.85 -27.25 25.40
N TRP B 314 13.77 -27.24 26.21
CA TRP B 314 12.63 -28.06 25.92
C TRP B 314 12.15 -27.75 24.55
N PHE B 315 12.02 -26.46 24.22
CA PHE B 315 11.37 -26.07 22.97
C PHE B 315 12.24 -26.53 21.82
N VAL B 316 13.56 -26.35 21.95
CA VAL B 316 14.48 -26.68 20.85
C VAL B 316 14.77 -28.22 20.70
N GLU B 317 15.03 -28.97 21.78
CA GLU B 317 15.14 -30.43 21.63
C GLU B 317 13.89 -30.90 20.81
N ARG B 318 12.72 -30.43 21.21
CA ARG B 318 11.51 -30.88 20.58
C ARG B 318 11.25 -30.28 19.17
N LEU B 319 11.52 -29.02 18.93
CA LEU B 319 11.26 -28.57 17.55
C LEU B 319 12.21 -29.28 16.57
N ASN B 320 13.39 -29.66 17.05
CA ASN B 320 14.29 -30.48 16.23
C ASN B 320 13.70 -31.85 15.85
N THR B 321 13.34 -32.62 16.89
CA THR B 321 12.55 -33.83 16.70
C THR B 321 11.42 -33.66 15.64
N ILE B 322 10.58 -32.63 15.77
CA ILE B 322 9.46 -32.41 14.82
C ILE B 322 10.01 -32.12 13.47
N ASN B 323 11.03 -31.29 13.44
CA ASN B 323 11.61 -30.97 12.16
C ASN B 323 12.27 -32.22 11.50
N HIS B 324 12.84 -33.11 12.31
N HIS B 324 12.81 -33.11 12.32
CA HIS B 324 13.37 -34.37 11.76
CA HIS B 324 13.40 -34.36 11.82
C HIS B 324 12.24 -35.06 11.06
C HIS B 324 12.36 -35.32 11.27
N ARG B 325 11.10 -35.21 11.73
CA ARG B 325 9.97 -35.93 11.08
C ARG B 325 9.43 -35.22 9.84
N TYR B 326 9.33 -33.88 9.83
CA TYR B 326 8.61 -33.26 8.69
C TYR B 326 9.46 -32.39 7.74
N GLY B 327 10.74 -32.17 8.07
CA GLY B 327 11.66 -31.34 7.28
C GLY B 327 11.03 -30.01 6.85
N LEU B 328 10.70 -29.15 7.82
CA LEU B 328 9.93 -27.91 7.53
C LEU B 328 10.81 -26.65 7.53
N PHE B 329 11.86 -26.73 8.34
CA PHE B 329 12.60 -25.60 8.77
C PHE B 329 14.09 -25.67 8.43
N SER B 330 14.65 -24.59 7.86
CA SER B 330 16.09 -24.54 7.59
C SER B 330 16.93 -24.30 8.83
N GLU B 331 16.28 -23.99 9.96
CA GLU B 331 16.97 -23.56 11.19
C GLU B 331 15.99 -23.26 12.29
N VAL B 332 16.45 -23.40 13.52
CA VAL B 332 15.72 -22.92 14.66
C VAL B 332 16.59 -21.89 15.38
N ARG B 333 16.12 -20.63 15.49
CA ARG B 333 16.93 -19.52 16.05
C ARG B 333 16.27 -18.67 17.16
N GLY B 334 17.08 -17.89 17.85
CA GLY B 334 16.57 -17.00 18.84
C GLY B 334 17.26 -17.36 20.11
N LEU B 335 16.66 -16.95 21.20
CA LEU B 335 17.33 -16.92 22.46
C LEU B 335 16.25 -16.89 23.53
N GLY B 336 16.54 -17.61 24.61
CA GLY B 336 15.55 -17.86 25.66
C GLY B 336 14.22 -18.28 25.10
N LEU B 337 13.18 -17.52 25.45
CA LEU B 337 11.86 -17.82 24.97
C LEU B 337 11.44 -16.91 23.90
N LEU B 338 12.36 -16.45 23.06
CA LEU B 338 11.88 -15.91 21.74
C LEU B 338 12.55 -16.71 20.64
N ILE B 339 11.71 -17.54 19.99
CA ILE B 339 12.15 -18.62 19.14
C ILE B 339 11.54 -18.52 17.75
N GLY B 340 12.36 -18.52 16.71
CA GLY B 340 11.88 -18.54 15.34
C GLY B 340 12.25 -19.84 14.66
N CYS B 341 11.27 -20.46 14.05
CA CYS B 341 11.51 -21.62 13.19
C CYS B 341 11.48 -21.14 11.75
N VAL B 342 12.63 -21.16 11.04
CA VAL B 342 12.65 -20.59 9.69
C VAL B 342 12.30 -21.59 8.58
N LEU B 343 11.36 -21.21 7.75
CA LEU B 343 10.89 -22.14 6.75
C LEU B 343 11.95 -22.40 5.66
N ASN B 344 12.04 -23.67 5.22
CA ASN B 344 12.67 -24.10 3.97
C ASN B 344 12.11 -23.42 2.76
N ALA B 345 12.91 -23.41 1.72
CA ALA B 345 12.48 -22.77 0.50
C ALA B 345 11.22 -23.43 -0.10
N ASP B 346 11.03 -24.74 0.14
CA ASP B 346 9.81 -25.45 -0.36
C ASP B 346 8.52 -24.91 0.28
N TYR B 347 8.63 -24.38 1.51
CA TYR B 347 7.50 -23.86 2.31
C TYR B 347 7.59 -22.34 2.57
N ALA B 348 8.46 -21.64 1.84
CA ALA B 348 8.63 -20.23 2.07
C ALA B 348 7.29 -19.51 1.84
N GLY B 349 7.02 -18.50 2.68
CA GLY B 349 5.78 -17.69 2.66
C GLY B 349 4.55 -18.31 3.32
N GLN B 350 4.69 -19.49 3.91
CA GLN B 350 3.55 -20.22 4.50
C GLN B 350 3.59 -20.34 6.03
N ALA B 351 4.30 -19.45 6.71
CA ALA B 351 4.22 -19.44 8.17
C ALA B 351 2.76 -19.22 8.66
N LYS B 352 2.01 -18.37 8.00
CA LYS B 352 0.68 -18.15 8.44
C LYS B 352 -0.16 -19.42 8.33
N GLN B 353 -0.08 -20.08 7.15
CA GLN B 353 -0.78 -21.38 7.00
C GLN B 353 -0.41 -22.30 8.11
N ILE B 354 0.86 -22.36 8.50
CA ILE B 354 1.22 -23.23 9.61
C ILE B 354 0.52 -22.82 10.90
N SER B 355 0.63 -21.54 11.22
CA SER B 355 -0.01 -20.96 12.39
C SER B 355 -1.56 -21.21 12.41
N GLN B 356 -2.22 -21.19 11.27
CA GLN B 356 -3.62 -21.60 11.27
C GLN B 356 -3.87 -23.09 11.59
N GLU B 357 -3.00 -23.98 11.15
CA GLU B 357 -3.32 -25.38 11.24
C GLU B 357 -3.13 -25.68 12.74
N ALA B 358 -2.19 -24.95 13.37
CA ALA B 358 -1.87 -25.11 14.80
C ALA B 358 -3.04 -24.59 15.66
N ALA B 359 -3.57 -23.43 15.35
CA ALA B 359 -4.87 -23.06 15.99
C ALA B 359 -5.94 -24.16 15.81
N LYS B 360 -6.11 -24.71 14.60
CA LYS B 360 -7.04 -25.82 14.48
C LYS B 360 -6.67 -26.98 15.39
N ALA B 361 -5.38 -27.22 15.61
CA ALA B 361 -4.98 -28.38 16.39
C ALA B 361 -4.99 -28.04 17.91
N GLY B 362 -5.35 -26.79 18.24
CA GLY B 362 -5.36 -26.32 19.64
C GLY B 362 -4.02 -25.86 20.19
N VAL B 363 -3.17 -25.25 19.35
CA VAL B 363 -2.01 -24.56 19.90
C VAL B 363 -1.90 -23.20 19.26
N MET B 364 -1.64 -22.16 20.06
CA MET B 364 -1.44 -20.84 19.44
C MET B 364 0.04 -20.56 19.32
N VAL B 365 0.41 -20.21 18.08
CA VAL B 365 1.77 -19.78 17.75
C VAL B 365 1.70 -18.49 16.91
N LEU B 366 2.80 -17.77 16.83
CA LEU B 366 2.87 -16.57 16.05
C LEU B 366 3.65 -16.76 14.71
N ILE B 367 3.60 -15.73 13.86
CA ILE B 367 4.56 -15.59 12.77
C ILE B 367 5.53 -14.44 13.04
N ALA B 368 6.48 -14.24 12.15
CA ALA B 368 7.38 -13.13 12.31
C ALA B 368 7.85 -12.96 10.89
N GLY B 369 6.94 -12.45 10.09
CA GLY B 369 7.09 -12.50 8.63
C GLY B 369 6.63 -13.85 8.08
N GLY B 370 6.30 -13.89 6.79
CA GLY B 370 5.93 -15.13 6.13
C GLY B 370 6.82 -16.37 6.25
N ASN B 371 8.07 -16.28 6.69
CA ASN B 371 8.93 -17.46 6.69
C ASN B 371 9.37 -17.88 8.06
N VAL B 372 8.82 -17.25 9.10
CA VAL B 372 9.17 -17.73 10.45
C VAL B 372 7.94 -18.10 11.27
N VAL B 373 7.90 -19.31 11.82
CA VAL B 373 6.91 -19.48 12.88
C VAL B 373 7.55 -19.08 14.20
N ARG B 374 6.85 -18.20 14.93
CA ARG B 374 7.39 -17.60 16.16
C ARG B 374 6.76 -18.16 17.43
N PHE B 375 7.59 -18.42 18.43
CA PHE B 375 7.11 -18.89 19.76
C PHE B 375 7.52 -17.92 20.83
N ALA B 376 6.55 -17.46 21.58
CA ALA B 376 6.80 -16.41 22.55
C ALA B 376 6.06 -16.78 23.84
N PRO B 377 6.25 -17.99 24.33
CA PRO B 377 5.37 -18.38 25.41
C PRO B 377 5.73 -17.68 26.74
N ALA B 378 4.80 -17.74 27.68
CA ALA B 378 4.96 -17.36 29.05
C ALA B 378 6.29 -17.93 29.62
N LEU B 379 7.00 -17.13 30.41
CA LEU B 379 8.28 -17.51 30.96
C LEU B 379 8.01 -18.51 32.03
N ASN B 380 6.82 -18.55 32.60
CA ASN B 380 6.58 -19.62 33.54
C ASN B 380 5.89 -20.91 32.95
N VAL B 381 5.72 -21.05 31.62
CA VAL B 381 5.06 -22.21 31.09
C VAL B 381 5.65 -23.43 31.76
N SER B 382 4.82 -24.45 31.94
CA SER B 382 5.22 -25.67 32.63
C SER B 382 5.63 -26.71 31.66
N GLU B 383 6.29 -27.73 32.21
CA GLU B 383 6.81 -28.78 31.38
C GLU B 383 5.71 -29.52 30.67
N GLU B 384 4.67 -29.86 31.42
CA GLU B 384 3.45 -30.40 30.82
C GLU B 384 2.89 -29.54 29.69
N GLU B 385 2.80 -28.21 29.92
CA GLU B 385 2.20 -27.31 28.91
C GLU B 385 3.09 -27.22 27.62
N VAL B 386 4.43 -27.27 27.79
CA VAL B 386 5.31 -27.28 26.61
C VAL B 386 5.11 -28.55 25.79
N THR B 387 5.13 -29.69 26.47
CA THR B 387 4.92 -30.98 25.79
C THR B 387 3.58 -31.12 25.10
N THR B 388 2.49 -30.75 25.81
CA THR B 388 1.20 -30.86 25.17
C THR B 388 1.10 -29.94 23.99
N GLY B 389 1.63 -28.74 24.08
CA GLY B 389 1.49 -27.79 22.96
C GLY B 389 2.40 -28.16 21.80
N LEU B 390 3.58 -28.76 22.13
CA LEU B 390 4.35 -29.31 21.03
C LEU B 390 3.71 -30.53 20.33
N ASP B 391 3.12 -31.46 21.10
CA ASP B 391 2.37 -32.60 20.51
C ASP B 391 1.39 -32.01 19.48
N ARG B 392 0.67 -30.93 19.85
CA ARG B 392 -0.32 -30.41 18.88
C ARG B 392 0.32 -29.63 17.73
N PHE B 393 1.36 -28.86 18.06
CA PHE B 393 2.15 -28.37 16.96
C PHE B 393 2.67 -29.52 16.07
N ALA B 394 3.07 -30.64 16.66
CA ALA B 394 3.47 -31.79 15.76
C ALA B 394 2.30 -32.34 14.87
N ALA B 395 1.12 -32.45 15.45
CA ALA B 395 -0.01 -32.92 14.71
C ALA B 395 -0.34 -31.94 13.60
N ALA B 396 -0.22 -30.64 13.86
CA ALA B 396 -0.57 -29.61 12.90
C ALA B 396 0.42 -29.65 11.75
N CYS B 397 1.70 -29.80 12.11
CA CYS B 397 2.76 -29.98 11.13
C CYS B 397 2.45 -31.17 10.21
N GLU B 398 2.04 -32.29 10.80
CA GLU B 398 1.59 -33.46 9.97
C GLU B 398 0.46 -33.10 8.97
N HIS B 399 -0.60 -32.40 9.40
CA HIS B 399 -1.70 -32.10 8.49
C HIS B 399 -1.26 -31.20 7.40
N PHE B 400 -0.41 -30.24 7.75
CA PHE B 400 0.06 -29.24 6.83
C PHE B 400 0.86 -29.86 5.71
N VAL B 401 1.78 -30.76 6.10
CA VAL B 401 2.61 -31.49 5.14
C VAL B 401 1.83 -32.41 4.17
N SER B 402 0.57 -32.74 4.45
CA SER B 402 -0.26 -33.49 3.48
C SER B 402 -1.66 -32.89 3.15
N GLN C 3 12.11 0.91 -51.27
CA GLN C 3 12.49 -0.35 -50.59
C GLN C 3 11.47 -1.46 -50.90
N PRO C 4 11.93 -2.61 -51.48
CA PRO C 4 11.05 -3.77 -51.80
C PRO C 4 11.28 -5.05 -50.92
N ILE C 5 10.18 -5.76 -50.61
CA ILE C 5 10.11 -6.74 -49.47
C ILE C 5 9.74 -8.21 -49.75
N THR C 6 10.48 -9.14 -49.13
CA THR C 6 10.28 -10.56 -49.37
C THR C 6 10.31 -11.34 -48.06
N ARG C 7 9.86 -12.57 -48.14
CA ARG C 7 9.81 -13.45 -47.01
C ARG C 7 11.24 -13.81 -46.51
N GLU C 8 12.25 -13.68 -47.36
CA GLU C 8 13.62 -13.99 -46.90
C GLU C 8 14.01 -12.92 -45.87
N ASN C 9 13.59 -11.67 -46.10
CA ASN C 9 13.83 -10.53 -45.16
C ASN C 9 13.49 -10.84 -43.70
N PHE C 10 12.36 -11.52 -43.49
CA PHE C 10 11.88 -11.83 -42.16
C PHE C 10 12.95 -12.60 -41.38
N ASP C 11 13.55 -13.62 -42.00
CA ASP C 11 14.71 -14.30 -41.38
C ASP C 11 15.92 -13.42 -41.06
N GLU C 12 16.09 -12.35 -41.84
CA GLU C 12 17.21 -11.46 -41.68
C GLU C 12 16.94 -10.54 -40.50
N TRP C 13 15.73 -9.95 -40.46
CA TRP C 13 15.45 -8.78 -39.60
C TRP C 13 14.73 -9.04 -38.28
N MET C 14 14.09 -10.20 -38.19
CA MET C 14 13.08 -10.40 -37.20
C MET C 14 13.61 -11.43 -36.21
N ILE C 15 13.54 -11.15 -34.90
CA ILE C 15 13.83 -12.14 -33.83
C ILE C 15 12.95 -13.38 -34.06
N PRO C 16 13.60 -14.55 -34.28
CA PRO C 16 13.06 -15.83 -34.83
C PRO C 16 12.10 -16.60 -33.88
N VAL C 17 11.09 -15.89 -33.45
CA VAL C 17 10.25 -16.38 -32.40
C VAL C 17 9.00 -17.00 -33.05
N TYR C 18 8.75 -16.59 -34.31
CA TYR C 18 7.72 -17.16 -35.19
C TYR C 18 8.27 -17.85 -36.42
N ALA C 19 7.66 -18.95 -36.82
CA ALA C 19 7.95 -19.46 -38.16
C ALA C 19 6.77 -19.11 -39.09
N PRO C 20 6.69 -17.88 -39.65
CA PRO C 20 5.48 -17.55 -40.42
C PRO C 20 5.38 -18.16 -41.77
N ALA C 21 4.19 -18.04 -42.37
CA ALA C 21 3.88 -18.53 -43.69
C ALA C 21 4.97 -18.07 -44.65
N PRO C 22 5.17 -18.82 -45.76
CA PRO C 22 6.06 -18.46 -46.87
C PRO C 22 5.52 -17.32 -47.71
N PHE C 23 4.26 -17.03 -47.59
CA PHE C 23 3.73 -15.92 -48.33
C PHE C 23 3.43 -14.77 -47.38
N ILE C 24 3.24 -13.58 -47.94
CA ILE C 24 3.05 -12.36 -47.16
C ILE C 24 1.73 -11.68 -47.53
N PRO C 25 0.72 -11.78 -46.68
CA PRO C 25 -0.49 -11.07 -47.10
C PRO C 25 -0.26 -9.56 -47.32
N VAL C 26 -1.08 -8.95 -48.18
CA VAL C 26 -0.99 -7.52 -48.43
C VAL C 26 -2.36 -6.85 -48.37
N ARG C 27 -3.45 -7.59 -48.50
CA ARG C 27 -4.74 -6.97 -48.24
C ARG C 27 -5.86 -7.96 -48.11
N GLY C 28 -7.04 -7.49 -47.68
CA GLY C 28 -8.14 -8.39 -47.32
C GLY C 28 -9.54 -7.79 -47.40
N GLU C 29 -10.55 -8.64 -47.47
CA GLU C 29 -11.92 -8.13 -47.55
C GLU C 29 -12.74 -9.30 -47.01
N GLY C 30 -13.48 -9.03 -45.92
CA GLY C 30 -14.22 -10.05 -45.13
C GLY C 30 -13.31 -11.22 -44.82
N SER C 31 -13.61 -12.40 -45.37
CA SER C 31 -12.84 -13.61 -45.00
C SER C 31 -11.88 -14.16 -46.09
N ARG C 32 -11.59 -13.27 -47.05
CA ARG C 32 -10.62 -13.49 -48.11
C ARG C 32 -9.45 -12.55 -47.91
N LEU C 33 -8.27 -13.06 -48.23
CA LEU C 33 -7.01 -12.38 -48.01
C LEU C 33 -6.02 -12.75 -49.12
N TRP C 34 -5.30 -11.75 -49.63
CA TRP C 34 -4.41 -11.92 -50.82
C TRP C 34 -2.95 -11.73 -50.52
N ASP C 35 -2.05 -12.46 -51.16
CA ASP C 35 -0.63 -12.29 -50.85
C ASP C 35 0.08 -11.34 -51.86
N GLN C 36 1.43 -11.24 -51.76
CA GLN C 36 2.20 -10.29 -52.60
C GLN C 36 2.07 -10.59 -54.07
N GLN C 37 1.76 -11.85 -54.38
CA GLN C 37 1.71 -12.36 -55.70
C GLN C 37 0.30 -12.49 -56.24
N GLY C 38 -0.70 -11.95 -55.57
CA GLY C 38 -2.08 -12.02 -56.04
C GLY C 38 -2.83 -13.31 -55.72
N LYS C 39 -2.15 -14.31 -55.13
CA LYS C 39 -2.87 -15.51 -54.67
C LYS C 39 -3.96 -15.21 -53.62
N GLU C 40 -5.15 -15.78 -53.79
CA GLU C 40 -6.29 -15.62 -52.90
C GLU C 40 -6.45 -16.71 -51.80
N TYR C 41 -6.61 -16.33 -50.51
CA TYR C 41 -6.98 -17.28 -49.44
C TYR C 41 -8.33 -16.98 -48.79
N ILE C 42 -9.03 -18.06 -48.43
CA ILE C 42 -10.07 -17.97 -47.42
C ILE C 42 -9.43 -18.07 -46.00
N ASP C 43 -9.74 -17.09 -45.19
CA ASP C 43 -9.05 -16.93 -43.94
C ASP C 43 -9.90 -17.53 -42.84
N PHE C 44 -9.57 -18.77 -42.43
CA PHE C 44 -10.28 -19.38 -41.33
C PHE C 44 -9.54 -19.18 -39.99
N ALA C 45 -8.43 -18.45 -40.03
CA ALA C 45 -7.61 -18.20 -38.86
C ALA C 45 -8.12 -16.95 -38.17
N GLY C 46 -8.79 -16.07 -38.89
CA GLY C 46 -9.47 -14.95 -38.26
C GLY C 46 -8.54 -14.11 -37.40
N GLY C 47 -7.24 -14.19 -37.69
CA GLY C 47 -6.21 -13.49 -36.91
C GLY C 47 -5.95 -14.12 -35.55
N ILE C 48 -6.19 -15.44 -35.47
CA ILE C 48 -6.22 -16.16 -34.20
C ILE C 48 -7.34 -15.59 -33.33
N ALA C 49 -8.55 -15.54 -33.88
CA ALA C 49 -9.77 -15.21 -33.16
C ALA C 49 -9.88 -13.73 -32.86
N VAL C 50 -9.27 -12.89 -33.70
CA VAL C 50 -9.27 -11.43 -33.51
C VAL C 50 -10.23 -10.73 -34.44
N ASN C 51 -10.27 -11.13 -35.73
CA ASN C 51 -10.98 -10.31 -36.72
C ASN C 51 -12.41 -10.75 -36.78
N ALA C 52 -13.15 -10.47 -35.72
CA ALA C 52 -14.50 -10.92 -35.59
C ALA C 52 -15.38 -10.36 -36.70
N LEU C 53 -14.93 -9.28 -37.34
CA LEU C 53 -15.75 -8.68 -38.40
C LEU C 53 -15.10 -8.77 -39.82
N GLY C 54 -14.07 -9.63 -39.93
CA GLY C 54 -13.33 -9.86 -41.15
C GLY C 54 -12.30 -8.77 -41.39
N HIS C 55 -11.66 -8.82 -42.55
CA HIS C 55 -10.60 -7.85 -42.82
C HIS C 55 -11.15 -6.57 -43.30
N ALA C 56 -10.53 -5.46 -42.87
CA ALA C 56 -10.78 -4.12 -43.41
C ALA C 56 -12.25 -3.80 -43.45
N HIS C 57 -12.92 -4.00 -42.33
CA HIS C 57 -14.36 -3.73 -42.29
C HIS C 57 -14.68 -2.26 -42.59
N PRO C 58 -15.60 -1.99 -43.53
CA PRO C 58 -15.95 -0.54 -43.78
C PRO C 58 -16.40 0.28 -42.56
N GLU C 59 -17.05 -0.32 -41.57
CA GLU C 59 -17.50 0.49 -40.41
C GLU C 59 -16.40 0.66 -39.34
N LEU C 60 -15.63 -0.40 -39.13
CA LEU C 60 -14.42 -0.29 -38.34
C LEU C 60 -13.44 0.79 -38.89
N ARG C 61 -13.29 0.83 -40.20
CA ARG C 61 -12.40 1.80 -40.84
C ARG C 61 -12.95 3.22 -40.61
N GLU C 62 -14.26 3.37 -40.74
CA GLU C 62 -14.90 4.68 -40.61
C GLU C 62 -14.77 5.22 -39.20
N ALA C 63 -15.16 4.40 -38.22
CA ALA C 63 -14.96 4.75 -36.83
C ALA C 63 -13.47 4.98 -36.56
N LEU C 64 -12.57 4.14 -37.02
CA LEU C 64 -11.15 4.43 -36.81
C LEU C 64 -10.75 5.82 -37.34
N ASN C 65 -11.25 6.15 -38.53
CA ASN C 65 -10.88 7.35 -39.23
C ASN C 65 -11.56 8.57 -38.59
N GLU C 66 -12.80 8.41 -38.13
CA GLU C 66 -13.55 9.47 -37.48
CA GLU C 66 -13.49 9.53 -37.52
C GLU C 66 -12.76 9.92 -36.24
N GLN C 67 -12.28 8.95 -35.45
CA GLN C 67 -11.65 9.35 -34.23
C GLN C 67 -10.25 9.85 -34.57
N ALA C 68 -9.68 9.36 -35.66
CA ALA C 68 -8.30 9.75 -35.93
C ALA C 68 -8.19 11.18 -36.42
N SER C 69 -9.30 11.72 -36.90
CA SER C 69 -9.39 13.12 -37.31
C SER C 69 -9.49 14.05 -36.07
N LYS C 70 -9.74 13.46 -34.88
CA LYS C 70 -10.09 14.20 -33.69
C LYS C 70 -8.89 14.24 -32.74
N PHE C 71 -8.68 13.18 -31.99
CA PHE C 71 -7.36 12.90 -31.45
C PHE C 71 -7.23 11.38 -31.18
N TRP C 72 -5.97 10.93 -31.08
CA TRP C 72 -5.60 9.51 -30.84
C TRP C 72 -5.26 9.15 -29.38
N HIS C 73 -4.77 10.11 -28.57
CA HIS C 73 -4.04 9.74 -27.37
C HIS C 73 -3.65 10.93 -26.54
N THR C 74 -3.82 10.82 -25.23
CA THR C 74 -3.43 11.89 -24.29
C THR C 74 -2.75 11.24 -23.18
N GLY C 75 -3.10 9.99 -22.93
CA GLY C 75 -2.53 9.27 -21.81
C GLY C 75 -3.53 9.37 -20.66
N ASN C 76 -3.33 8.58 -19.62
CA ASN C 76 -4.33 8.49 -18.56
C ASN C 76 -4.47 9.59 -17.48
N GLY C 77 -3.70 10.67 -17.59
CA GLY C 77 -4.03 11.91 -16.87
C GLY C 77 -5.37 12.55 -17.28
N TYR C 78 -5.98 12.10 -18.40
CA TYR C 78 -7.15 12.74 -19.01
C TYR C 78 -7.97 11.58 -19.50
N THR C 79 -9.24 11.51 -19.10
CA THR C 79 -10.13 10.53 -19.66
C THR C 79 -10.61 11.09 -21.03
N ASN C 80 -11.54 10.40 -21.68
CA ASN C 80 -12.00 10.76 -23.04
C ASN C 80 -13.35 10.16 -23.29
N GLU C 81 -14.04 10.64 -24.29
CA GLU C 81 -15.44 10.26 -24.41
C GLU C 81 -15.60 8.88 -24.97
N PRO C 82 -14.70 8.47 -25.86
CA PRO C 82 -14.99 7.09 -26.26
C PRO C 82 -14.59 5.97 -25.27
N VAL C 83 -13.54 6.12 -24.44
CA VAL C 83 -13.32 5.02 -23.45
C VAL C 83 -14.46 4.93 -22.50
N LEU C 84 -15.05 6.08 -22.20
CA LEU C 84 -16.22 6.07 -21.32
C LEU C 84 -17.42 5.36 -21.93
N ARG C 85 -17.76 5.71 -23.16
CA ARG C 85 -18.81 5.07 -23.91
C ARG C 85 -18.63 3.55 -23.98
N LEU C 86 -17.38 3.14 -24.20
CA LEU C 86 -16.99 1.74 -24.22
C LEU C 86 -17.08 1.10 -22.81
N ALA C 87 -16.66 1.81 -21.74
CA ALA C 87 -16.90 1.28 -20.38
C ALA C 87 -18.43 1.04 -20.18
N LYS C 88 -19.24 2.06 -20.43
CA LYS C 88 -20.69 1.96 -20.25
C LYS C 88 -21.24 0.74 -21.02
N LYS C 89 -20.87 0.64 -22.27
CA LYS C 89 -21.27 -0.47 -23.10
C LYS C 89 -20.92 -1.84 -22.47
N LEU C 90 -19.68 -2.06 -22.08
CA LEU C 90 -19.32 -3.33 -21.47
C LEU C 90 -20.09 -3.56 -20.15
N ILE C 91 -20.30 -2.48 -19.41
CA ILE C 91 -20.91 -2.58 -18.09
C ILE C 91 -22.38 -2.92 -18.27
N ASP C 92 -23.04 -2.24 -19.20
CA ASP C 92 -24.42 -2.53 -19.52
C ASP C 92 -24.63 -3.93 -20.03
N ALA C 93 -23.64 -4.47 -20.71
CA ALA C 93 -23.87 -5.76 -21.34
C ALA C 93 -23.34 -6.98 -20.57
N THR C 94 -22.79 -6.79 -19.36
CA THR C 94 -22.20 -7.89 -18.54
C THR C 94 -22.41 -7.73 -17.04
N PHE C 95 -21.98 -8.74 -16.26
CA PHE C 95 -22.00 -8.66 -14.79
C PHE C 95 -21.13 -7.51 -14.24
N ALA C 96 -20.22 -6.96 -15.05
CA ALA C 96 -19.30 -5.93 -14.55
C ALA C 96 -19.92 -4.61 -14.17
N ASP C 97 -19.30 -3.96 -13.18
CA ASP C 97 -19.70 -2.63 -12.75
C ASP C 97 -18.65 -1.61 -13.21
N ARG C 98 -17.43 -2.09 -13.41
CA ARG C 98 -16.31 -1.20 -13.70
C ARG C 98 -15.30 -1.86 -14.59
N VAL C 99 -14.58 -1.05 -15.36
CA VAL C 99 -13.57 -1.61 -16.26
C VAL C 99 -12.20 -0.91 -16.27
N PHE C 100 -11.19 -1.65 -16.64
CA PHE C 100 -9.89 -1.10 -16.87
C PHE C 100 -9.45 -1.54 -18.29
N PHE C 101 -8.79 -0.65 -19.01
CA PHE C 101 -8.42 -0.89 -20.37
C PHE C 101 -6.92 -0.91 -20.45
N CYS C 102 -6.40 -1.90 -21.19
CA CYS C 102 -4.98 -2.01 -21.54
C CYS C 102 -4.84 -2.44 -23.02
N ASN C 103 -3.74 -3.15 -23.35
CA ASN C 103 -3.36 -3.26 -24.77
C ASN C 103 -3.26 -4.65 -25.32
N SER C 104 -3.31 -5.64 -24.43
CA SER C 104 -3.21 -7.00 -24.87
C SER C 104 -3.88 -7.91 -23.86
N GLY C 105 -3.96 -9.18 -24.22
CA GLY C 105 -4.54 -10.17 -23.36
C GLY C 105 -3.64 -10.45 -22.18
N ALA C 106 -2.32 -10.56 -22.37
CA ALA C 106 -1.44 -10.72 -21.18
C ALA C 106 -1.63 -9.53 -20.22
N GLU C 107 -1.57 -8.30 -20.69
CA GLU C 107 -1.76 -7.17 -19.80
C GLU C 107 -3.08 -7.32 -19.11
N ALA C 108 -4.11 -7.79 -19.78
CA ALA C 108 -5.40 -7.78 -19.13
C ALA C 108 -5.39 -8.86 -18.04
N ASN C 109 -4.70 -9.98 -18.29
CA ASN C 109 -4.52 -10.99 -17.27
C ASN C 109 -3.60 -10.51 -16.13
N GLU C 110 -2.62 -9.70 -16.49
CA GLU C 110 -1.75 -9.06 -15.52
C GLU C 110 -2.58 -8.22 -14.57
N ALA C 111 -3.41 -7.36 -15.13
CA ALA C 111 -4.31 -6.60 -14.28
C ALA C 111 -5.17 -7.55 -13.35
N ALA C 112 -5.76 -8.61 -13.92
CA ALA C 112 -6.72 -9.41 -13.13
C ALA C 112 -6.02 -10.13 -11.98
N LEU C 113 -4.84 -10.69 -12.23
CA LEU C 113 -4.07 -11.37 -11.19
C LEU C 113 -3.53 -10.41 -10.08
N LYS C 114 -3.09 -9.21 -10.45
CA LYS C 114 -2.60 -8.23 -9.48
C LYS C 114 -3.76 -7.81 -8.61
N LEU C 115 -4.92 -7.58 -9.21
CA LEU C 115 -6.06 -7.13 -8.43
C LEU C 115 -6.41 -8.24 -7.42
N ALA C 116 -6.48 -9.49 -7.90
CA ALA C 116 -6.78 -10.58 -6.97
C ALA C 116 -5.79 -10.66 -5.82
N ARG C 117 -4.50 -10.48 -6.10
CA ARG C 117 -3.57 -10.53 -4.99
C ARG C 117 -3.78 -9.38 -4.06
N LYS C 118 -3.93 -8.19 -4.63
CA LYS C 118 -4.02 -7.02 -3.77
C LYS C 118 -5.21 -7.17 -2.81
N PHE C 119 -6.28 -7.75 -3.31
CA PHE C 119 -7.50 -7.85 -2.53
C PHE C 119 -7.27 -8.86 -1.40
N ALA C 120 -6.69 -9.99 -1.74
CA ALA C 120 -6.30 -10.92 -0.74
C ALA C 120 -5.40 -10.28 0.35
N HIS C 121 -4.36 -9.57 -0.04
CA HIS C 121 -3.45 -8.96 0.90
C HIS C 121 -4.18 -7.96 1.78
N ASP C 122 -5.05 -7.16 1.17
CA ASP C 122 -5.86 -6.21 1.92
C ASP C 122 -6.96 -6.74 2.85
N ARG C 123 -7.70 -7.78 2.48
CA ARG C 123 -8.76 -8.26 3.35
C ARG C 123 -8.31 -9.36 4.38
N TYR C 124 -7.25 -10.10 4.07
CA TYR C 124 -6.89 -11.31 4.80
C TYR C 124 -5.44 -11.33 5.15
N GLY C 125 -4.57 -10.78 4.33
CA GLY C 125 -3.14 -10.88 4.67
C GLY C 125 -2.23 -11.34 3.57
N SER C 126 -0.97 -11.02 3.74
CA SER C 126 0.01 -11.25 2.72
C SER C 126 0.33 -12.74 2.59
N HIS C 127 -0.29 -13.58 3.38
CA HIS C 127 0.01 -15.00 3.26
C HIS C 127 -0.93 -15.54 2.14
N LYS C 128 -2.02 -14.84 1.83
CA LYS C 128 -3.01 -15.38 0.90
C LYS C 128 -2.72 -14.98 -0.60
N SER C 129 -1.73 -15.63 -1.21
CA SER C 129 -1.29 -15.22 -2.54
C SER C 129 -1.42 -16.30 -3.67
N GLY C 130 -1.88 -17.51 -3.28
CA GLY C 130 -1.88 -18.69 -4.15
C GLY C 130 -2.73 -18.43 -5.38
N ILE C 131 -2.14 -18.59 -6.57
CA ILE C 131 -2.92 -18.61 -7.84
C ILE C 131 -3.07 -20.06 -8.31
N VAL C 132 -4.30 -20.42 -8.56
CA VAL C 132 -4.57 -21.73 -9.17
C VAL C 132 -4.99 -21.59 -10.64
N ALA C 133 -4.22 -22.24 -11.50
CA ALA C 133 -4.53 -22.26 -12.95
C ALA C 133 -4.54 -23.73 -13.41
N PHE C 134 -4.80 -23.97 -14.71
CA PHE C 134 -4.92 -25.37 -15.22
C PHE C 134 -3.86 -25.82 -16.20
N LYS C 135 -3.55 -27.12 -16.19
CA LYS C 135 -2.65 -27.66 -17.22
C LYS C 135 -3.19 -27.36 -18.67
N ASN C 136 -2.26 -27.11 -19.60
CA ASN C 136 -2.55 -26.63 -20.97
C ASN C 136 -3.14 -25.21 -21.12
N ALA C 137 -3.30 -24.49 -20.03
CA ALA C 137 -3.79 -23.12 -20.17
C ALA C 137 -2.83 -22.22 -20.94
N PHE C 138 -3.40 -21.16 -21.52
CA PHE C 138 -2.56 -20.12 -22.07
C PHE C 138 -3.13 -18.79 -21.60
N HIS C 139 -2.25 -17.96 -21.03
CA HIS C 139 -2.68 -16.67 -20.41
C HIS C 139 -1.92 -15.42 -20.81
N GLY C 140 -0.85 -15.58 -21.60
CA GLY C 140 -0.05 -14.47 -22.07
C GLY C 140 1.39 -14.89 -22.08
N ARG C 141 2.26 -13.91 -22.35
CA ARG C 141 3.73 -14.14 -22.55
C ARG C 141 4.61 -13.39 -21.57
N THR C 142 3.98 -12.48 -20.83
CA THR C 142 4.68 -11.81 -19.71
C THR C 142 5.06 -12.87 -18.71
N LEU C 143 6.13 -12.65 -17.97
CA LEU C 143 6.60 -13.66 -17.01
C LEU C 143 5.50 -14.19 -16.10
N PHE C 144 4.63 -13.28 -15.69
CA PHE C 144 3.63 -13.66 -14.73
C PHE C 144 2.53 -14.53 -15.36
N THR C 145 2.12 -14.18 -16.59
CA THR C 145 0.98 -14.80 -17.20
C THR C 145 1.45 -16.08 -17.85
N VAL C 146 2.67 -16.09 -18.35
CA VAL C 146 3.22 -17.33 -18.87
C VAL C 146 3.42 -18.33 -17.74
N SER C 147 3.62 -17.80 -16.53
CA SER C 147 3.77 -18.68 -15.35
C SER C 147 2.44 -19.22 -14.92
N ALA C 148 1.40 -18.39 -15.03
CA ALA C 148 0.02 -18.87 -14.89
C ALA C 148 -0.30 -19.83 -16.05
N GLY C 149 0.39 -19.72 -17.18
CA GLY C 149 0.06 -20.61 -18.28
C GLY C 149 0.30 -22.05 -17.86
N GLY C 150 -0.32 -23.00 -18.56
CA GLY C 150 -0.12 -24.41 -18.23
C GLY C 150 0.89 -25.22 -19.02
N GLN C 151 1.78 -24.55 -19.73
CA GLN C 151 2.63 -25.23 -20.63
C GLN C 151 4.03 -24.85 -20.20
N PRO C 152 4.71 -25.78 -19.50
CA PRO C 152 5.99 -25.51 -18.84
C PRO C 152 7.12 -25.36 -19.85
N ALA C 153 6.84 -25.80 -21.07
CA ALA C 153 7.72 -25.56 -22.21
C ALA C 153 7.99 -24.04 -22.41
N TYR C 154 6.95 -23.22 -22.20
CA TYR C 154 7.01 -21.77 -22.49
C TYR C 154 7.58 -20.94 -21.32
N SER C 155 7.70 -21.58 -20.17
CA SER C 155 8.16 -20.92 -18.97
C SER C 155 9.55 -21.42 -18.45
N GLN C 156 9.86 -22.72 -18.53
CA GLN C 156 11.13 -23.30 -18.05
C GLN C 156 12.35 -22.37 -18.10
N ASP C 157 12.60 -21.82 -19.28
CA ASP C 157 13.84 -21.13 -19.58
C ASP C 157 14.10 -19.81 -18.88
N PHE C 158 13.05 -19.25 -18.29
CA PHE C 158 13.00 -17.87 -17.81
C PHE C 158 12.94 -17.70 -16.27
N ALA C 159 12.96 -18.80 -15.53
CA ALA C 159 13.02 -18.85 -14.04
C ALA C 159 14.13 -17.98 -13.40
N PRO C 160 14.07 -17.71 -12.07
CA PRO C 160 12.99 -18.11 -11.13
C PRO C 160 11.71 -17.39 -11.49
N LEU C 161 10.62 -18.13 -11.52
CA LEU C 161 9.39 -17.56 -11.97
C LEU C 161 8.63 -17.08 -10.77
N PRO C 162 7.68 -16.14 -10.94
CA PRO C 162 6.92 -15.79 -9.75
C PRO C 162 6.30 -17.01 -9.03
N ALA C 163 6.45 -17.04 -7.70
CA ALA C 163 6.00 -18.14 -6.82
C ALA C 163 4.49 -18.19 -6.56
N ASP C 164 4.06 -19.25 -5.86
CA ASP C 164 2.66 -19.43 -5.46
C ASP C 164 1.70 -19.72 -6.61
N ILE C 165 2.21 -20.36 -7.66
CA ILE C 165 1.35 -20.68 -8.80
C ILE C 165 1.23 -22.18 -8.99
N ARG C 166 0.01 -22.68 -8.92
CA ARG C 166 -0.24 -24.12 -9.06
C ARG C 166 -1.11 -24.45 -10.26
N HIS C 167 -0.88 -25.64 -10.83
CA HIS C 167 -1.75 -26.05 -11.94
C HIS C 167 -2.48 -27.29 -11.71
N ALA C 168 -3.80 -27.20 -11.76
CA ALA C 168 -4.73 -28.35 -11.67
C ALA C 168 -5.04 -28.86 -13.09
N ALA C 169 -5.66 -30.03 -13.13
CA ALA C 169 -6.03 -30.63 -14.39
C ALA C 169 -7.34 -30.00 -14.87
N TYR C 170 -7.34 -29.61 -16.15
CA TYR C 170 -8.50 -29.00 -16.76
C TYR C 170 -9.73 -29.90 -16.64
N ASN C 171 -10.91 -29.34 -16.40
CA ASN C 171 -12.15 -30.12 -16.34
C ASN C 171 -12.18 -31.17 -15.20
N ASP C 172 -11.35 -31.00 -14.17
CA ASP C 172 -11.19 -31.98 -13.08
C ASP C 172 -11.26 -31.33 -11.66
N ILE C 173 -12.50 -31.15 -11.19
CA ILE C 173 -12.75 -30.62 -9.86
C ILE C 173 -11.82 -31.21 -8.77
N ASN C 174 -11.66 -32.51 -8.70
CA ASN C 174 -10.80 -33.07 -7.66
C ASN C 174 -9.39 -32.56 -7.78
N SER C 175 -8.89 -32.37 -9.00
CA SER C 175 -7.54 -31.84 -9.12
C SER C 175 -7.50 -30.39 -8.62
N ALA C 176 -8.60 -29.67 -8.91
CA ALA C 176 -8.80 -28.28 -8.55
C ALA C 176 -8.93 -28.14 -7.03
N SER C 177 -9.85 -28.91 -6.48
CA SER C 177 -10.13 -28.94 -5.08
C SER C 177 -8.89 -29.23 -4.26
N ALA C 178 -8.08 -30.21 -4.62
CA ALA C 178 -6.85 -30.45 -3.85
C ALA C 178 -5.98 -29.20 -3.80
N LEU C 179 -6.10 -28.29 -4.78
CA LEU C 179 -5.14 -27.15 -4.91
C LEU C 179 -5.60 -25.77 -4.41
N ILE C 180 -6.92 -25.53 -4.36
CA ILE C 180 -7.58 -24.39 -3.81
C ILE C 180 -7.86 -24.58 -2.28
N ASP C 181 -7.41 -23.63 -1.45
CA ASP C 181 -7.70 -23.62 -0.01
C ASP C 181 -7.75 -22.16 0.47
N ASP C 182 -7.52 -21.96 1.75
CA ASP C 182 -7.64 -20.63 2.32
C ASP C 182 -6.62 -19.60 1.86
N SER C 183 -5.42 -20.04 1.50
CA SER C 183 -4.42 -19.12 1.04
C SER C 183 -4.31 -18.99 -0.51
N THR C 184 -5.34 -19.46 -1.22
CA THR C 184 -5.56 -19.15 -2.61
C THR C 184 -6.22 -17.79 -2.73
N CYS C 185 -5.68 -16.92 -3.59
CA CYS C 185 -6.33 -15.62 -3.82
C CYS C 185 -7.07 -15.64 -5.12
N ALA C 186 -6.67 -16.56 -5.99
CA ALA C 186 -7.26 -16.55 -7.34
C ALA C 186 -7.20 -17.89 -8.07
N VAL C 187 -8.32 -18.23 -8.68
CA VAL C 187 -8.37 -19.33 -9.65
C VAL C 187 -8.67 -18.69 -11.00
N ILE C 188 -7.71 -18.80 -11.92
CA ILE C 188 -7.85 -18.30 -13.31
C ILE C 188 -8.08 -19.48 -14.29
N VAL C 189 -9.15 -19.38 -15.09
CA VAL C 189 -9.51 -20.43 -16.04
C VAL C 189 -9.98 -19.88 -17.41
N GLU C 190 -9.68 -20.56 -18.53
CA GLU C 190 -10.32 -20.25 -19.87
C GLU C 190 -11.63 -21.01 -19.96
N PRO C 191 -12.76 -20.36 -20.32
CA PRO C 191 -13.98 -21.18 -20.40
C PRO C 191 -13.84 -22.35 -21.43
N ILE C 192 -12.98 -22.12 -22.43
CA ILE C 192 -12.57 -23.13 -23.37
C ILE C 192 -11.06 -22.97 -23.48
N GLN C 193 -10.26 -24.02 -23.30
CA GLN C 193 -8.85 -23.85 -23.54
C GLN C 193 -8.58 -23.67 -25.07
N GLY C 194 -8.01 -22.52 -25.46
CA GLY C 194 -7.65 -22.24 -26.86
C GLY C 194 -6.34 -22.90 -27.33
N GLU C 195 -5.18 -22.30 -27.07
CA GLU C 195 -3.91 -22.92 -27.51
C GLU C 195 -3.76 -24.35 -27.02
N GLY C 196 -4.52 -24.68 -25.99
CA GLY C 196 -4.39 -25.97 -25.33
C GLY C 196 -5.01 -27.08 -26.15
N GLY C 197 -6.00 -26.73 -26.99
CA GLY C 197 -6.52 -27.67 -27.99
C GLY C 197 -8.01 -27.62 -28.17
N VAL C 198 -8.54 -26.42 -28.24
CA VAL C 198 -9.97 -26.19 -28.26
C VAL C 198 -10.73 -27.17 -27.36
N VAL C 199 -10.30 -27.27 -26.09
CA VAL C 199 -10.96 -28.09 -25.05
C VAL C 199 -12.04 -27.32 -24.26
N PRO C 200 -13.36 -27.55 -24.49
CA PRO C 200 -14.30 -26.69 -23.75
C PRO C 200 -14.50 -27.26 -22.34
N ALA C 201 -14.92 -26.45 -21.36
CA ALA C 201 -15.08 -26.99 -20.02
C ALA C 201 -16.53 -27.46 -19.85
N SER C 202 -16.74 -28.42 -18.95
CA SER C 202 -18.10 -28.83 -18.56
C SER C 202 -18.74 -27.76 -17.68
N ASN C 203 -20.07 -27.65 -17.78
CA ASN C 203 -20.86 -26.76 -16.98
C ASN C 203 -20.57 -27.04 -15.46
N ALA C 204 -20.32 -28.32 -15.12
CA ALA C 204 -20.05 -28.75 -13.74
C ALA C 204 -18.64 -28.31 -13.21
N PHE C 205 -17.68 -28.15 -14.12
CA PHE C 205 -16.30 -27.87 -13.67
C PHE C 205 -16.32 -26.40 -13.32
N LEU C 206 -16.89 -25.61 -14.22
CA LEU C 206 -17.08 -24.19 -13.92
C LEU C 206 -17.84 -23.94 -12.63
N GLN C 207 -19.06 -24.51 -12.50
CA GLN C 207 -19.86 -24.44 -11.26
C GLN C 207 -18.99 -24.89 -10.07
N GLY C 208 -18.36 -26.05 -10.20
CA GLY C 208 -17.36 -26.51 -9.26
C GLY C 208 -16.42 -25.39 -8.79
N LEU C 209 -15.86 -24.65 -9.75
CA LEU C 209 -14.88 -23.63 -9.47
C LEU C 209 -15.52 -22.41 -8.81
N ARG C 210 -16.71 -22.02 -9.27
CA ARG C 210 -17.41 -20.93 -8.61
C ARG C 210 -17.64 -21.32 -7.11
N GLU C 211 -18.12 -22.53 -6.82
CA GLU C 211 -18.31 -23.00 -5.44
C GLU C 211 -17.00 -22.93 -4.67
N LEU C 212 -15.95 -23.58 -5.16
CA LEU C 212 -14.63 -23.54 -4.46
C LEU C 212 -14.12 -22.09 -4.23
N CYS C 213 -14.45 -21.17 -5.13
CA CYS C 213 -13.99 -19.82 -4.97
C CYS C 213 -14.78 -19.16 -3.85
N ASN C 214 -16.09 -19.44 -3.77
CA ASN C 214 -16.88 -18.88 -2.67
C ASN C 214 -16.44 -19.41 -1.25
N ARG C 215 -16.27 -20.72 -1.14
CA ARG C 215 -15.87 -21.41 0.06
C ARG C 215 -14.50 -20.96 0.53
N HIS C 216 -13.58 -20.60 -0.36
CA HIS C 216 -12.26 -20.19 0.11
C HIS C 216 -11.89 -18.74 -0.04
N ASN C 217 -12.85 -17.93 -0.39
CA ASN C 217 -12.58 -16.52 -0.55
C ASN C 217 -11.43 -16.20 -1.56
N ALA C 218 -11.48 -16.93 -2.67
CA ALA C 218 -10.60 -16.75 -3.81
C ALA C 218 -11.45 -16.10 -4.90
N LEU C 219 -10.86 -15.20 -5.65
CA LEU C 219 -11.58 -14.57 -6.77
C LEU C 219 -11.48 -15.50 -7.97
N LEU C 220 -12.62 -15.76 -8.57
CA LEU C 220 -12.63 -16.55 -9.83
C LEU C 220 -12.42 -15.65 -11.08
N ILE C 221 -11.28 -15.78 -11.79
CA ILE C 221 -11.05 -15.09 -13.11
C ILE C 221 -11.27 -15.95 -14.43
N PHE C 222 -12.21 -15.54 -15.26
CA PHE C 222 -12.37 -16.18 -16.56
C PHE C 222 -11.48 -15.48 -17.57
N ASP C 223 -10.40 -16.17 -17.99
CA ASP C 223 -9.67 -15.67 -19.09
C ASP C 223 -10.52 -15.84 -20.44
N GLU C 224 -11.21 -14.77 -20.83
CA GLU C 224 -12.02 -14.80 -22.04
C GLU C 224 -11.39 -14.04 -23.22
N VAL C 225 -10.06 -14.02 -23.31
CA VAL C 225 -9.52 -13.23 -24.41
C VAL C 225 -9.75 -13.91 -25.77
N GLN C 226 -9.76 -15.26 -25.78
CA GLN C 226 -10.13 -16.02 -26.97
C GLN C 226 -11.64 -16.32 -27.07
N THR C 227 -12.33 -16.53 -25.95
CA THR C 227 -13.73 -16.92 -26.01
C THR C 227 -14.75 -15.77 -26.06
N GLY C 228 -14.28 -14.51 -26.01
CA GLY C 228 -15.23 -13.44 -25.81
C GLY C 228 -15.67 -12.75 -27.08
N VAL C 229 -16.52 -11.75 -26.91
CA VAL C 229 -17.01 -10.93 -28.02
C VAL C 229 -17.60 -11.77 -29.14
N GLY C 230 -18.60 -12.57 -28.78
CA GLY C 230 -19.44 -13.33 -29.71
C GLY C 230 -18.93 -14.70 -30.09
N ARG C 231 -17.69 -15.01 -29.73
CA ARG C 231 -17.03 -16.15 -30.30
C ARG C 231 -17.84 -17.42 -30.10
N THR C 232 -18.51 -17.57 -28.95
CA THR C 232 -19.24 -18.79 -28.68
C THR C 232 -20.73 -18.73 -29.09
N GLY C 233 -21.28 -17.59 -29.42
CA GLY C 233 -22.72 -17.52 -29.75
C GLY C 233 -23.44 -16.62 -28.78
N GLU C 234 -22.79 -16.38 -27.65
CA GLU C 234 -23.17 -15.36 -26.73
C GLU C 234 -22.03 -14.39 -26.74
N LEU C 235 -22.35 -13.15 -26.41
CA LEU C 235 -21.32 -12.15 -26.13
C LEU C 235 -20.08 -12.70 -25.37
N TYR C 236 -20.28 -13.34 -24.22
CA TYR C 236 -19.16 -14.04 -23.50
C TYR C 236 -19.55 -15.42 -23.09
N ALA C 237 -18.59 -16.31 -23.09
CA ALA C 237 -18.87 -17.71 -22.79
C ALA C 237 -19.44 -17.96 -21.40
N TYR C 238 -19.09 -17.10 -20.44
CA TYR C 238 -19.63 -17.28 -19.11
C TYR C 238 -21.16 -17.23 -19.21
N MET C 239 -21.68 -16.45 -20.18
CA MET C 239 -23.15 -16.39 -20.34
C MET C 239 -23.76 -17.68 -20.90
N HIS C 240 -22.97 -18.42 -21.63
CA HIS C 240 -23.45 -19.63 -22.20
C HIS C 240 -23.54 -20.59 -21.04
N TYR C 241 -22.43 -20.72 -20.31
CA TYR C 241 -22.35 -21.60 -19.14
C TYR C 241 -23.23 -21.21 -17.91
N GLY C 242 -23.81 -20.01 -17.91
CA GLY C 242 -24.45 -19.45 -16.69
C GLY C 242 -23.66 -19.45 -15.35
N VAL C 243 -22.32 -19.41 -15.41
CA VAL C 243 -21.45 -19.15 -14.25
C VAL C 243 -20.78 -17.77 -14.35
N THR C 244 -21.06 -16.90 -13.36
CA THR C 244 -20.53 -15.56 -13.26
C THR C 244 -19.20 -15.54 -12.49
N PRO C 245 -18.16 -14.97 -13.08
CA PRO C 245 -16.87 -14.89 -12.45
C PRO C 245 -16.79 -13.56 -11.71
N ASP C 246 -15.72 -13.34 -10.94
CA ASP C 246 -15.60 -12.04 -10.25
C ASP C 246 -14.89 -11.07 -11.16
N LEU C 247 -13.85 -11.59 -11.83
CA LEU C 247 -13.06 -10.89 -12.82
C LEU C 247 -13.17 -11.63 -14.19
N LEU C 248 -13.30 -10.86 -15.28
CA LEU C 248 -13.20 -11.41 -16.63
C LEU C 248 -12.25 -10.57 -17.47
N THR C 249 -11.25 -11.22 -18.08
CA THR C 249 -10.45 -10.51 -19.07
C THR C 249 -10.93 -10.69 -20.54
N THR C 250 -10.79 -9.66 -21.37
CA THR C 250 -11.25 -9.74 -22.74
C THR C 250 -10.19 -9.02 -23.61
N ALA C 251 -9.94 -9.48 -24.83
CA ALA C 251 -8.93 -8.88 -25.69
C ALA C 251 -9.22 -9.25 -27.16
N LYS C 252 -8.23 -9.75 -27.91
CA LYS C 252 -8.48 -10.32 -29.29
C LYS C 252 -9.63 -9.60 -30.06
N ALA C 253 -10.80 -10.21 -30.17
CA ALA C 253 -11.92 -9.67 -30.94
C ALA C 253 -12.49 -8.33 -30.44
N LEU C 254 -12.31 -7.96 -29.17
CA LEU C 254 -12.72 -6.60 -28.68
C LEU C 254 -12.37 -5.45 -29.65
N GLY C 255 -11.22 -5.60 -30.31
CA GLY C 255 -10.64 -4.57 -31.16
C GLY C 255 -10.92 -4.72 -32.66
N GLY C 256 -11.45 -5.88 -33.06
CA GLY C 256 -11.74 -6.15 -34.48
C GLY C 256 -10.41 -6.13 -35.22
N GLY C 257 -9.30 -6.33 -34.50
CA GLY C 257 -7.96 -6.16 -35.08
C GLY C 257 -7.13 -4.97 -34.54
N PHE C 258 -7.80 -3.91 -34.06
CA PHE C 258 -7.05 -2.87 -33.33
C PHE C 258 -6.50 -3.40 -31.94
N PRO C 259 -5.23 -3.16 -31.57
CA PRO C 259 -4.80 -3.73 -30.24
C PRO C 259 -5.53 -3.11 -29.00
N VAL C 260 -6.20 -3.97 -28.25
CA VAL C 260 -6.96 -3.49 -27.11
C VAL C 260 -7.17 -4.64 -26.13
N GLY C 261 -7.17 -4.33 -24.82
CA GLY C 261 -7.49 -5.32 -23.75
C GLY C 261 -8.47 -4.68 -22.76
N ALA C 262 -9.15 -5.49 -21.93
CA ALA C 262 -9.94 -4.95 -20.86
C ALA C 262 -10.07 -5.94 -19.70
N LEU C 263 -10.05 -5.39 -18.50
CA LEU C 263 -10.31 -6.18 -17.28
C LEU C 263 -11.70 -5.73 -16.82
N LEU C 264 -12.67 -6.66 -16.79
CA LEU C 264 -14.02 -6.41 -16.28
C LEU C 264 -14.13 -6.83 -14.79
N ALA C 265 -14.58 -5.91 -13.94
CA ALA C 265 -14.73 -6.22 -12.51
C ALA C 265 -16.07 -5.79 -11.88
N THR C 266 -16.43 -6.46 -10.79
CA THR C 266 -17.56 -6.04 -9.96
C THR C 266 -17.13 -4.80 -9.16
N GLU C 267 -18.09 -4.01 -8.69
CA GLU C 267 -17.73 -2.80 -7.93
C GLU C 267 -16.87 -3.13 -6.72
N GLU C 268 -17.27 -4.13 -5.94
CA GLU C 268 -16.52 -4.63 -4.73
CA GLU C 268 -16.57 -4.50 -4.74
C GLU C 268 -15.06 -4.71 -5.05
N CYS C 269 -14.76 -5.40 -6.14
CA CYS C 269 -13.39 -5.73 -6.53
C CYS C 269 -12.65 -4.53 -7.12
N ALA C 270 -13.39 -3.65 -7.78
CA ALA C 270 -12.84 -2.47 -8.41
C ALA C 270 -12.28 -1.55 -7.34
N ARG C 271 -12.93 -1.54 -6.18
CA ARG C 271 -12.64 -0.65 -5.03
CA ARG C 271 -12.58 -0.57 -5.16
C ARG C 271 -11.22 -0.82 -4.55
N VAL C 272 -10.72 -2.05 -4.58
CA VAL C 272 -9.35 -2.39 -4.11
C VAL C 272 -8.21 -1.63 -4.82
N MET C 273 -8.48 -1.24 -6.07
CA MET C 273 -7.44 -0.64 -6.95
C MET C 273 -7.44 0.89 -6.86
N THR C 274 -6.80 1.40 -5.83
CA THR C 274 -6.70 2.83 -5.61
C THR C 274 -5.72 3.54 -6.59
N VAL C 275 -5.74 4.86 -6.53
CA VAL C 275 -4.92 5.73 -7.37
C VAL C 275 -3.43 5.38 -7.33
N GLY C 276 -2.87 5.06 -8.50
CA GLY C 276 -1.44 4.72 -8.62
C GLY C 276 -1.02 3.26 -8.51
N THR C 277 -1.96 2.37 -8.23
CA THR C 277 -1.58 0.98 -7.95
C THR C 277 -1.38 0.17 -9.21
N HIS C 278 -1.80 0.74 -10.34
CA HIS C 278 -1.64 0.08 -11.63
C HIS C 278 -1.86 1.09 -12.71
N GLY C 279 -1.35 0.80 -13.90
CA GLY C 279 -1.70 1.61 -15.06
C GLY C 279 -1.06 1.20 -16.37
N THR C 280 -1.14 2.09 -17.33
CA THR C 280 -0.65 1.84 -18.71
C THR C 280 -0.67 3.16 -19.45
N THR C 281 0.37 3.40 -20.22
CA THR C 281 0.40 4.54 -21.15
C THR C 281 -0.72 4.56 -22.16
N TYR C 282 -0.84 3.45 -22.89
CA TYR C 282 -1.76 3.38 -24.02
C TYR C 282 -3.22 3.03 -23.69
N GLY C 283 -3.50 2.29 -22.57
CA GLY C 283 -4.84 1.78 -22.33
C GLY C 283 -5.90 2.85 -22.35
N GLY C 284 -7.03 2.61 -22.97
CA GLY C 284 -8.11 3.59 -22.86
C GLY C 284 -7.93 4.77 -23.79
N ASN C 285 -6.95 4.73 -24.69
CA ASN C 285 -6.88 5.79 -25.70
C ASN C 285 -8.14 5.86 -26.57
N PRO C 286 -8.53 7.06 -27.00
CA PRO C 286 -9.80 7.19 -27.73
C PRO C 286 -9.82 6.47 -29.11
N LEU C 287 -8.68 6.23 -29.73
CA LEU C 287 -8.64 5.42 -30.95
C LEU C 287 -9.02 3.93 -30.72
N ALA C 288 -8.31 3.25 -29.82
CA ALA C 288 -8.74 1.90 -29.40
C ALA C 288 -10.21 1.87 -29.00
N SER C 289 -10.67 2.94 -28.40
CA SER C 289 -12.01 2.92 -27.82
C SER C 289 -13.12 3.15 -28.79
N ALA C 290 -12.86 4.01 -29.77
CA ALA C 290 -13.80 4.31 -30.87
C ALA C 290 -14.07 3.04 -31.67
N VAL C 291 -12.98 2.32 -32.00
CA VAL C 291 -13.05 1.09 -32.74
C VAL C 291 -13.77 -0.08 -32.02
N ALA C 292 -13.32 -0.45 -30.80
CA ALA C 292 -13.98 -1.47 -29.94
C ALA C 292 -15.48 -1.13 -29.73
N GLY C 293 -15.73 0.17 -29.53
CA GLY C 293 -17.04 0.73 -29.43
C GLY C 293 -17.83 0.22 -30.60
N LYS C 294 -17.38 0.47 -31.83
CA LYS C 294 -18.12 0.05 -33.00
C LYS C 294 -18.22 -1.48 -33.10
N VAL C 295 -17.16 -2.20 -32.76
CA VAL C 295 -17.18 -3.68 -32.77
C VAL C 295 -18.36 -4.17 -31.94
N LEU C 296 -18.51 -3.62 -30.75
CA LEU C 296 -19.59 -4.05 -29.88
C LEU C 296 -20.94 -3.67 -30.45
N GLU C 297 -21.08 -2.48 -31.05
CA GLU C 297 -22.39 -2.18 -31.69
C GLU C 297 -22.70 -3.31 -32.67
N LEU C 298 -21.67 -3.78 -33.34
CA LEU C 298 -21.89 -4.60 -34.49
C LEU C 298 -22.02 -6.07 -34.11
N ILE C 299 -21.45 -6.46 -32.98
CA ILE C 299 -21.35 -7.89 -32.70
C ILE C 299 -22.39 -8.35 -31.69
N ASN C 300 -22.67 -7.48 -30.72
CA ASN C 300 -23.70 -7.74 -29.72
C ASN C 300 -25.09 -7.42 -30.27
N THR C 301 -25.52 -8.19 -31.27
CA THR C 301 -26.87 -8.14 -31.80
C THR C 301 -27.33 -9.58 -31.82
N PRO C 302 -28.65 -9.78 -31.73
CA PRO C 302 -29.16 -11.15 -31.79
C PRO C 302 -28.95 -11.81 -33.16
N GLU C 303 -29.10 -11.05 -34.25
CA GLU C 303 -28.81 -11.58 -35.59
CA GLU C 303 -28.82 -11.57 -35.60
C GLU C 303 -27.37 -12.08 -35.68
N MET C 304 -26.41 -11.28 -35.20
CA MET C 304 -24.99 -11.70 -35.30
C MET C 304 -24.71 -12.86 -34.43
N LEU C 305 -25.22 -12.78 -33.20
CA LEU C 305 -24.85 -13.79 -32.23
C LEU C 305 -25.53 -15.09 -32.61
N ASN C 306 -26.78 -14.96 -33.03
CA ASN C 306 -27.48 -16.11 -33.53
C ASN C 306 -26.83 -16.70 -34.78
N GLY C 307 -26.33 -15.81 -35.65
CA GLY C 307 -25.54 -16.19 -36.81
C GLY C 307 -24.28 -16.98 -36.50
N VAL C 308 -23.65 -16.71 -35.36
CA VAL C 308 -22.50 -17.50 -34.98
C VAL C 308 -22.92 -18.93 -34.75
N LYS C 309 -24.15 -19.19 -34.30
CA LYS C 309 -24.54 -20.60 -34.10
C LYS C 309 -24.87 -21.30 -35.42
N GLN C 310 -25.63 -20.63 -36.28
CA GLN C 310 -25.76 -21.07 -37.67
C GLN C 310 -24.36 -21.48 -38.24
N ARG C 311 -23.39 -20.57 -38.19
CA ARG C 311 -22.09 -20.90 -38.79
C ARG C 311 -21.39 -22.08 -38.11
N HIS C 312 -21.59 -22.19 -36.80
CA HIS C 312 -21.14 -23.38 -36.07
C HIS C 312 -21.66 -24.62 -36.76
N ASP C 313 -22.92 -24.59 -37.15
CA ASP C 313 -23.46 -25.79 -37.78
C ASP C 313 -22.85 -26.03 -39.16
N TRP C 314 -22.81 -25.00 -40.03
CA TRP C 314 -22.09 -25.14 -41.31
C TRP C 314 -20.74 -25.82 -41.13
N PHE C 315 -19.92 -25.37 -40.18
CA PHE C 315 -18.56 -25.90 -40.14
C PHE C 315 -18.56 -27.35 -39.78
N VAL C 316 -19.42 -27.70 -38.82
CA VAL C 316 -19.33 -29.02 -38.18
C VAL C 316 -19.90 -30.06 -39.11
N GLU C 317 -21.09 -29.79 -39.64
CA GLU C 317 -21.70 -30.66 -40.68
C GLU C 317 -20.64 -30.93 -41.73
N ARG C 318 -20.08 -29.86 -42.29
CA ARG C 318 -19.15 -30.06 -43.38
C ARG C 318 -17.87 -30.77 -42.96
N LEU C 319 -17.42 -30.46 -41.76
CA LEU C 319 -16.20 -31.05 -41.25
C LEU C 319 -16.46 -32.55 -41.01
N ASN C 320 -17.73 -32.87 -40.71
CA ASN C 320 -18.11 -34.27 -40.55
C ASN C 320 -18.01 -35.03 -41.85
N THR C 321 -18.79 -34.56 -42.84
CA THR C 321 -18.67 -34.94 -44.26
C THR C 321 -17.20 -35.20 -44.68
N ILE C 322 -16.28 -34.24 -44.43
CA ILE C 322 -14.83 -34.39 -44.79
C ILE C 322 -14.08 -35.52 -44.05
N ASN C 323 -14.29 -35.60 -42.74
CA ASN C 323 -13.82 -36.72 -41.96
C ASN C 323 -14.40 -38.11 -42.39
N HIS C 324 -15.68 -38.14 -42.76
CA HIS C 324 -16.21 -39.36 -43.42
C HIS C 324 -15.35 -39.74 -44.60
N ARG C 325 -15.07 -38.78 -45.51
CA ARG C 325 -14.27 -39.11 -46.69
C ARG C 325 -12.87 -39.46 -46.29
N TYR C 326 -12.25 -38.70 -45.40
CA TYR C 326 -10.79 -38.87 -45.27
C TYR C 326 -10.35 -39.51 -43.99
N GLY C 327 -11.28 -39.62 -43.03
CA GLY C 327 -10.99 -40.17 -41.68
C GLY C 327 -9.68 -39.69 -41.02
N LEU C 328 -9.55 -38.38 -40.74
CA LEU C 328 -8.33 -37.83 -40.08
C LEU C 328 -8.51 -37.63 -38.58
N PHE C 329 -9.78 -37.45 -38.19
CA PHE C 329 -10.11 -36.87 -36.92
C PHE C 329 -10.88 -37.83 -36.11
N SER C 330 -10.50 -37.94 -34.83
CA SER C 330 -11.24 -38.73 -33.86
C SER C 330 -12.43 -37.99 -33.32
N GLU C 331 -12.39 -36.66 -33.32
CA GLU C 331 -13.55 -35.84 -32.89
C GLU C 331 -13.51 -34.39 -33.37
N VAL C 332 -14.67 -33.74 -33.36
CA VAL C 332 -14.80 -32.34 -33.74
C VAL C 332 -15.50 -31.62 -32.60
N ARG C 333 -14.80 -30.69 -31.92
CA ARG C 333 -15.29 -30.00 -30.68
C ARG C 333 -15.11 -28.46 -30.73
N GLY C 334 -15.64 -27.81 -29.69
CA GLY C 334 -15.68 -26.36 -29.58
C GLY C 334 -17.11 -25.83 -29.50
N LEU C 335 -17.28 -24.52 -29.56
CA LEU C 335 -18.60 -23.87 -29.34
C LEU C 335 -18.55 -22.75 -30.28
N GLY C 336 -19.70 -22.36 -30.80
CA GLY C 336 -19.75 -21.30 -31.84
C GLY C 336 -18.59 -21.35 -32.82
N LEU C 337 -17.89 -20.23 -33.03
CA LEU C 337 -16.86 -20.19 -34.07
C LEU C 337 -15.49 -20.35 -33.55
N LEU C 338 -15.41 -21.16 -32.49
CA LEU C 338 -14.13 -21.68 -32.04
C LEU C 338 -14.21 -23.21 -32.14
N ILE C 339 -13.52 -23.79 -33.12
CA ILE C 339 -13.71 -25.18 -33.43
C ILE C 339 -12.38 -25.87 -33.57
N GLY C 340 -12.25 -27.01 -32.94
CA GLY C 340 -11.05 -27.83 -33.03
C GLY C 340 -11.42 -29.22 -33.58
N CYS C 341 -10.78 -29.59 -34.70
CA CYS C 341 -10.68 -30.98 -35.19
C CYS C 341 -9.52 -31.69 -34.54
N VAL C 342 -9.79 -32.75 -33.79
CA VAL C 342 -8.68 -33.42 -33.14
C VAL C 342 -8.27 -34.67 -33.91
N LEU C 343 -6.97 -34.85 -34.07
CA LEU C 343 -6.39 -35.88 -34.94
C LEU C 343 -6.34 -37.31 -34.36
N ASN C 344 -6.61 -38.31 -35.23
CA ASN C 344 -6.50 -39.77 -34.96
C ASN C 344 -5.17 -40.21 -34.41
N ALA C 345 -5.18 -41.35 -33.71
CA ALA C 345 -3.92 -41.95 -33.29
C ALA C 345 -2.92 -42.10 -34.48
N ASP C 346 -3.45 -42.25 -35.69
CA ASP C 346 -2.66 -42.45 -36.93
C ASP C 346 -1.84 -41.23 -37.34
N TYR C 347 -2.43 -40.05 -37.13
CA TYR C 347 -1.91 -38.77 -37.62
C TYR C 347 -1.53 -37.83 -36.48
N ALA C 348 -1.26 -38.41 -35.32
CA ALA C 348 -0.89 -37.64 -34.14
C ALA C 348 0.25 -36.70 -34.48
N GLY C 349 0.26 -35.54 -33.83
CA GLY C 349 1.38 -34.63 -33.94
C GLY C 349 1.52 -33.92 -35.28
N GLN C 350 0.57 -34.11 -36.20
CA GLN C 350 0.76 -33.59 -37.54
C GLN C 350 -0.15 -32.45 -37.93
N ALA C 351 -0.72 -31.75 -36.96
CA ALA C 351 -1.61 -30.63 -37.31
C ALA C 351 -0.91 -29.53 -38.13
N LYS C 352 0.35 -29.30 -37.79
CA LYS C 352 1.14 -28.25 -38.40
C LYS C 352 1.18 -28.51 -39.90
N GLN C 353 1.34 -29.78 -40.24
CA GLN C 353 1.51 -30.25 -41.62
C GLN C 353 0.22 -30.13 -42.39
N ILE C 354 -0.86 -30.62 -41.80
CA ILE C 354 -2.21 -30.31 -42.33
C ILE C 354 -2.39 -28.82 -42.54
N SER C 355 -2.11 -28.04 -41.52
CA SER C 355 -2.13 -26.56 -41.66
C SER C 355 -1.48 -25.94 -42.92
N GLN C 356 -0.26 -26.42 -43.25
CA GLN C 356 0.51 -25.91 -44.38
C GLN C 356 0.03 -26.37 -45.77
N GLU C 357 -0.49 -27.60 -45.81
CA GLU C 357 -1.23 -28.10 -46.97
C GLU C 357 -2.48 -27.27 -47.20
N ALA C 358 -3.12 -26.92 -46.12
CA ALA C 358 -4.32 -26.13 -46.22
C ALA C 358 -3.98 -24.80 -46.87
N ALA C 359 -2.81 -24.22 -46.52
CA ALA C 359 -2.40 -22.89 -47.09
C ALA C 359 -2.06 -23.01 -48.58
N LYS C 360 -1.36 -24.09 -48.92
CA LYS C 360 -1.01 -24.38 -50.30
C LYS C 360 -2.28 -24.48 -51.13
N ALA C 361 -3.36 -24.99 -50.55
CA ALA C 361 -4.62 -25.10 -51.26
C ALA C 361 -5.49 -23.84 -51.16
N GLY C 362 -5.00 -22.78 -50.48
CA GLY C 362 -5.75 -21.50 -50.43
C GLY C 362 -6.63 -21.36 -49.20
N VAL C 363 -6.37 -22.12 -48.15
CA VAL C 363 -7.19 -21.85 -46.97
C VAL C 363 -6.33 -21.69 -45.75
N MET C 364 -6.60 -20.66 -44.96
CA MET C 364 -5.79 -20.50 -43.72
C MET C 364 -6.47 -21.12 -42.49
N VAL C 365 -5.84 -22.08 -41.86
CA VAL C 365 -6.45 -22.63 -40.63
C VAL C 365 -5.40 -22.45 -39.54
N LEU C 366 -5.76 -22.67 -38.27
CA LEU C 366 -4.78 -22.66 -37.18
C LEU C 366 -4.51 -24.09 -36.68
N ILE C 367 -3.51 -24.25 -35.83
CA ILE C 367 -3.38 -25.46 -35.02
C ILE C 367 -3.67 -25.05 -33.57
N ALA C 368 -3.67 -26.01 -32.65
CA ALA C 368 -3.95 -25.71 -31.24
C ALA C 368 -3.29 -26.88 -30.56
N GLY C 369 -1.96 -26.88 -30.53
CA GLY C 369 -1.21 -28.09 -30.18
C GLY C 369 -1.00 -28.80 -31.50
N GLY C 370 -0.05 -29.76 -31.53
CA GLY C 370 0.27 -30.54 -32.69
C GLY C 370 -0.76 -31.59 -33.08
N ASN C 371 -1.94 -31.56 -32.47
CA ASN C 371 -2.92 -32.59 -32.62
C ASN C 371 -4.30 -32.08 -32.90
N VAL C 372 -4.41 -30.77 -33.10
CA VAL C 372 -5.72 -30.15 -33.39
C VAL C 372 -5.56 -29.10 -34.48
N VAL C 373 -6.38 -29.19 -35.53
CA VAL C 373 -6.45 -28.05 -36.44
C VAL C 373 -7.59 -27.28 -35.90
N ARG C 374 -7.37 -25.98 -35.76
CA ARG C 374 -8.32 -25.11 -35.10
C ARG C 374 -8.81 -24.13 -36.12
N PHE C 375 -10.09 -23.81 -36.03
CA PHE C 375 -10.74 -22.78 -36.86
C PHE C 375 -11.25 -21.63 -35.98
N ALA C 376 -11.04 -20.39 -36.42
CA ALA C 376 -11.55 -19.23 -35.64
C ALA C 376 -11.91 -18.07 -36.55
N PRO C 377 -12.89 -18.29 -37.44
CA PRO C 377 -13.20 -17.39 -38.55
C PRO C 377 -13.95 -16.16 -38.08
N ALA C 378 -14.06 -15.13 -38.91
CA ALA C 378 -14.79 -13.92 -38.59
C ALA C 378 -16.19 -14.36 -38.21
N LEU C 379 -16.93 -13.58 -37.42
CA LEU C 379 -18.23 -14.03 -36.94
C LEU C 379 -19.22 -13.82 -38.02
N ASN C 380 -18.88 -12.97 -38.99
CA ASN C 380 -19.72 -12.72 -40.16
C ASN C 380 -19.19 -13.38 -41.47
N VAL C 381 -18.29 -14.37 -41.42
CA VAL C 381 -18.03 -15.21 -42.58
C VAL C 381 -19.36 -15.55 -43.25
N SER C 382 -19.40 -15.47 -44.60
CA SER C 382 -20.57 -15.81 -45.42
C SER C 382 -20.62 -17.31 -45.75
N GLU C 383 -21.83 -17.73 -46.08
CA GLU C 383 -22.06 -19.09 -46.49
C GLU C 383 -21.12 -19.46 -47.61
N GLU C 384 -21.05 -18.60 -48.63
CA GLU C 384 -20.04 -18.81 -49.66
C GLU C 384 -18.61 -19.03 -49.12
N GLU C 385 -18.15 -18.10 -48.26
CA GLU C 385 -16.78 -18.17 -47.78
C GLU C 385 -16.47 -19.52 -47.04
N VAL C 386 -17.42 -20.01 -46.25
CA VAL C 386 -17.30 -21.33 -45.60
C VAL C 386 -17.18 -22.53 -46.55
N THR C 387 -18.17 -22.62 -47.46
CA THR C 387 -18.20 -23.66 -48.53
C THR C 387 -16.86 -23.71 -49.30
N THR C 388 -16.40 -22.54 -49.82
CA THR C 388 -15.15 -22.44 -50.59
C THR C 388 -13.96 -22.77 -49.71
N GLY C 389 -13.91 -22.18 -48.49
CA GLY C 389 -12.82 -22.45 -47.58
C GLY C 389 -12.79 -23.92 -47.28
N LEU C 390 -13.94 -24.47 -46.94
CA LEU C 390 -13.96 -25.94 -46.71
C LEU C 390 -13.76 -26.88 -47.92
N ASP C 391 -14.14 -26.45 -49.15
CA ASP C 391 -13.76 -27.20 -50.37
C ASP C 391 -12.21 -27.35 -50.40
N ARG C 392 -11.54 -26.26 -50.05
CA ARG C 392 -10.14 -26.24 -50.14
C ARG C 392 -9.61 -26.97 -48.93
N PHE C 393 -10.26 -26.92 -47.78
CA PHE C 393 -9.68 -27.72 -46.70
C PHE C 393 -9.79 -29.22 -47.07
N ALA C 394 -10.92 -29.54 -47.69
CA ALA C 394 -11.17 -30.93 -48.16
C ALA C 394 -10.01 -31.37 -49.06
N ALA C 395 -9.75 -30.60 -50.15
CA ALA C 395 -8.59 -30.86 -51.01
C ALA C 395 -7.24 -31.07 -50.27
N ALA C 396 -6.85 -30.13 -49.39
CA ALA C 396 -5.62 -30.32 -48.63
C ALA C 396 -5.73 -31.60 -47.77
N CYS C 397 -6.88 -31.85 -47.17
CA CYS C 397 -7.06 -33.13 -46.50
C CYS C 397 -6.80 -34.31 -47.47
N GLU C 398 -7.40 -34.26 -48.67
CA GLU C 398 -7.13 -35.30 -49.69
C GLU C 398 -5.62 -35.55 -49.91
N HIS C 399 -4.86 -34.47 -50.14
CA HIS C 399 -3.41 -34.55 -50.42
C HIS C 399 -2.72 -35.07 -49.21
N PHE C 400 -3.19 -34.67 -48.04
CA PHE C 400 -2.50 -35.07 -46.85
C PHE C 400 -2.40 -36.61 -46.66
N VAL C 401 -3.51 -37.34 -46.74
CA VAL C 401 -3.37 -38.81 -46.87
C VAL C 401 -2.63 -39.21 -48.18
N SER C 402 -1.32 -39.51 -48.07
CA SER C 402 -0.39 -39.72 -49.21
C SER C 402 1.03 -39.42 -48.74
N GLN D 3 -27.06 10.20 -22.70
CA GLN D 3 -26.09 10.09 -23.85
C GLN D 3 -24.82 10.95 -23.67
N PRO D 4 -24.91 12.09 -22.93
CA PRO D 4 -23.81 13.08 -22.84
C PRO D 4 -22.84 12.88 -21.67
N ILE D 5 -21.61 12.56 -22.03
CA ILE D 5 -20.60 12.01 -21.14
C ILE D 5 -20.01 13.09 -20.27
N THR D 6 -19.74 12.77 -19.01
CA THR D 6 -19.37 13.76 -18.00
C THR D 6 -18.19 13.18 -17.24
N ARG D 7 -17.41 14.02 -16.56
CA ARG D 7 -16.29 13.57 -15.74
C ARG D 7 -16.76 12.70 -14.53
N GLU D 8 -18.02 12.85 -14.13
CA GLU D 8 -18.59 12.00 -13.07
C GLU D 8 -18.68 10.51 -13.52
N ASN D 9 -18.89 10.27 -14.83
CA ASN D 9 -19.05 8.92 -15.39
C ASN D 9 -17.79 8.07 -15.14
N PHE D 10 -16.65 8.73 -15.31
CA PHE D 10 -15.37 8.13 -15.09
C PHE D 10 -15.36 7.55 -13.70
N ASP D 11 -15.93 8.27 -12.75
CA ASP D 11 -15.93 7.78 -11.38
C ASP D 11 -16.89 6.65 -11.15
N GLU D 12 -17.98 6.56 -11.95
CA GLU D 12 -18.89 5.39 -11.90
C GLU D 12 -18.34 4.13 -12.65
N TRP D 13 -17.59 4.33 -13.75
CA TRP D 13 -17.34 3.22 -14.70
C TRP D 13 -15.96 2.64 -14.75
N MET D 14 -15.01 3.40 -14.22
CA MET D 14 -13.60 3.03 -14.26
C MET D 14 -13.01 2.55 -12.94
N ILE D 15 -12.34 1.40 -12.99
CA ILE D 15 -11.54 0.96 -11.89
C ILE D 15 -10.64 2.16 -11.56
N PRO D 16 -10.72 2.69 -10.33
CA PRO D 16 -10.22 4.07 -10.08
C PRO D 16 -8.69 4.13 -9.84
N VAL D 17 -7.91 3.78 -10.84
CA VAL D 17 -6.50 3.64 -10.68
C VAL D 17 -5.83 4.99 -11.09
N TYR D 18 -6.61 5.91 -11.58
CA TYR D 18 -6.07 7.20 -11.98
C TYR D 18 -6.98 8.26 -11.47
N ALA D 19 -6.42 9.42 -11.10
CA ALA D 19 -7.26 10.59 -10.85
C ALA D 19 -7.14 11.54 -12.02
N PRO D 20 -7.85 11.32 -13.16
CA PRO D 20 -7.75 12.26 -14.27
C PRO D 20 -8.24 13.61 -14.02
N ALA D 21 -7.79 14.52 -14.87
CA ALA D 21 -8.25 15.89 -14.92
C ALA D 21 -9.77 16.00 -14.85
N PRO D 22 -10.29 17.14 -14.39
CA PRO D 22 -11.73 17.42 -14.39
C PRO D 22 -12.27 17.74 -15.77
N PHE D 23 -11.41 18.06 -16.72
CA PHE D 23 -11.88 18.36 -18.07
C PHE D 23 -11.66 17.15 -19.01
N ILE D 24 -12.51 17.03 -20.03
CA ILE D 24 -12.35 15.91 -20.96
C ILE D 24 -11.95 16.43 -22.33
N PRO D 25 -10.73 16.09 -22.79
CA PRO D 25 -10.33 16.47 -24.15
C PRO D 25 -11.27 15.86 -25.21
N VAL D 26 -11.51 16.53 -26.33
CA VAL D 26 -12.31 15.93 -27.38
C VAL D 26 -11.65 15.99 -28.74
N ARG D 27 -10.88 17.03 -29.05
CA ARG D 27 -10.06 17.05 -30.28
C ARG D 27 -8.76 17.81 -30.10
N GLY D 28 -7.71 17.47 -30.86
CA GLY D 28 -6.43 18.18 -30.83
C GLY D 28 -5.97 18.52 -32.23
N GLU D 29 -5.03 19.48 -32.37
CA GLU D 29 -4.30 19.76 -33.65
C GLU D 29 -2.92 20.26 -33.29
N GLY D 30 -1.92 19.54 -33.79
CA GLY D 30 -0.55 19.78 -33.38
C GLY D 30 -0.43 19.72 -31.88
N SER D 31 -0.02 20.83 -31.26
CA SER D 31 0.15 20.94 -29.80
C SER D 31 -0.91 21.80 -29.13
N ARG D 32 -2.00 22.12 -29.82
CA ARG D 32 -3.17 22.43 -29.02
C ARG D 32 -4.21 21.32 -28.90
N LEU D 33 -5.19 21.50 -28.00
CA LEU D 33 -6.11 20.47 -27.49
C LEU D 33 -7.38 21.16 -26.92
N TRP D 34 -8.56 20.63 -27.19
CA TRP D 34 -9.81 21.27 -26.74
C TRP D 34 -10.62 20.32 -25.88
N ASP D 35 -11.29 20.82 -24.85
CA ASP D 35 -12.11 19.98 -24.01
C ASP D 35 -13.57 20.09 -24.47
N GLN D 36 -14.52 19.49 -23.75
CA GLN D 36 -15.91 19.54 -24.23
C GLN D 36 -16.58 20.90 -24.17
N GLN D 37 -16.00 21.85 -23.46
CA GLN D 37 -16.54 23.21 -23.37
C GLN D 37 -15.80 24.09 -24.35
N GLY D 38 -14.85 23.51 -25.11
CA GLY D 38 -14.13 24.26 -26.11
C GLY D 38 -13.00 25.10 -25.56
N LYS D 39 -12.68 24.90 -24.29
CA LYS D 39 -11.52 25.51 -23.72
C LYS D 39 -10.26 24.93 -24.39
N GLU D 40 -9.28 25.77 -24.70
CA GLU D 40 -8.10 25.32 -25.40
C GLU D 40 -6.84 25.27 -24.55
N TYR D 41 -6.10 24.19 -24.68
CA TYR D 41 -4.87 24.01 -23.94
C TYR D 41 -3.70 23.93 -24.88
N ILE D 42 -2.56 24.43 -24.48
CA ILE D 42 -1.35 24.05 -25.11
C ILE D 42 -0.98 22.73 -24.44
N ASP D 43 -0.60 21.71 -25.21
CA ASP D 43 -0.29 20.39 -24.64
C ASP D 43 1.21 20.28 -24.52
N PHE D 44 1.75 20.45 -23.30
CA PHE D 44 3.20 20.21 -23.05
C PHE D 44 3.42 18.85 -22.36
N ALA D 45 2.33 18.18 -22.05
CA ALA D 45 2.33 16.78 -21.65
C ALA D 45 2.73 15.80 -22.77
N GLY D 46 2.32 16.12 -24.02
CA GLY D 46 2.52 15.24 -25.17
C GLY D 46 2.17 13.76 -24.97
N GLY D 47 0.97 13.48 -24.44
CA GLY D 47 0.60 12.12 -23.99
C GLY D 47 1.69 11.32 -23.19
N ILE D 48 2.41 11.99 -22.28
CA ILE D 48 3.48 11.37 -21.48
C ILE D 48 4.56 10.89 -22.44
N ALA D 49 5.08 11.87 -23.20
CA ALA D 49 6.13 11.67 -24.19
C ALA D 49 5.77 10.71 -25.35
N VAL D 50 4.54 10.70 -25.82
CA VAL D 50 4.11 9.70 -26.83
C VAL D 50 3.91 10.40 -28.19
N ASN D 51 3.16 11.51 -28.15
CA ASN D 51 2.72 12.29 -29.26
C ASN D 51 3.81 13.16 -29.81
N ALA D 52 4.91 12.55 -30.15
CA ALA D 52 6.03 13.15 -30.91
C ALA D 52 5.68 14.07 -32.07
N LEU D 53 4.58 13.83 -32.76
CA LEU D 53 4.30 14.61 -33.91
C LEU D 53 3.04 15.43 -33.67
N GLY D 54 2.68 15.59 -32.39
CA GLY D 54 1.42 16.32 -32.07
C GLY D 54 0.11 15.57 -32.26
N HIS D 55 -1.00 16.22 -31.99
CA HIS D 55 -2.30 15.61 -32.15
C HIS D 55 -2.80 15.57 -33.58
N ALA D 56 -3.51 14.48 -33.93
CA ALA D 56 -4.13 14.29 -35.25
C ALA D 56 -3.23 14.70 -36.39
N HIS D 57 -2.01 14.17 -36.44
CA HIS D 57 -1.07 14.62 -37.46
C HIS D 57 -1.46 14.14 -38.86
N PRO D 58 -1.64 15.08 -39.81
CA PRO D 58 -2.18 14.77 -41.18
C PRO D 58 -1.54 13.58 -41.91
N GLU D 59 -0.24 13.40 -41.80
CA GLU D 59 0.43 12.28 -42.46
C GLU D 59 0.29 10.96 -41.73
N LEU D 60 0.36 10.99 -40.42
CA LEU D 60 0.11 9.84 -39.58
C LEU D 60 -1.32 9.34 -39.87
N ARG D 61 -2.30 10.25 -39.97
CA ARG D 61 -3.67 9.83 -40.29
C ARG D 61 -3.75 9.14 -41.68
N GLU D 62 -2.97 9.66 -42.62
CA GLU D 62 -2.92 9.20 -44.01
C GLU D 62 -2.32 7.81 -43.99
N ALA D 63 -1.27 7.60 -43.23
CA ALA D 63 -0.71 6.27 -43.20
C ALA D 63 -1.68 5.29 -42.46
N LEU D 64 -2.42 5.79 -41.46
CA LEU D 64 -3.40 4.93 -40.78
C LEU D 64 -4.53 4.54 -41.77
N ASN D 65 -5.17 5.56 -42.37
CA ASN D 65 -6.26 5.32 -43.34
C ASN D 65 -5.86 4.34 -44.51
N GLU D 66 -4.58 4.36 -44.91
CA GLU D 66 -4.09 3.61 -46.04
C GLU D 66 -3.89 2.13 -45.71
N GLN D 67 -3.18 1.83 -44.64
CA GLN D 67 -3.08 0.45 -44.23
C GLN D 67 -4.42 -0.11 -43.73
N ALA D 68 -5.29 0.76 -43.23
CA ALA D 68 -6.67 0.36 -42.81
C ALA D 68 -7.53 -0.21 -43.91
N SER D 69 -7.37 0.33 -45.10
CA SER D 69 -8.20 -0.12 -46.20
C SER D 69 -7.61 -1.36 -46.87
N LYS D 70 -6.35 -1.69 -46.61
CA LYS D 70 -5.84 -3.03 -46.89
C LYS D 70 -6.21 -4.09 -45.84
N PHE D 71 -5.54 -4.09 -44.67
CA PHE D 71 -5.89 -5.07 -43.61
C PHE D 71 -5.15 -4.73 -42.34
N TRP D 72 -5.73 -5.11 -41.18
CA TRP D 72 -5.20 -4.57 -39.90
C TRP D 72 -4.33 -5.53 -39.23
N HIS D 73 -4.62 -6.82 -39.42
CA HIS D 73 -4.09 -7.76 -38.50
C HIS D 73 -4.24 -9.14 -39.05
N THR D 74 -3.14 -9.90 -38.94
CA THR D 74 -3.26 -11.35 -39.06
C THR D 74 -2.85 -12.23 -37.87
N GLY D 75 -2.14 -11.67 -36.87
CA GLY D 75 -1.41 -12.52 -35.90
C GLY D 75 -0.11 -12.91 -36.56
N ASN D 76 0.84 -13.41 -35.81
CA ASN D 76 2.20 -13.67 -36.35
C ASN D 76 2.44 -15.02 -37.01
N GLY D 77 1.41 -15.80 -37.28
CA GLY D 77 1.55 -16.87 -38.30
C GLY D 77 1.92 -16.32 -39.72
N TYR D 78 1.87 -14.99 -39.90
CA TYR D 78 1.99 -14.36 -41.19
C TYR D 78 2.68 -13.04 -40.99
N THR D 79 3.77 -12.81 -41.70
CA THR D 79 4.34 -11.48 -41.65
C THR D 79 3.62 -10.52 -42.61
N ASN D 80 4.05 -9.27 -42.58
CA ASN D 80 3.46 -8.23 -43.43
C ASN D 80 4.53 -7.25 -43.88
N GLU D 81 4.25 -6.53 -44.95
CA GLU D 81 5.26 -5.64 -45.49
C GLU D 81 5.62 -4.48 -44.50
N PRO D 82 4.59 -3.76 -44.00
CA PRO D 82 4.98 -2.67 -43.10
C PRO D 82 5.85 -3.11 -41.91
N VAL D 83 5.61 -4.24 -41.23
CA VAL D 83 6.55 -4.57 -40.14
C VAL D 83 7.96 -4.77 -40.67
N LEU D 84 8.06 -5.30 -41.86
CA LEU D 84 9.37 -5.68 -42.30
C LEU D 84 10.13 -4.38 -42.63
N ARG D 85 9.37 -3.41 -43.14
CA ARG D 85 9.84 -2.09 -43.52
C ARG D 85 10.29 -1.37 -42.25
N LEU D 86 9.49 -1.51 -41.21
CA LEU D 86 9.74 -0.91 -39.91
C LEU D 86 10.95 -1.51 -39.21
N ALA D 87 11.15 -2.81 -39.32
CA ALA D 87 12.34 -3.43 -38.75
C ALA D 87 13.58 -2.94 -39.44
N LYS D 88 13.49 -2.69 -40.76
CA LYS D 88 14.61 -2.22 -41.53
C LYS D 88 15.01 -0.83 -41.08
N LYS D 89 14.12 0.18 -41.12
CA LYS D 89 14.50 1.48 -40.62
C LYS D 89 15.27 1.35 -39.29
N LEU D 90 14.67 0.67 -38.31
CA LEU D 90 15.27 0.45 -37.01
C LEU D 90 16.68 -0.15 -37.04
N ILE D 91 16.84 -1.24 -37.80
CA ILE D 91 18.13 -1.93 -37.97
C ILE D 91 19.21 -1.00 -38.61
N ASP D 92 18.80 -0.21 -39.62
CA ASP D 92 19.69 0.65 -40.36
C ASP D 92 20.09 1.79 -39.47
N ALA D 93 19.15 2.29 -38.68
CA ALA D 93 19.41 3.49 -37.89
C ALA D 93 20.11 3.24 -36.52
N THR D 94 20.25 2.00 -36.10
CA THR D 94 20.77 1.77 -34.75
C THR D 94 21.73 0.58 -34.70
N PHE D 95 22.25 0.28 -33.52
CA PHE D 95 23.16 -0.87 -33.35
C PHE D 95 22.41 -2.17 -33.60
N ALA D 96 21.09 -2.09 -33.78
CA ALA D 96 20.24 -3.30 -33.90
C ALA D 96 20.49 -4.14 -35.14
N ASP D 97 20.59 -5.46 -34.92
CA ASP D 97 20.51 -6.39 -36.05
C ASP D 97 19.13 -7.01 -36.27
N ARG D 98 18.41 -7.28 -35.17
CA ARG D 98 17.04 -7.84 -35.20
C ARG D 98 16.06 -7.06 -34.34
N VAL D 99 14.79 -7.17 -34.64
CA VAL D 99 13.77 -6.59 -33.75
C VAL D 99 12.59 -7.53 -33.46
N PHE D 100 12.01 -7.39 -32.26
CA PHE D 100 10.75 -7.98 -31.93
C PHE D 100 9.67 -6.87 -31.73
N PHE D 101 8.41 -7.13 -32.05
CA PHE D 101 7.40 -6.08 -31.85
C PHE D 101 6.27 -6.50 -30.87
N CYS D 102 5.91 -5.57 -30.00
CA CYS D 102 4.84 -5.76 -29.07
C CYS D 102 3.94 -4.54 -29.01
N ASN D 103 3.24 -4.35 -27.89
CA ASN D 103 2.23 -3.30 -27.89
C ASN D 103 2.41 -2.26 -26.82
N SER D 104 3.49 -2.36 -26.04
CA SER D 104 3.73 -1.49 -24.89
C SER D 104 5.17 -1.58 -24.38
N GLY D 105 5.57 -0.54 -23.64
CA GLY D 105 6.91 -0.49 -23.09
C GLY D 105 7.12 -1.62 -22.13
N ALA D 106 6.10 -1.85 -21.30
CA ALA D 106 6.15 -3.00 -20.41
C ALA D 106 6.42 -4.34 -21.14
N GLU D 107 5.77 -4.54 -22.28
CA GLU D 107 5.95 -5.79 -23.02
C GLU D 107 7.32 -5.86 -23.60
N ALA D 108 7.80 -4.68 -24.05
CA ALA D 108 9.17 -4.58 -24.54
C ALA D 108 10.21 -5.01 -23.50
N ASN D 109 10.24 -4.33 -22.36
CA ASN D 109 11.08 -4.79 -21.29
C ASN D 109 10.81 -6.23 -20.89
N GLU D 110 9.54 -6.67 -20.92
CA GLU D 110 9.27 -8.10 -20.66
C GLU D 110 10.16 -8.96 -21.54
N ALA D 111 10.09 -8.69 -22.85
CA ALA D 111 10.86 -9.43 -23.81
C ALA D 111 12.39 -9.28 -23.59
N ALA D 112 12.83 -8.06 -23.25
CA ALA D 112 14.23 -7.85 -23.00
C ALA D 112 14.66 -8.72 -21.80
N LEU D 113 13.95 -8.61 -20.68
CA LEU D 113 14.34 -9.41 -19.55
C LEU D 113 14.22 -10.93 -19.81
N LYS D 114 13.14 -11.35 -20.45
CA LYS D 114 13.01 -12.76 -20.83
C LYS D 114 14.21 -13.20 -21.69
N LEU D 115 14.54 -12.43 -22.72
CA LEU D 115 15.67 -12.81 -23.54
C LEU D 115 16.94 -12.95 -22.71
N ALA D 116 17.19 -11.99 -21.82
CA ALA D 116 18.41 -12.01 -21.02
C ALA D 116 18.44 -13.29 -20.21
N ARG D 117 17.39 -13.54 -19.44
CA ARG D 117 17.37 -14.74 -18.61
C ARG D 117 17.73 -15.99 -19.46
N LYS D 118 17.29 -16.02 -20.71
CA LYS D 118 17.33 -17.25 -21.47
C LYS D 118 18.71 -17.41 -22.04
N PHE D 119 19.25 -16.29 -22.49
CA PHE D 119 20.61 -16.20 -22.98
C PHE D 119 21.60 -16.70 -21.94
N ALA D 120 21.51 -16.16 -20.73
CA ALA D 120 22.34 -16.65 -19.63
C ALA D 120 22.07 -18.14 -19.38
N HIS D 121 20.83 -18.49 -19.04
CA HIS D 121 20.45 -19.90 -18.77
C HIS D 121 21.06 -20.81 -19.82
N ASP D 122 20.93 -20.41 -21.08
CA ASP D 122 21.54 -21.12 -22.23
C ASP D 122 23.09 -21.19 -22.34
N ARG D 123 23.78 -20.04 -22.31
CA ARG D 123 25.23 -20.05 -22.51
C ARG D 123 26.00 -20.41 -21.23
N TYR D 124 25.54 -19.97 -20.06
CA TYR D 124 26.35 -20.07 -18.81
C TYR D 124 25.77 -20.92 -17.65
N GLY D 125 24.73 -21.71 -17.90
CA GLY D 125 24.03 -22.41 -16.81
C GLY D 125 22.89 -21.66 -16.13
N SER D 126 22.13 -22.36 -15.29
CA SER D 126 20.90 -21.81 -14.72
C SER D 126 21.10 -21.13 -13.35
N HIS D 127 22.34 -21.16 -12.86
CA HIS D 127 22.65 -20.42 -11.65
C HIS D 127 22.52 -18.91 -11.89
N LYS D 128 22.61 -18.51 -13.17
CA LYS D 128 22.82 -17.10 -13.61
C LYS D 128 21.53 -16.37 -14.00
N SER D 129 20.88 -15.80 -13.01
CA SER D 129 19.52 -15.34 -13.16
C SER D 129 19.32 -13.90 -12.73
N GLY D 130 20.39 -13.26 -12.23
CA GLY D 130 20.29 -11.99 -11.50
C GLY D 130 20.14 -10.74 -12.35
N ILE D 131 19.21 -9.88 -11.94
CA ILE D 131 18.83 -8.69 -12.70
C ILE D 131 19.12 -7.48 -11.85
N VAL D 132 19.97 -6.61 -12.36
CA VAL D 132 20.31 -5.39 -11.64
C VAL D 132 19.58 -4.21 -12.25
N ALA D 133 18.80 -3.51 -11.43
CA ALA D 133 18.13 -2.27 -11.83
C ALA D 133 18.45 -1.17 -10.80
N PHE D 134 17.63 -0.12 -10.72
CA PHE D 134 18.01 1.11 -10.03
C PHE D 134 16.88 1.76 -9.30
N LYS D 135 17.19 2.20 -8.09
CA LYS D 135 16.23 2.88 -7.30
C LYS D 135 15.63 3.97 -8.16
N ASN D 136 14.33 4.15 -7.97
CA ASN D 136 13.43 4.98 -8.82
C ASN D 136 13.26 4.64 -10.28
N ALA D 137 13.87 3.56 -10.78
CA ALA D 137 13.54 3.09 -12.15
C ALA D 137 12.05 2.89 -12.33
N PHE D 138 11.57 3.18 -13.54
CA PHE D 138 10.22 2.83 -13.93
C PHE D 138 10.27 2.08 -15.23
N HIS D 139 9.75 0.86 -15.22
CA HIS D 139 9.84 -0.04 -16.33
C HIS D 139 8.55 -0.69 -16.73
N GLY D 140 7.42 -0.33 -16.10
CA GLY D 140 6.13 -0.89 -16.46
C GLY D 140 5.41 -1.44 -15.26
N ARG D 141 4.19 -1.89 -15.55
CA ARG D 141 3.21 -2.34 -14.62
C ARG D 141 2.97 -3.87 -14.64
N THR D 142 3.71 -4.61 -15.43
CA THR D 142 3.49 -6.05 -15.37
C THR D 142 4.18 -6.49 -14.10
N LEU D 143 3.81 -7.65 -13.55
CA LEU D 143 4.47 -8.13 -12.33
C LEU D 143 6.00 -8.04 -12.39
N PHE D 144 6.55 -8.43 -13.53
CA PHE D 144 8.00 -8.63 -13.66
C PHE D 144 8.64 -7.27 -13.83
N THR D 145 8.02 -6.40 -14.61
CA THR D 145 8.65 -5.11 -14.94
C THR D 145 8.42 -4.13 -13.82
N VAL D 146 7.29 -4.24 -13.12
CA VAL D 146 7.08 -3.48 -11.87
C VAL D 146 8.09 -3.89 -10.75
N SER D 147 8.60 -5.14 -10.80
CA SER D 147 9.59 -5.66 -9.82
C SER D 147 11.01 -5.22 -10.12
N ALA D 148 11.32 -5.19 -11.40
CA ALA D 148 12.49 -4.49 -11.94
C ALA D 148 12.42 -2.94 -11.73
N GLY D 149 11.25 -2.32 -11.86
CA GLY D 149 11.05 -0.95 -11.40
C GLY D 149 11.60 -0.74 -9.96
N GLY D 150 11.92 0.51 -9.63
CA GLY D 150 12.56 0.81 -8.35
C GLY D 150 11.67 1.64 -7.45
N GLN D 151 10.35 1.52 -7.62
CA GLN D 151 9.44 2.11 -6.67
C GLN D 151 8.65 0.97 -6.01
N PRO D 152 9.09 0.52 -4.80
CA PRO D 152 8.45 -0.60 -4.04
C PRO D 152 6.96 -0.34 -3.70
N ALA D 153 6.61 0.91 -3.47
CA ALA D 153 5.23 1.25 -3.30
C ALA D 153 4.38 0.59 -4.38
N TYR D 154 4.87 0.46 -5.62
CA TYR D 154 4.06 -0.09 -6.75
C TYR D 154 4.09 -1.64 -6.83
N SER D 155 5.00 -2.27 -6.11
CA SER D 155 5.09 -3.70 -6.14
C SER D 155 4.58 -4.41 -4.87
N GLN D 156 5.03 -4.05 -3.66
CA GLN D 156 4.83 -4.92 -2.47
C GLN D 156 3.45 -5.61 -2.41
N ASP D 157 2.36 -4.88 -2.69
CA ASP D 157 1.00 -5.42 -2.77
C ASP D 157 0.81 -6.67 -3.61
N PHE D 158 1.74 -6.97 -4.50
CA PHE D 158 1.48 -8.05 -5.47
C PHE D 158 2.41 -9.26 -5.25
N ALA D 159 3.14 -9.27 -4.12
CA ALA D 159 4.12 -10.34 -3.87
C ALA D 159 3.41 -11.68 -3.64
N PRO D 160 4.16 -12.80 -3.71
CA PRO D 160 5.62 -12.86 -3.98
C PRO D 160 6.03 -12.36 -5.38
N LEU D 161 7.15 -11.67 -5.43
CA LEU D 161 7.58 -11.03 -6.67
C LEU D 161 8.59 -11.93 -7.33
N PRO D 162 8.78 -11.79 -8.66
CA PRO D 162 9.86 -12.57 -9.26
C PRO D 162 11.18 -12.37 -8.49
N ALA D 163 11.77 -13.48 -8.08
CA ALA D 163 13.03 -13.43 -7.34
C ALA D 163 14.22 -12.98 -8.21
N ASP D 164 15.29 -12.47 -7.57
CA ASP D 164 16.67 -12.32 -8.15
C ASP D 164 16.91 -11.00 -8.84
N ILE D 165 16.20 -9.99 -8.33
CA ILE D 165 16.21 -8.67 -8.86
C ILE D 165 16.76 -7.83 -7.71
N ARG D 166 17.97 -7.27 -7.84
CA ARG D 166 18.45 -6.34 -6.82
C ARG D 166 18.52 -4.91 -7.43
N HIS D 167 18.43 -3.89 -6.58
CA HIS D 167 18.41 -2.51 -7.05
C HIS D 167 19.58 -1.69 -6.55
N ALA D 168 20.28 -1.04 -7.47
CA ALA D 168 21.37 -0.15 -7.12
C ALA D 168 20.90 1.29 -7.17
N ALA D 169 21.80 2.21 -6.81
CA ALA D 169 21.49 3.64 -6.78
C ALA D 169 21.75 4.20 -8.16
N TYR D 170 20.84 5.02 -8.66
CA TYR D 170 21.05 5.61 -9.98
C TYR D 170 22.32 6.50 -9.94
N ASN D 171 22.99 6.65 -11.10
CA ASN D 171 24.26 7.39 -11.19
C ASN D 171 25.37 6.96 -10.16
N ASP D 172 25.17 5.82 -9.49
CA ASP D 172 26.15 5.37 -8.51
C ASP D 172 26.81 4.07 -8.97
N ILE D 173 27.81 4.28 -9.80
CA ILE D 173 28.71 3.24 -10.29
C ILE D 173 29.21 2.21 -9.24
N ASN D 174 29.40 2.61 -8.00
CA ASN D 174 29.86 1.66 -6.98
C ASN D 174 28.75 0.82 -6.45
N SER D 175 27.64 1.49 -6.16
CA SER D 175 26.44 0.84 -5.71
C SER D 175 26.14 -0.35 -6.62
N ALA D 176 26.34 -0.12 -7.91
CA ALA D 176 26.05 -1.07 -8.94
C ALA D 176 27.07 -2.21 -8.99
N SER D 177 28.36 -1.83 -9.05
CA SER D 177 29.50 -2.73 -9.00
C SER D 177 29.40 -3.81 -7.93
N ALA D 178 28.72 -3.47 -6.84
CA ALA D 178 28.54 -4.34 -5.68
C ALA D 178 27.40 -5.33 -5.84
N LEU D 179 26.47 -5.03 -6.75
CA LEU D 179 25.32 -5.91 -7.04
C LEU D 179 25.48 -6.75 -8.28
N ILE D 180 26.46 -6.41 -9.11
CA ILE D 180 26.69 -7.07 -10.38
C ILE D 180 27.90 -7.98 -10.23
N ASP D 181 27.67 -9.29 -10.37
CA ASP D 181 28.73 -10.31 -10.43
C ASP D 181 28.50 -11.31 -11.58
N ASP D 182 29.22 -12.42 -11.49
CA ASP D 182 29.17 -13.47 -12.51
C ASP D 182 27.79 -14.15 -12.70
N SER D 183 26.96 -14.13 -11.68
CA SER D 183 25.61 -14.69 -11.84
C SER D 183 24.47 -13.66 -12.07
N THR D 184 24.85 -12.40 -12.31
CA THR D 184 23.95 -11.43 -12.91
C THR D 184 23.72 -11.81 -14.40
N CYS D 185 22.49 -11.66 -14.91
CA CYS D 185 22.21 -11.84 -16.36
C CYS D 185 21.84 -10.56 -17.14
N ALA D 186 21.33 -9.55 -16.42
CA ALA D 186 20.76 -8.34 -17.04
C ALA D 186 20.90 -7.17 -16.11
N VAL D 187 21.41 -6.08 -16.65
CA VAL D 187 21.42 -4.84 -15.92
C VAL D 187 20.57 -4.00 -16.80
N ILE D 188 19.40 -3.60 -16.29
CA ILE D 188 18.50 -2.80 -17.05
C ILE D 188 18.48 -1.39 -16.49
N VAL D 189 18.64 -0.40 -17.37
CA VAL D 189 18.76 0.98 -16.91
C VAL D 189 18.13 1.98 -17.88
N GLU D 190 17.47 2.98 -17.31
CA GLU D 190 16.99 4.13 -18.08
C GLU D 190 18.13 5.16 -18.38
N PRO D 191 18.27 5.62 -19.64
CA PRO D 191 19.27 6.65 -19.94
C PRO D 191 19.00 7.98 -19.24
N ILE D 192 17.73 8.37 -19.13
CA ILE D 192 17.26 9.40 -18.23
C ILE D 192 16.09 8.76 -17.44
N GLN D 193 16.19 8.72 -16.11
CA GLN D 193 15.07 8.27 -15.31
C GLN D 193 13.94 9.28 -15.54
N GLY D 194 12.84 8.78 -16.06
CA GLY D 194 11.75 9.62 -16.57
C GLY D 194 10.80 9.94 -15.47
N GLU D 195 9.92 8.99 -15.14
CA GLU D 195 9.03 9.10 -13.95
C GLU D 195 9.74 9.43 -12.64
N GLY D 196 10.98 8.98 -12.45
CA GLY D 196 11.69 9.26 -11.22
C GLY D 196 12.27 10.67 -11.06
N GLY D 197 11.95 11.61 -11.94
CA GLY D 197 12.38 13.01 -11.72
C GLY D 197 13.04 13.71 -12.90
N VAL D 198 13.07 13.03 -14.04
CA VAL D 198 13.78 13.49 -15.23
C VAL D 198 15.26 13.58 -14.86
N VAL D 199 15.88 12.49 -14.40
CA VAL D 199 17.28 12.59 -14.05
C VAL D 199 18.19 11.84 -15.01
N PRO D 200 18.99 12.58 -15.80
CA PRO D 200 19.91 12.04 -16.81
C PRO D 200 21.02 11.29 -16.15
N ALA D 201 21.45 10.17 -16.69
CA ALA D 201 22.61 9.42 -16.19
C ALA D 201 23.83 10.15 -16.65
N SER D 202 24.94 10.05 -15.94
CA SER D 202 26.20 10.59 -16.43
C SER D 202 26.88 9.61 -17.40
N ASN D 203 27.71 10.13 -18.31
CA ASN D 203 28.49 9.31 -19.25
CA ASN D 203 28.46 9.27 -19.24
C ASN D 203 29.32 8.28 -18.49
N ALA D 204 29.81 8.74 -17.34
CA ALA D 204 30.63 7.94 -16.44
C ALA D 204 29.82 6.74 -15.99
N PHE D 205 28.59 6.98 -15.55
CA PHE D 205 27.68 5.92 -15.06
C PHE D 205 27.42 4.87 -16.14
N LEU D 206 26.96 5.32 -17.32
CA LEU D 206 26.56 4.39 -18.38
C LEU D 206 27.72 3.51 -18.87
N GLN D 207 28.86 4.15 -19.22
CA GLN D 207 30.14 3.46 -19.56
C GLN D 207 30.51 2.42 -18.53
N GLY D 208 30.35 2.80 -17.26
CA GLY D 208 30.69 1.91 -16.13
C GLY D 208 29.89 0.61 -16.16
N LEU D 209 28.55 0.76 -16.16
CA LEU D 209 27.66 -0.38 -16.42
C LEU D 209 28.09 -1.21 -17.65
N ARG D 210 28.50 -0.56 -18.74
CA ARG D 210 28.97 -1.27 -19.92
C ARG D 210 30.18 -2.17 -19.64
N GLU D 211 31.21 -1.60 -19.00
CA GLU D 211 32.44 -2.30 -18.62
C GLU D 211 32.17 -3.38 -17.56
N LEU D 212 31.19 -3.11 -16.69
CA LEU D 212 30.76 -4.09 -15.68
C LEU D 212 30.07 -5.27 -16.35
N CYS D 213 29.29 -4.97 -17.40
CA CYS D 213 28.49 -5.97 -18.08
C CYS D 213 29.37 -6.83 -18.96
N ASN D 214 30.38 -6.22 -19.56
CA ASN D 214 31.34 -6.95 -20.39
C ASN D 214 32.16 -7.93 -19.54
N ARG D 215 32.53 -7.53 -18.33
CA ARG D 215 33.36 -8.36 -17.49
C ARG D 215 32.58 -9.56 -16.99
N HIS D 216 31.32 -9.32 -16.64
CA HIS D 216 30.51 -10.35 -15.99
C HIS D 216 29.56 -11.11 -16.87
N ASN D 217 29.50 -10.79 -18.16
CA ASN D 217 28.62 -11.47 -19.12
C ASN D 217 27.09 -11.29 -18.93
N ALA D 218 26.74 -10.21 -18.23
CA ALA D 218 25.38 -9.73 -18.06
C ALA D 218 25.01 -8.84 -19.24
N LEU D 219 23.75 -8.86 -19.67
CA LEU D 219 23.37 -8.04 -20.82
C LEU D 219 23.04 -6.65 -20.34
N LEU D 220 23.31 -5.65 -21.17
CA LEU D 220 23.00 -4.28 -20.83
C LEU D 220 21.78 -3.88 -21.64
N ILE D 221 20.68 -3.57 -20.95
CA ILE D 221 19.39 -3.26 -21.58
C ILE D 221 19.07 -1.81 -21.32
N PHE D 222 18.88 -1.06 -22.37
CA PHE D 222 18.58 0.32 -22.17
C PHE D 222 17.06 0.51 -22.27
N ASP D 223 16.44 0.91 -21.18
CA ASP D 223 15.02 1.20 -21.29
C ASP D 223 14.82 2.57 -21.98
N GLU D 224 14.53 2.53 -23.27
CA GLU D 224 14.36 3.78 -23.98
C GLU D 224 12.94 4.14 -24.30
N VAL D 225 11.96 3.69 -23.52
CA VAL D 225 10.60 3.94 -23.94
C VAL D 225 10.19 5.40 -23.82
N GLN D 226 10.81 6.14 -22.90
CA GLN D 226 10.53 7.56 -22.72
C GLN D 226 11.60 8.43 -23.37
N THR D 227 12.78 7.83 -23.54
CA THR D 227 13.99 8.53 -23.83
C THR D 227 14.25 8.43 -25.33
N GLY D 228 13.47 7.55 -25.97
CA GLY D 228 13.64 7.19 -27.36
C GLY D 228 12.94 8.02 -28.42
N VAL D 229 13.24 7.63 -29.68
CA VAL D 229 12.62 8.16 -30.87
C VAL D 229 12.69 9.66 -30.88
N GLY D 230 13.92 10.14 -30.86
CA GLY D 230 14.17 11.55 -30.99
C GLY D 230 13.89 12.46 -29.80
N ARG D 231 13.79 11.92 -28.56
CA ARG D 231 13.43 12.74 -27.37
C ARG D 231 14.58 13.64 -26.93
N THR D 232 15.80 13.08 -26.95
CA THR D 232 16.94 13.78 -26.49
C THR D 232 17.60 14.56 -27.61
N GLY D 233 16.91 14.77 -28.74
CA GLY D 233 17.56 15.36 -29.90
C GLY D 233 18.49 14.48 -30.75
N GLU D 234 18.93 13.31 -30.25
CA GLU D 234 19.41 12.20 -31.12
C GLU D 234 18.25 11.19 -31.30
N LEU D 235 18.44 10.15 -32.14
CA LEU D 235 17.34 9.21 -32.37
C LEU D 235 17.07 8.39 -31.09
N TYR D 236 18.13 8.05 -30.39
CA TYR D 236 18.00 7.39 -29.11
C TYR D 236 19.02 7.96 -28.14
N ALA D 237 18.71 7.89 -26.85
CA ALA D 237 19.59 8.47 -25.87
C ALA D 237 20.99 7.83 -25.91
N TYR D 238 21.09 6.54 -26.29
CA TYR D 238 22.36 5.83 -26.30
C TYR D 238 23.27 6.45 -27.32
N MET D 239 22.68 7.09 -28.34
CA MET D 239 23.46 7.79 -29.40
C MET D 239 24.15 9.00 -28.83
N HIS D 240 23.42 9.72 -28.00
CA HIS D 240 23.96 10.81 -27.24
C HIS D 240 25.12 10.41 -26.34
N TYR D 241 24.99 9.37 -25.52
CA TYR D 241 26.05 9.00 -24.58
C TYR D 241 27.24 8.29 -25.25
N GLY D 242 27.11 7.98 -26.54
CA GLY D 242 28.05 7.07 -27.20
C GLY D 242 28.31 5.76 -26.43
N VAL D 243 27.28 5.20 -25.78
CA VAL D 243 27.36 3.85 -25.16
C VAL D 243 26.32 2.90 -25.79
N THR D 244 26.79 1.71 -26.20
CA THR D 244 25.96 0.76 -26.93
C THR D 244 25.47 -0.39 -26.07
N PRO D 245 24.15 -0.50 -25.90
CA PRO D 245 23.63 -1.60 -25.07
C PRO D 245 23.57 -2.88 -25.90
N ASP D 246 23.42 -4.02 -25.23
CA ASP D 246 23.14 -5.25 -25.97
C ASP D 246 21.67 -5.35 -26.42
N LEU D 247 20.75 -4.62 -25.77
CA LEU D 247 19.31 -4.64 -26.13
C LEU D 247 18.67 -3.32 -25.79
N LEU D 248 17.70 -2.89 -26.58
CA LEU D 248 17.09 -1.63 -26.29
C LEU D 248 15.62 -1.76 -26.45
N THR D 249 14.85 -1.04 -25.67
CA THR D 249 13.41 -1.24 -25.70
C THR D 249 12.83 0.07 -26.04
N THR D 250 11.85 0.10 -26.91
CA THR D 250 11.35 1.41 -27.33
C THR D 250 9.83 1.30 -27.39
N ALA D 251 9.13 2.39 -27.10
CA ALA D 251 7.69 2.43 -27.32
C ALA D 251 7.25 3.86 -27.30
N LYS D 252 6.17 4.16 -26.58
CA LYS D 252 5.69 5.56 -26.52
C LYS D 252 5.74 6.18 -27.89
N ALA D 253 6.68 7.10 -28.11
CA ALA D 253 6.81 7.86 -29.37
C ALA D 253 6.88 7.02 -30.68
N LEU D 254 7.44 5.81 -30.63
CA LEU D 254 7.52 4.96 -31.80
C LEU D 254 6.27 5.03 -32.68
N GLY D 255 5.10 5.09 -32.07
CA GLY D 255 3.90 5.05 -32.84
C GLY D 255 3.17 6.37 -32.82
N GLY D 256 3.83 7.41 -32.32
CA GLY D 256 3.18 8.74 -32.26
C GLY D 256 1.70 8.78 -31.89
N GLY D 257 1.29 7.93 -30.93
CA GLY D 257 -0.12 7.76 -30.53
C GLY D 257 -0.69 6.33 -30.69
N PHE D 258 -0.18 5.58 -31.68
CA PHE D 258 -0.62 4.21 -31.90
C PHE D 258 0.09 3.29 -30.95
N PRO D 259 -0.65 2.37 -30.32
CA PRO D 259 -0.01 1.54 -29.33
C PRO D 259 0.96 0.62 -30.01
N VAL D 260 2.26 0.72 -29.73
CA VAL D 260 3.28 -0.12 -30.38
C VAL D 260 4.52 -0.06 -29.51
N GLY D 261 5.37 -1.09 -29.54
CA GLY D 261 6.60 -1.07 -28.76
C GLY D 261 7.51 -2.07 -29.39
N ALA D 262 8.78 -2.12 -29.02
CA ALA D 262 9.72 -2.95 -29.79
C ALA D 262 10.92 -3.29 -28.97
N LEU D 263 11.49 -4.46 -29.20
CA LEU D 263 12.84 -4.73 -28.63
C LEU D 263 13.80 -4.79 -29.78
N LEU D 264 14.87 -3.99 -29.70
CA LEU D 264 15.98 -3.95 -30.64
C LEU D 264 17.12 -4.80 -30.09
N ALA D 265 17.58 -5.79 -30.83
CA ALA D 265 18.66 -6.67 -30.32
C ALA D 265 19.85 -6.86 -31.30
N THR D 266 20.92 -7.48 -30.83
CA THR D 266 22.04 -7.83 -31.73
C THR D 266 21.93 -9.28 -32.19
N GLU D 267 22.29 -9.54 -33.45
CA GLU D 267 22.29 -10.89 -34.03
C GLU D 267 22.56 -11.97 -33.00
N GLU D 268 23.67 -11.82 -32.26
CA GLU D 268 24.07 -12.75 -31.16
CA GLU D 268 24.06 -12.78 -31.22
C GLU D 268 22.92 -13.03 -30.19
N CYS D 269 22.31 -11.94 -29.72
CA CYS D 269 21.27 -12.00 -28.70
C CYS D 269 19.93 -12.59 -29.20
N ALA D 270 19.42 -12.04 -30.30
CA ALA D 270 18.26 -12.55 -31.03
C ALA D 270 18.28 -14.05 -31.26
N ARG D 271 19.46 -14.57 -31.70
CA ARG D 271 19.72 -16.01 -31.96
CA ARG D 271 19.63 -15.98 -32.02
C ARG D 271 19.04 -16.90 -30.96
N VAL D 272 19.12 -16.49 -29.69
CA VAL D 272 18.64 -17.30 -28.55
C VAL D 272 17.10 -17.51 -28.40
N MET D 273 16.32 -16.53 -28.90
CA MET D 273 14.87 -16.58 -28.93
C MET D 273 14.38 -17.29 -30.16
N THR D 274 14.32 -18.60 -30.04
CA THR D 274 13.91 -19.52 -31.10
C THR D 274 12.34 -19.64 -31.15
N VAL D 275 11.84 -20.39 -32.12
CA VAL D 275 10.42 -20.44 -32.41
C VAL D 275 9.57 -20.83 -31.21
N GLY D 276 8.54 -20.02 -30.95
CA GLY D 276 7.61 -20.27 -29.85
C GLY D 276 8.16 -20.00 -28.45
N THR D 277 9.34 -19.36 -28.32
CA THR D 277 9.84 -18.99 -26.97
C THR D 277 9.25 -17.66 -26.45
N HIS D 278 8.71 -16.83 -27.35
CA HIS D 278 7.97 -15.63 -26.95
C HIS D 278 6.83 -15.42 -27.92
N GLY D 279 6.05 -14.35 -27.79
CA GLY D 279 4.96 -14.17 -28.72
C GLY D 279 4.07 -13.06 -28.23
N THR D 280 3.19 -12.64 -29.11
CA THR D 280 2.14 -11.69 -28.84
C THR D 280 1.17 -11.74 -30.02
N THR D 281 -0.13 -11.65 -29.74
CA THR D 281 -1.16 -11.66 -30.74
C THR D 281 -1.10 -10.42 -31.64
N TYR D 282 -1.00 -9.22 -31.04
CA TYR D 282 -1.17 -8.01 -31.77
C TYR D 282 0.14 -7.39 -32.30
N GLY D 283 1.27 -7.87 -31.79
CA GLY D 283 2.52 -7.19 -31.98
C GLY D 283 2.97 -7.36 -33.41
N GLY D 284 3.43 -6.27 -34.04
CA GLY D 284 3.92 -6.34 -35.40
C GLY D 284 2.75 -6.29 -36.36
N ASN D 285 1.58 -5.80 -35.93
CA ASN D 285 0.47 -5.82 -36.81
C ASN D 285 0.77 -4.80 -37.88
N PRO D 286 0.18 -4.96 -39.10
CA PRO D 286 0.46 -3.96 -40.12
C PRO D 286 -0.06 -2.58 -39.81
N LEU D 287 -1.13 -2.42 -39.05
CA LEU D 287 -1.68 -1.03 -38.84
C LEU D 287 -0.66 -0.19 -37.98
N ALA D 288 -0.17 -0.83 -36.92
CA ALA D 288 0.78 -0.20 -36.02
C ALA D 288 2.09 0.07 -36.75
N SER D 289 2.48 -0.88 -37.57
CA SER D 289 3.73 -0.77 -38.25
C SER D 289 3.73 0.26 -39.35
N ALA D 290 2.58 0.53 -39.95
CA ALA D 290 2.51 1.52 -41.01
C ALA D 290 2.68 2.89 -40.34
N VAL D 291 2.11 3.06 -39.14
CA VAL D 291 2.23 4.34 -38.42
C VAL D 291 3.63 4.57 -37.85
N ALA D 292 4.21 3.55 -37.21
CA ALA D 292 5.60 3.66 -36.74
C ALA D 292 6.56 3.97 -37.86
N GLY D 293 6.39 3.31 -39.00
CA GLY D 293 7.16 3.64 -40.20
C GLY D 293 7.12 5.10 -40.61
N LYS D 294 5.95 5.72 -40.59
CA LYS D 294 5.83 7.13 -40.88
C LYS D 294 6.48 8.08 -39.81
N VAL D 295 6.25 7.78 -38.53
CA VAL D 295 6.89 8.42 -37.44
C VAL D 295 8.37 8.45 -37.65
N LEU D 296 9.06 7.31 -37.72
CA LEU D 296 10.48 7.36 -37.94
C LEU D 296 10.85 8.19 -39.17
N GLU D 297 10.11 8.00 -40.27
CA GLU D 297 10.46 8.69 -41.50
C GLU D 297 10.50 10.22 -41.24
N LEU D 298 9.41 10.75 -40.65
CA LEU D 298 9.29 12.12 -40.24
C LEU D 298 10.18 12.61 -39.04
N ILE D 299 10.71 11.74 -38.18
CA ILE D 299 11.40 12.13 -36.94
C ILE D 299 12.90 12.02 -37.17
N ASN D 300 13.34 10.90 -37.75
CA ASN D 300 14.76 10.62 -37.96
C ASN D 300 15.36 11.38 -39.15
N THR D 301 15.33 12.70 -39.06
CA THR D 301 15.88 13.60 -40.06
C THR D 301 16.64 14.66 -39.29
N PRO D 302 17.82 15.06 -39.80
CA PRO D 302 18.56 16.19 -39.25
C PRO D 302 17.73 17.45 -38.95
N GLU D 303 16.79 17.84 -39.82
CA GLU D 303 16.09 19.07 -39.51
CA GLU D 303 15.96 19.06 -39.59
C GLU D 303 15.15 18.93 -38.30
N MET D 304 14.52 17.76 -38.12
CA MET D 304 13.71 17.52 -36.90
C MET D 304 14.56 17.29 -35.61
N LEU D 305 15.59 16.46 -35.72
CA LEU D 305 16.44 16.15 -34.59
C LEU D 305 17.22 17.36 -34.07
N ASN D 306 17.64 18.24 -34.99
CA ASN D 306 18.30 19.47 -34.55
C ASN D 306 17.27 20.47 -34.10
N GLY D 307 16.15 20.50 -34.79
CA GLY D 307 15.06 21.37 -34.40
C GLY D 307 14.52 21.02 -33.02
N VAL D 308 14.95 19.88 -32.46
CA VAL D 308 14.61 19.46 -31.08
C VAL D 308 15.56 20.15 -30.10
N LYS D 309 16.87 19.98 -30.32
CA LYS D 309 17.92 20.78 -29.70
C LYS D 309 17.58 22.26 -29.67
N GLN D 310 17.12 22.80 -30.77
CA GLN D 310 16.69 24.21 -30.82
C GLN D 310 15.55 24.42 -29.81
N ARG D 311 14.62 23.48 -29.76
CA ARG D 311 13.49 23.63 -28.85
C ARG D 311 13.83 23.49 -27.34
N HIS D 312 14.85 22.69 -27.00
CA HIS D 312 15.35 22.51 -25.69
C HIS D 312 15.75 23.86 -25.14
N ASP D 313 16.58 24.58 -25.91
CA ASP D 313 17.00 25.98 -25.62
C ASP D 313 15.78 26.94 -25.47
N TRP D 314 14.79 26.84 -26.32
CA TRP D 314 13.63 27.70 -26.11
C TRP D 314 12.91 27.43 -24.81
N PHE D 315 12.98 26.20 -24.29
CA PHE D 315 12.17 25.84 -23.12
C PHE D 315 12.98 26.30 -21.93
N VAL D 316 14.17 25.74 -21.81
CA VAL D 316 15.13 26.06 -20.78
C VAL D 316 15.32 27.57 -20.55
N GLU D 317 15.55 28.33 -21.62
CA GLU D 317 15.69 29.79 -21.53
C GLU D 317 14.41 30.45 -21.02
N ARG D 318 13.23 30.05 -21.45
CA ARG D 318 12.04 30.80 -20.98
C ARG D 318 11.66 30.37 -19.56
N LEU D 319 12.05 29.17 -19.17
CA LEU D 319 11.75 28.67 -17.84
C LEU D 319 12.65 29.37 -16.82
N ASN D 320 13.97 29.43 -17.08
CA ASN D 320 14.87 30.23 -16.21
C ASN D 320 14.36 31.66 -16.02
N THR D 321 14.13 32.36 -17.11
CA THR D 321 13.47 33.65 -17.03
C THR D 321 12.29 33.54 -16.09
N ILE D 322 11.43 32.53 -16.22
CA ILE D 322 10.30 32.40 -15.28
C ILE D 322 10.66 32.18 -13.78
N ASN D 323 11.67 31.35 -13.54
CA ASN D 323 12.12 31.06 -12.24
C ASN D 323 12.72 32.31 -11.55
N HIS D 324 13.48 33.15 -12.29
CA HIS D 324 14.03 34.44 -11.75
CA HIS D 324 14.02 34.38 -11.70
C HIS D 324 12.85 35.25 -11.30
N ARG D 325 11.81 35.34 -12.12
CA ARG D 325 10.67 36.11 -11.74
C ARG D 325 9.92 35.48 -10.54
N TYR D 326 9.85 34.16 -10.43
CA TYR D 326 8.95 33.56 -9.42
C TYR D 326 9.62 32.71 -8.34
N GLY D 327 10.86 32.29 -8.58
CA GLY D 327 11.68 31.61 -7.55
C GLY D 327 11.05 30.34 -7.00
N LEU D 328 10.62 29.45 -7.94
CA LEU D 328 10.03 28.14 -7.70
C LEU D 328 11.00 26.96 -7.77
N PHE D 329 12.13 27.09 -8.46
CA PHE D 329 12.86 25.88 -8.77
C PHE D 329 14.31 25.97 -8.41
N SER D 330 14.93 24.84 -8.08
CA SER D 330 16.36 24.88 -7.86
C SER D 330 17.11 24.72 -9.14
N GLU D 331 16.44 24.18 -10.17
CA GLU D 331 17.12 23.81 -11.40
C GLU D 331 16.18 23.25 -12.46
N VAL D 332 16.51 23.52 -13.72
CA VAL D 332 15.89 22.94 -14.92
C VAL D 332 16.89 21.93 -15.51
N ARG D 333 16.51 20.65 -15.58
CA ARG D 333 17.40 19.61 -16.10
C ARG D 333 16.71 18.70 -17.18
N GLY D 334 17.48 17.77 -17.73
CA GLY D 334 16.99 16.89 -18.78
C GLY D 334 17.69 17.17 -20.09
N LEU D 335 17.19 16.57 -21.18
CA LEU D 335 17.85 16.57 -22.51
C LEU D 335 16.79 16.78 -23.57
N GLY D 336 17.10 17.58 -24.57
CA GLY D 336 16.17 17.82 -25.65
C GLY D 336 14.83 18.14 -25.08
N LEU D 337 13.81 17.41 -25.53
CA LEU D 337 12.45 17.75 -25.12
C LEU D 337 11.86 16.87 -24.01
N LEU D 338 12.75 16.29 -23.18
CA LEU D 338 12.38 15.74 -21.84
C LEU D 338 12.96 16.64 -20.74
N ILE D 339 12.15 17.56 -20.25
CA ILE D 339 12.66 18.61 -19.39
C ILE D 339 11.99 18.50 -18.02
N GLY D 340 12.84 18.50 -16.97
CA GLY D 340 12.41 18.56 -15.57
C GLY D 340 12.83 19.83 -14.82
N CYS D 341 11.83 20.58 -14.33
CA CYS D 341 11.99 21.68 -13.39
C CYS D 341 11.93 21.21 -11.90
N VAL D 342 13.07 21.00 -11.27
CA VAL D 342 13.04 20.51 -9.90
C VAL D 342 12.64 21.63 -8.91
N LEU D 343 11.65 21.37 -8.07
CA LEU D 343 11.15 22.36 -7.08
C LEU D 343 12.15 22.67 -5.91
N ASN D 344 12.16 23.91 -5.40
CA ASN D 344 13.10 24.31 -4.32
C ASN D 344 12.57 23.86 -2.94
N ALA D 345 13.40 24.00 -1.90
CA ALA D 345 13.06 23.50 -0.56
C ALA D 345 11.72 24.05 -0.12
N ASP D 346 11.55 25.36 -0.30
CA ASP D 346 10.29 26.11 -0.02
C ASP D 346 9.00 25.45 -0.60
N TYR D 347 9.07 24.81 -1.76
CA TYR D 347 7.87 24.32 -2.41
C TYR D 347 7.87 22.81 -2.67
N ALA D 348 8.99 22.17 -2.37
CA ALA D 348 9.16 20.71 -2.56
C ALA D 348 7.92 19.84 -2.23
N GLY D 349 7.66 18.84 -3.07
CA GLY D 349 6.44 18.04 -2.96
C GLY D 349 5.19 18.67 -3.56
N GLN D 350 5.28 19.85 -4.16
CA GLN D 350 4.06 20.47 -4.69
C GLN D 350 3.90 20.48 -6.24
N ALA D 351 4.58 19.53 -6.88
CA ALA D 351 4.56 19.47 -8.33
C ALA D 351 3.13 19.41 -8.88
N LYS D 352 2.29 18.56 -8.29
CA LYS D 352 0.96 18.34 -8.78
C LYS D 352 0.12 19.61 -8.75
N GLN D 353 0.27 20.39 -7.69
CA GLN D 353 -0.51 21.58 -7.45
C GLN D 353 -0.13 22.59 -8.49
N ILE D 354 1.16 22.63 -8.85
CA ILE D 354 1.65 23.51 -9.94
C ILE D 354 1.04 23.09 -11.30
N SER D 355 1.20 21.80 -11.59
CA SER D 355 0.56 21.08 -12.68
C SER D 355 -0.91 21.42 -12.85
N GLN D 356 -1.61 21.38 -11.73
CA GLN D 356 -3.04 21.63 -11.68
C GLN D 356 -3.40 23.06 -11.91
N GLU D 357 -2.44 23.97 -11.68
CA GLU D 357 -2.67 25.42 -11.83
C GLU D 357 -2.42 25.70 -13.31
N ALA D 358 -1.34 25.09 -13.83
CA ALA D 358 -1.08 25.12 -15.26
C ALA D 358 -2.38 24.79 -16.01
N ALA D 359 -3.04 23.68 -15.69
CA ALA D 359 -4.21 23.31 -16.47
C ALA D 359 -5.28 24.38 -16.35
N LYS D 360 -5.37 25.07 -15.22
CA LYS D 360 -6.44 26.06 -15.05
C LYS D 360 -6.17 27.20 -15.96
N ALA D 361 -4.89 27.44 -16.23
CA ALA D 361 -4.43 28.53 -17.12
C ALA D 361 -4.25 28.12 -18.61
N GLY D 362 -4.69 26.91 -18.96
CA GLY D 362 -4.63 26.39 -20.32
C GLY D 362 -3.31 25.77 -20.72
N VAL D 363 -2.53 25.26 -19.79
CA VAL D 363 -1.36 24.50 -20.22
C VAL D 363 -1.19 23.15 -19.45
N MET D 364 -1.02 22.09 -20.22
CA MET D 364 -0.90 20.76 -19.70
C MET D 364 0.57 20.55 -19.48
N VAL D 365 0.95 20.25 -18.23
CA VAL D 365 2.32 19.83 -17.95
C VAL D 365 2.21 18.53 -17.17
N LEU D 366 3.29 17.76 -17.12
CA LEU D 366 3.37 16.54 -16.27
C LEU D 366 4.03 16.83 -14.92
N ILE D 367 4.04 15.82 -14.04
CA ILE D 367 4.94 15.80 -12.91
C ILE D 367 5.84 14.58 -13.08
N ALA D 368 6.84 14.42 -12.22
CA ALA D 368 7.74 13.28 -12.29
C ALA D 368 8.25 13.06 -10.85
N GLY D 369 7.36 12.55 -10.00
CA GLY D 369 7.50 12.67 -8.55
C GLY D 369 6.82 13.99 -8.17
N GLY D 370 6.39 14.06 -6.92
CA GLY D 370 5.88 15.31 -6.34
C GLY D 370 6.88 16.47 -6.29
N ASN D 371 8.17 16.17 -6.53
CA ASN D 371 9.12 17.23 -6.58
C ASN D 371 9.48 17.91 -7.91
N VAL D 372 9.03 17.39 -9.04
CA VAL D 372 9.50 17.90 -10.33
C VAL D 372 8.37 18.14 -11.28
N VAL D 373 8.28 19.32 -11.84
CA VAL D 373 7.36 19.38 -12.97
C VAL D 373 8.03 19.08 -14.31
N ARG D 374 7.32 18.30 -15.14
CA ARG D 374 7.88 17.64 -16.33
C ARG D 374 7.19 18.14 -17.57
N PHE D 375 8.02 18.41 -18.58
CA PHE D 375 7.62 18.89 -19.93
C PHE D 375 8.09 17.85 -20.91
N ALA D 376 7.18 17.44 -21.78
CA ALA D 376 7.52 16.45 -22.83
C ALA D 376 6.77 16.74 -24.15
N PRO D 377 6.85 17.97 -24.64
CA PRO D 377 5.99 18.36 -25.76
C PRO D 377 6.29 17.60 -27.05
N ALA D 378 5.36 17.62 -27.99
CA ALA D 378 5.64 17.21 -29.40
C ALA D 378 7.03 17.63 -29.87
N LEU D 379 7.81 16.74 -30.45
CA LEU D 379 9.07 17.17 -31.08
C LEU D 379 8.93 18.31 -32.15
N ASN D 380 7.73 18.50 -32.69
CA ASN D 380 7.53 19.50 -33.71
C ASN D 380 6.63 20.63 -33.26
N VAL D 381 6.64 20.95 -31.95
CA VAL D 381 5.89 22.11 -31.39
C VAL D 381 6.43 23.34 -32.10
N SER D 382 5.53 24.25 -32.46
CA SER D 382 5.94 25.51 -33.07
C SER D 382 6.37 26.49 -31.98
N GLU D 383 7.24 27.40 -32.38
CA GLU D 383 7.59 28.56 -31.58
C GLU D 383 6.36 29.25 -31.05
N GLU D 384 5.39 29.61 -31.89
CA GLU D 384 4.22 30.26 -31.34
C GLU D 384 3.59 29.37 -30.21
N GLU D 385 3.62 28.03 -30.36
CA GLU D 385 2.97 27.16 -29.35
C GLU D 385 3.81 27.08 -28.05
N VAL D 386 5.12 26.91 -28.17
CA VAL D 386 6.00 26.99 -27.01
C VAL D 386 5.85 28.29 -26.22
N THR D 387 5.82 29.41 -26.92
CA THR D 387 5.69 30.73 -26.31
C THR D 387 4.30 30.98 -25.73
N THR D 388 3.23 30.70 -26.46
CA THR D 388 1.89 30.85 -25.89
C THR D 388 1.72 29.94 -24.65
N GLY D 389 2.44 28.82 -24.63
CA GLY D 389 2.26 27.81 -23.61
C GLY D 389 2.95 28.23 -22.34
N LEU D 390 4.24 28.55 -22.49
CA LEU D 390 5.08 29.14 -21.45
C LEU D 390 4.52 30.45 -20.89
N ASP D 391 3.79 31.20 -21.72
CA ASP D 391 3.01 32.34 -21.20
C ASP D 391 2.02 31.91 -20.15
N ARG D 392 1.25 30.85 -20.45
CA ARG D 392 0.21 30.42 -19.56
C ARG D 392 0.81 29.71 -18.32
N PHE D 393 1.98 29.10 -18.50
CA PHE D 393 2.66 28.45 -17.43
C PHE D 393 3.07 29.57 -16.48
N ALA D 394 3.80 30.53 -16.99
CA ALA D 394 4.10 31.74 -16.25
C ALA D 394 2.88 32.32 -15.54
N ALA D 395 1.71 32.40 -16.18
CA ALA D 395 0.54 32.93 -15.45
C ALA D 395 0.17 32.05 -14.24
N ALA D 396 0.13 30.74 -14.47
CA ALA D 396 -0.07 29.74 -13.43
C ALA D 396 0.98 29.81 -12.31
N CYS D 397 2.26 30.00 -12.65
CA CYS D 397 3.24 30.27 -11.62
C CYS D 397 2.94 31.54 -10.77
N GLU D 398 2.47 32.62 -11.42
CA GLU D 398 2.02 33.84 -10.73
C GLU D 398 0.88 33.53 -9.75
N HIS D 399 -0.23 32.91 -10.19
CA HIS D 399 -1.33 32.52 -9.26
CA HIS D 399 -1.35 32.46 -9.33
C HIS D 399 -0.90 31.57 -8.16
N PHE D 400 0.04 30.66 -8.43
CA PHE D 400 0.49 29.66 -7.47
C PHE D 400 1.04 30.33 -6.25
N VAL D 401 2.19 30.97 -6.42
CA VAL D 401 2.79 31.88 -5.44
C VAL D 401 1.75 32.84 -4.77
N SER D 402 1.45 32.60 -3.47
CA SER D 402 0.32 33.23 -2.73
C SER D 402 0.24 32.79 -1.25
#